data_5PBB
# 
_entry.id   5PBB 
# 
_audit_conform.dict_name       mmcif_pdbx.dic 
_audit_conform.dict_version    5.387 
_audit_conform.dict_location   http://mmcif.pdb.org/dictionaries/ascii/mmcif_pdbx.dic 
# 
loop_
_database_2.database_id 
_database_2.database_code 
_database_2.pdbx_database_accession 
_database_2.pdbx_DOI 
PDB   5PBB         pdb_00005pbb 10.2210/pdb5pbb/pdb 
WWPDB D_1001400447 ?            ?                   
# 
loop_
_pdbx_audit_revision_history.ordinal 
_pdbx_audit_revision_history.data_content_type 
_pdbx_audit_revision_history.major_revision 
_pdbx_audit_revision_history.minor_revision 
_pdbx_audit_revision_history.revision_date 
1 'Structure model' 1 0 2017-03-15 
2 'Structure model' 1 1 2017-09-27 
3 'Structure model' 1 2 2017-10-04 
4 'Structure model' 1 3 2024-03-06 
# 
_pdbx_audit_revision_details.ordinal             1 
_pdbx_audit_revision_details.revision_ordinal    1 
_pdbx_audit_revision_details.data_content_type   'Structure model' 
_pdbx_audit_revision_details.provider            repository 
_pdbx_audit_revision_details.type                'Initial release' 
_pdbx_audit_revision_details.description         ? 
_pdbx_audit_revision_details.details             ? 
# 
loop_
_pdbx_audit_revision_group.ordinal 
_pdbx_audit_revision_group.revision_ordinal 
_pdbx_audit_revision_group.data_content_type 
_pdbx_audit_revision_group.group 
1 2 'Structure model' 'Data collection'     
2 2 'Structure model' 'Database references' 
3 2 'Structure model' 'Structure summary'   
4 3 'Structure model' 'Structure summary'   
5 4 'Structure model' 'Data collection'     
6 4 'Structure model' 'Database references' 
# 
loop_
_pdbx_audit_revision_category.ordinal 
_pdbx_audit_revision_category.revision_ordinal 
_pdbx_audit_revision_category.data_content_type 
_pdbx_audit_revision_category.category 
1 2 'Structure model' citation           
2 2 'Structure model' citation_author    
3 2 'Structure model' diffrn_source      
4 2 'Structure model' pdbx_deposit_group 
5 3 'Structure model' pdbx_deposit_group 
6 4 'Structure model' chem_comp_atom     
7 4 'Structure model' chem_comp_bond     
8 4 'Structure model' database_2         
# 
loop_
_pdbx_audit_revision_item.ordinal 
_pdbx_audit_revision_item.revision_ordinal 
_pdbx_audit_revision_item.data_content_type 
_pdbx_audit_revision_item.item 
1  2 'Structure model' '_citation.journal_volume'             
2  2 'Structure model' '_citation.page_first'                 
3  2 'Structure model' '_citation.page_last'                  
4  2 'Structure model' '_citation.pdbx_database_id_DOI'       
5  2 'Structure model' '_citation.pdbx_database_id_PubMed'    
6  2 'Structure model' '_citation.title'                      
7  2 'Structure model' '_citation_author.name'                
8  2 'Structure model' '_diffrn_source.pdbx_synchrotron_site' 
9  2 'Structure model' '_pdbx_deposit_group.group_id'         
10 2 'Structure model' '_pdbx_deposit_group.group_title'      
11 2 'Structure model' '_pdbx_deposit_group.group_type'       
12 3 'Structure model' '_pdbx_deposit_group.group_title'      
13 4 'Structure model' '_database_2.pdbx_DOI'                 
14 4 'Structure model' '_database_2.pdbx_database_accession'  
# 
_pdbx_database_status.entry_id                        5PBB 
_pdbx_database_status.status_code                     REL 
_pdbx_database_status.recvd_initial_deposition_date   2017-02-03 
_pdbx_database_status.deposit_site                    RCSB 
_pdbx_database_status.process_site                    RCSB 
_pdbx_database_status.SG_entry                        ? 
_pdbx_database_status.pdb_format_compatible           Y 
_pdbx_database_status.status_code_sf                  REL 
_pdbx_database_status.status_code_mr                  ? 
_pdbx_database_status.status_code_cs                  ? 
_pdbx_database_status.methods_development_category    ? 
_pdbx_database_status.status_code_nmr_data            ? 
# 
loop_
_audit_author.name 
_audit_author.pdbx_ordinal 
'Pearce, N.M.'     1  
'Krojer, T.'       2  
'Talon, R.'        3  
'Bradley, A.R.'    4  
'Fairhead, M.'     5  
'Sethi, R.'        6  
'Wright, N.'       7  
'MacLean, E.'      8  
'Collins, P.'      9  
'Brandao-Neto, J.' 10 
'Douangamath, A.'  11 
'Renjie, Z.'       12 
'Dias, A.'         13 
'Vollmar, M.'      14 
'Ng, J.'           15 
'Brennan, P.E.'    16 
'Cox, O.'          17 
'Bountra, C.'      18 
'Arrowsmith, C.H.' 19 
'Edwards, A.'      20 
'von Delft, F.'    21 
# 
_citation.id                        primary 
_citation.title                     
'A multi-crystal method for extracting obscured crystallographic states from conventionally uninterpretable electron density.' 
_citation.journal_abbrev            'Nat Commun' 
_citation.journal_volume            8 
_citation.page_first                15123 
_citation.page_last                 15123 
_citation.year                      2017 
_citation.journal_id_ASTM           ? 
_citation.country                   UK 
_citation.journal_id_ISSN           2041-1723 
_citation.journal_id_CSD            ? 
_citation.book_publisher            ? 
_citation.pdbx_database_id_PubMed   28436492 
_citation.pdbx_database_id_DOI      10.1038/ncomms15123 
# 
loop_
_citation_author.citation_id 
_citation_author.name 
_citation_author.ordinal 
_citation_author.identifier_ORCID 
primary 'Pearce, N.M.'  1  ? 
primary 'Krojer, T.'    2  ? 
primary 'Bradley, A.R.' 3  ? 
primary 'Collins, P.'   4  ? 
primary 'Nowak, R.P.'   5  ? 
primary 'Talon, R.'     6  ? 
primary 'Marsden, B.D.' 7  ? 
primary 'Kelm, S.'      8  ? 
primary 'Shi, J.'       9  ? 
primary 'Deane, C.M.'   10 ? 
primary 'von Delft, F.' 11 ? 
# 
loop_
_entity.id 
_entity.type 
_entity.src_method 
_entity.pdbx_description 
_entity.formula_weight 
_entity.pdbx_number_of_molecules 
_entity.pdbx_ec 
_entity.pdbx_mutation 
_entity.pdbx_fragment 
_entity.details 
1 polymer     man 'Bromodomain adjacent to zinc finger domain protein 2B' 16090.326 1   ? ? ? ? 
2 non-polymer syn 1,2-ETHANEDIOL                                          62.068    3   ? ? ? ? 
3 non-polymer syn quinolin-4-ol                                           145.158   1   ? ? ? ? 
4 water       nat water                                                   18.015    202 ? ? ? ? 
# 
_entity_name_com.entity_id   1 
_entity_name_com.name        hWALp4 
# 
_entity_poly.entity_id                      1 
_entity_poly.type                           'polypeptide(L)' 
_entity_poly.nstd_linkage                   no 
_entity_poly.nstd_monomer                   no 
_entity_poly.pdbx_seq_one_letter_code       
;MHHHHHHSSGVDLGTENLYFQSMSVKKPKRDDSKDLALCSMILTEMETHEDAWPFLLPVNLKLVPGYKKVIKKPMDFSTI
REKLSSGQYPNLETFALDVRLVFDNCETFNEDDSDIGRAGHNMRKYFEKKWTDTFKVS
;
_entity_poly.pdbx_seq_one_letter_code_can   
;MHHHHHHSSGVDLGTENLYFQSMSVKKPKRDDSKDLALCSMILTEMETHEDAWPFLLPVNLKLVPGYKKVIKKPMDFSTI
REKLSSGQYPNLETFALDVRLVFDNCETFNEDDSDIGRAGHNMRKYFEKKWTDTFKVS
;
_entity_poly.pdbx_strand_id                 A 
_entity_poly.pdbx_target_identifier         ? 
# 
loop_
_pdbx_entity_nonpoly.entity_id 
_pdbx_entity_nonpoly.name 
_pdbx_entity_nonpoly.comp_id 
2 1,2-ETHANEDIOL EDO 
3 quinolin-4-ol  ES1 
4 water          HOH 
# 
loop_
_entity_poly_seq.entity_id 
_entity_poly_seq.num 
_entity_poly_seq.mon_id 
_entity_poly_seq.hetero 
1 1   MET n 
1 2   HIS n 
1 3   HIS n 
1 4   HIS n 
1 5   HIS n 
1 6   HIS n 
1 7   HIS n 
1 8   SER n 
1 9   SER n 
1 10  GLY n 
1 11  VAL n 
1 12  ASP n 
1 13  LEU n 
1 14  GLY n 
1 15  THR n 
1 16  GLU n 
1 17  ASN n 
1 18  LEU n 
1 19  TYR n 
1 20  PHE n 
1 21  GLN n 
1 22  SER n 
1 23  MET n 
1 24  SER n 
1 25  VAL n 
1 26  LYS n 
1 27  LYS n 
1 28  PRO n 
1 29  LYS n 
1 30  ARG n 
1 31  ASP n 
1 32  ASP n 
1 33  SER n 
1 34  LYS n 
1 35  ASP n 
1 36  LEU n 
1 37  ALA n 
1 38  LEU n 
1 39  CYS n 
1 40  SER n 
1 41  MET n 
1 42  ILE n 
1 43  LEU n 
1 44  THR n 
1 45  GLU n 
1 46  MET n 
1 47  GLU n 
1 48  THR n 
1 49  HIS n 
1 50  GLU n 
1 51  ASP n 
1 52  ALA n 
1 53  TRP n 
1 54  PRO n 
1 55  PHE n 
1 56  LEU n 
1 57  LEU n 
1 58  PRO n 
1 59  VAL n 
1 60  ASN n 
1 61  LEU n 
1 62  LYS n 
1 63  LEU n 
1 64  VAL n 
1 65  PRO n 
1 66  GLY n 
1 67  TYR n 
1 68  LYS n 
1 69  LYS n 
1 70  VAL n 
1 71  ILE n 
1 72  LYS n 
1 73  LYS n 
1 74  PRO n 
1 75  MET n 
1 76  ASP n 
1 77  PHE n 
1 78  SER n 
1 79  THR n 
1 80  ILE n 
1 81  ARG n 
1 82  GLU n 
1 83  LYS n 
1 84  LEU n 
1 85  SER n 
1 86  SER n 
1 87  GLY n 
1 88  GLN n 
1 89  TYR n 
1 90  PRO n 
1 91  ASN n 
1 92  LEU n 
1 93  GLU n 
1 94  THR n 
1 95  PHE n 
1 96  ALA n 
1 97  LEU n 
1 98  ASP n 
1 99  VAL n 
1 100 ARG n 
1 101 LEU n 
1 102 VAL n 
1 103 PHE n 
1 104 ASP n 
1 105 ASN n 
1 106 CYS n 
1 107 GLU n 
1 108 THR n 
1 109 PHE n 
1 110 ASN n 
1 111 GLU n 
1 112 ASP n 
1 113 ASP n 
1 114 SER n 
1 115 ASP n 
1 116 ILE n 
1 117 GLY n 
1 118 ARG n 
1 119 ALA n 
1 120 GLY n 
1 121 HIS n 
1 122 ASN n 
1 123 MET n 
1 124 ARG n 
1 125 LYS n 
1 126 TYR n 
1 127 PHE n 
1 128 GLU n 
1 129 LYS n 
1 130 LYS n 
1 131 TRP n 
1 132 THR n 
1 133 ASP n 
1 134 THR n 
1 135 PHE n 
1 136 LYS n 
1 137 VAL n 
1 138 SER n 
# 
_entity_src_gen.entity_id                          1 
_entity_src_gen.pdbx_src_id                        1 
_entity_src_gen.pdbx_alt_source_flag               sample 
_entity_src_gen.pdbx_seq_type                      'Biological sequence' 
_entity_src_gen.pdbx_beg_seq_num                   1 
_entity_src_gen.pdbx_end_seq_num                   138 
_entity_src_gen.gene_src_common_name               Human 
_entity_src_gen.gene_src_genus                     ? 
_entity_src_gen.pdbx_gene_src_gene                 'BAZ2B, KIAA1476' 
_entity_src_gen.gene_src_species                   ? 
_entity_src_gen.gene_src_strain                    ? 
_entity_src_gen.gene_src_tissue                    ? 
_entity_src_gen.gene_src_tissue_fraction           ? 
_entity_src_gen.gene_src_details                   ? 
_entity_src_gen.pdbx_gene_src_fragment             ? 
_entity_src_gen.pdbx_gene_src_scientific_name      'Homo sapiens' 
_entity_src_gen.pdbx_gene_src_ncbi_taxonomy_id     9606 
_entity_src_gen.pdbx_gene_src_variant              ? 
_entity_src_gen.pdbx_gene_src_cell_line            ? 
_entity_src_gen.pdbx_gene_src_atcc                 ? 
_entity_src_gen.pdbx_gene_src_organ                ? 
_entity_src_gen.pdbx_gene_src_organelle            ? 
_entity_src_gen.pdbx_gene_src_cell                 ? 
_entity_src_gen.pdbx_gene_src_cellular_location    ? 
_entity_src_gen.host_org_common_name               ? 
_entity_src_gen.pdbx_host_org_scientific_name      'escherichia coli' 
_entity_src_gen.pdbx_host_org_ncbi_taxonomy_id     562 
_entity_src_gen.host_org_genus                     ? 
_entity_src_gen.pdbx_host_org_gene                 ? 
_entity_src_gen.pdbx_host_org_organ                ? 
_entity_src_gen.host_org_species                   ? 
_entity_src_gen.pdbx_host_org_tissue               ? 
_entity_src_gen.pdbx_host_org_tissue_fraction      ? 
_entity_src_gen.pdbx_host_org_strain               ? 
_entity_src_gen.pdbx_host_org_variant              ? 
_entity_src_gen.pdbx_host_org_cell_line            ? 
_entity_src_gen.pdbx_host_org_atcc                 ? 
_entity_src_gen.pdbx_host_org_culture_collection   ? 
_entity_src_gen.pdbx_host_org_cell                 ? 
_entity_src_gen.pdbx_host_org_organelle            ? 
_entity_src_gen.pdbx_host_org_cellular_location    ? 
_entity_src_gen.pdbx_host_org_vector_type          ? 
_entity_src_gen.pdbx_host_org_vector               ? 
_entity_src_gen.host_org_details                   ? 
_entity_src_gen.expression_system_id               ? 
_entity_src_gen.plasmid_name                       ? 
_entity_src_gen.plasmid_details                    ? 
_entity_src_gen.pdbx_description                   ? 
# 
loop_
_chem_comp.id 
_chem_comp.type 
_chem_comp.mon_nstd_flag 
_chem_comp.name 
_chem_comp.pdbx_synonyms 
_chem_comp.formula 
_chem_comp.formula_weight 
ALA 'L-peptide linking' y ALANINE         ?                 'C3 H7 N O2'     89.093  
ARG 'L-peptide linking' y ARGININE        ?                 'C6 H15 N4 O2 1' 175.209 
ASN 'L-peptide linking' y ASPARAGINE      ?                 'C4 H8 N2 O3'    132.118 
ASP 'L-peptide linking' y 'ASPARTIC ACID' ?                 'C4 H7 N O4'     133.103 
CYS 'L-peptide linking' y CYSTEINE        ?                 'C3 H7 N O2 S'   121.158 
EDO non-polymer         . 1,2-ETHANEDIOL  'ETHYLENE GLYCOL' 'C2 H6 O2'       62.068  
ES1 non-polymer         . quinolin-4-ol   ?                 'C9 H7 N O'      145.158 
GLN 'L-peptide linking' y GLUTAMINE       ?                 'C5 H10 N2 O3'   146.144 
GLU 'L-peptide linking' y 'GLUTAMIC ACID' ?                 'C5 H9 N O4'     147.129 
GLY 'peptide linking'   y GLYCINE         ?                 'C2 H5 N O2'     75.067  
HIS 'L-peptide linking' y HISTIDINE       ?                 'C6 H10 N3 O2 1' 156.162 
HOH non-polymer         . WATER           ?                 'H2 O'           18.015  
ILE 'L-peptide linking' y ISOLEUCINE      ?                 'C6 H13 N O2'    131.173 
LEU 'L-peptide linking' y LEUCINE         ?                 'C6 H13 N O2'    131.173 
LYS 'L-peptide linking' y LYSINE          ?                 'C6 H15 N2 O2 1' 147.195 
MET 'L-peptide linking' y METHIONINE      ?                 'C5 H11 N O2 S'  149.211 
PHE 'L-peptide linking' y PHENYLALANINE   ?                 'C9 H11 N O2'    165.189 
PRO 'L-peptide linking' y PROLINE         ?                 'C5 H9 N O2'     115.130 
SER 'L-peptide linking' y SERINE          ?                 'C3 H7 N O3'     105.093 
THR 'L-peptide linking' y THREONINE       ?                 'C4 H9 N O3'     119.119 
TRP 'L-peptide linking' y TRYPTOPHAN      ?                 'C11 H12 N2 O2'  204.225 
TYR 'L-peptide linking' y TYROSINE        ?                 'C9 H11 N O3'    181.189 
VAL 'L-peptide linking' y VALINE          ?                 'C5 H11 N O2'    117.146 
# 
loop_
_pdbx_poly_seq_scheme.asym_id 
_pdbx_poly_seq_scheme.entity_id 
_pdbx_poly_seq_scheme.seq_id 
_pdbx_poly_seq_scheme.mon_id 
_pdbx_poly_seq_scheme.ndb_seq_num 
_pdbx_poly_seq_scheme.pdb_seq_num 
_pdbx_poly_seq_scheme.auth_seq_num 
_pdbx_poly_seq_scheme.pdb_mon_id 
_pdbx_poly_seq_scheme.auth_mon_id 
_pdbx_poly_seq_scheme.pdb_strand_id 
_pdbx_poly_seq_scheme.pdb_ins_code 
_pdbx_poly_seq_scheme.hetero 
A 1 1   MET 1   1835 ?    ?   ?   A . n 
A 1 2   HIS 2   1836 ?    ?   ?   A . n 
A 1 3   HIS 3   1837 ?    ?   ?   A . n 
A 1 4   HIS 4   1838 ?    ?   ?   A . n 
A 1 5   HIS 5   1839 ?    ?   ?   A . n 
A 1 6   HIS 6   1840 ?    ?   ?   A . n 
A 1 7   HIS 7   1841 ?    ?   ?   A . n 
A 1 8   SER 8   1842 ?    ?   ?   A . n 
A 1 9   SER 9   1843 ?    ?   ?   A . n 
A 1 10  GLY 10  1844 ?    ?   ?   A . n 
A 1 11  VAL 11  1845 ?    ?   ?   A . n 
A 1 12  ASP 12  1846 ?    ?   ?   A . n 
A 1 13  LEU 13  1847 ?    ?   ?   A . n 
A 1 14  GLY 14  1848 ?    ?   ?   A . n 
A 1 15  THR 15  1849 ?    ?   ?   A . n 
A 1 16  GLU 16  1850 ?    ?   ?   A . n 
A 1 17  ASN 17  1851 ?    ?   ?   A . n 
A 1 18  LEU 18  1852 ?    ?   ?   A . n 
A 1 19  TYR 19  1853 ?    ?   ?   A . n 
A 1 20  PHE 20  1854 ?    ?   ?   A . n 
A 1 21  GLN 21  1855 ?    ?   ?   A . n 
A 1 22  SER 22  1856 1856 SER SER A . n 
A 1 23  MET 23  1857 1857 MET MET A . n 
A 1 24  SER 24  1858 1858 SER SER A . n 
A 1 25  VAL 25  1859 1859 VAL VAL A . n 
A 1 26  LYS 26  1860 1860 LYS LYS A . n 
A 1 27  LYS 27  1861 1861 LYS LYS A . n 
A 1 28  PRO 28  1862 1862 PRO PRO A . n 
A 1 29  LYS 29  1863 1863 LYS LYS A . n 
A 1 30  ARG 30  1864 1864 ARG ARG A . n 
A 1 31  ASP 31  1865 1865 ASP ASP A . n 
A 1 32  ASP 32  1866 1866 ASP ASP A . n 
A 1 33  SER 33  1867 1867 SER SER A . n 
A 1 34  LYS 34  1868 1868 LYS LYS A . n 
A 1 35  ASP 35  1869 1869 ASP ASP A . n 
A 1 36  LEU 36  1870 1870 LEU LEU A . n 
A 1 37  ALA 37  1871 1871 ALA ALA A . n 
A 1 38  LEU 38  1872 1872 LEU LEU A . n 
A 1 39  CYS 39  1873 1873 CYS CYS A . n 
A 1 40  SER 40  1874 1874 SER SER A . n 
A 1 41  MET 41  1875 1875 MET MET A . n 
A 1 42  ILE 42  1876 1876 ILE ILE A . n 
A 1 43  LEU 43  1877 1877 LEU LEU A . n 
A 1 44  THR 44  1878 1878 THR THR A . n 
A 1 45  GLU 45  1879 1879 GLU GLU A . n 
A 1 46  MET 46  1880 1880 MET MET A . n 
A 1 47  GLU 47  1881 1881 GLU GLU A . n 
A 1 48  THR 48  1882 1882 THR THR A . n 
A 1 49  HIS 49  1883 1883 HIS HIS A . n 
A 1 50  GLU 50  1884 1884 GLU GLU A . n 
A 1 51  ASP 51  1885 1885 ASP ASP A . n 
A 1 52  ALA 52  1886 1886 ALA ALA A . n 
A 1 53  TRP 53  1887 1887 TRP TRP A . n 
A 1 54  PRO 54  1888 1888 PRO PRO A . n 
A 1 55  PHE 55  1889 1889 PHE PHE A . n 
A 1 56  LEU 56  1890 1890 LEU LEU A . n 
A 1 57  LEU 57  1891 1891 LEU LEU A . n 
A 1 58  PRO 58  1892 1892 PRO PRO A . n 
A 1 59  VAL 59  1893 1893 VAL VAL A . n 
A 1 60  ASN 60  1894 1894 ASN ASN A . n 
A 1 61  LEU 61  1895 1895 LEU LEU A . n 
A 1 62  LYS 62  1896 1896 LYS LYS A . n 
A 1 63  LEU 63  1897 1897 LEU LEU A . n 
A 1 64  VAL 64  1898 1898 VAL VAL A . n 
A 1 65  PRO 65  1899 1899 PRO PRO A . n 
A 1 66  GLY 66  1900 1900 GLY GLY A . n 
A 1 67  TYR 67  1901 1901 TYR TYR A . n 
A 1 68  LYS 68  1902 1902 LYS LYS A . n 
A 1 69  LYS 69  1903 1903 LYS LYS A . n 
A 1 70  VAL 70  1904 1904 VAL VAL A . n 
A 1 71  ILE 71  1905 1905 ILE ILE A . n 
A 1 72  LYS 72  1906 1906 LYS LYS A . n 
A 1 73  LYS 73  1907 1907 LYS LYS A . n 
A 1 74  PRO 74  1908 1908 PRO PRO A . n 
A 1 75  MET 75  1909 1909 MET MET A . n 
A 1 76  ASP 76  1910 1910 ASP ASP A . n 
A 1 77  PHE 77  1911 1911 PHE PHE A . n 
A 1 78  SER 78  1912 1912 SER SER A . n 
A 1 79  THR 79  1913 1913 THR THR A . n 
A 1 80  ILE 80  1914 1914 ILE ILE A . n 
A 1 81  ARG 81  1915 1915 ARG ARG A . n 
A 1 82  GLU 82  1916 1916 GLU GLU A . n 
A 1 83  LYS 83  1917 1917 LYS LYS A . n 
A 1 84  LEU 84  1918 1918 LEU LEU A . n 
A 1 85  SER 85  1919 1919 SER SER A . n 
A 1 86  SER 86  1920 1920 SER SER A . n 
A 1 87  GLY 87  1921 1921 GLY GLY A . n 
A 1 88  GLN 88  1922 1922 GLN GLN A . n 
A 1 89  TYR 89  1923 1923 TYR TYR A . n 
A 1 90  PRO 90  1924 1924 PRO PRO A . n 
A 1 91  ASN 91  1925 1925 ASN ASN A . n 
A 1 92  LEU 92  1926 1926 LEU LEU A . n 
A 1 93  GLU 93  1927 1927 GLU GLU A . n 
A 1 94  THR 94  1928 1928 THR THR A . n 
A 1 95  PHE 95  1929 1929 PHE PHE A . n 
A 1 96  ALA 96  1930 1930 ALA ALA A . n 
A 1 97  LEU 97  1931 1931 LEU LEU A . n 
A 1 98  ASP 98  1932 1932 ASP ASP A . n 
A 1 99  VAL 99  1933 1933 VAL VAL A . n 
A 1 100 ARG 100 1934 1934 ARG ARG A . n 
A 1 101 LEU 101 1935 1935 LEU LEU A . n 
A 1 102 VAL 102 1936 1936 VAL VAL A . n 
A 1 103 PHE 103 1937 1937 PHE PHE A . n 
A 1 104 ASP 104 1938 1938 ASP ASP A . n 
A 1 105 ASN 105 1939 1939 ASN ASN A . n 
A 1 106 CYS 106 1940 1940 CYS CYS A . n 
A 1 107 GLU 107 1941 1941 GLU GLU A . n 
A 1 108 THR 108 1942 1942 THR THR A . n 
A 1 109 PHE 109 1943 1943 PHE PHE A . n 
A 1 110 ASN 110 1944 1944 ASN ASN A . n 
A 1 111 GLU 111 1945 1945 GLU GLU A . n 
A 1 112 ASP 112 1946 1946 ASP ASP A . n 
A 1 113 ASP 113 1947 1947 ASP ASP A . n 
A 1 114 SER 114 1948 1948 SER SER A . n 
A 1 115 ASP 115 1949 1949 ASP ASP A . n 
A 1 116 ILE 116 1950 1950 ILE ILE A . n 
A 1 117 GLY 117 1951 1951 GLY GLY A . n 
A 1 118 ARG 118 1952 1952 ARG ARG A . n 
A 1 119 ALA 119 1953 1953 ALA ALA A . n 
A 1 120 GLY 120 1954 1954 GLY GLY A . n 
A 1 121 HIS 121 1955 1955 HIS HIS A . n 
A 1 122 ASN 122 1956 1956 ASN ASN A . n 
A 1 123 MET 123 1957 1957 MET MET A . n 
A 1 124 ARG 124 1958 1958 ARG ARG A . n 
A 1 125 LYS 125 1959 1959 LYS LYS A . n 
A 1 126 TYR 126 1960 1960 TYR TYR A . n 
A 1 127 PHE 127 1961 1961 PHE PHE A . n 
A 1 128 GLU 128 1962 1962 GLU GLU A . n 
A 1 129 LYS 129 1963 1963 LYS LYS A . n 
A 1 130 LYS 130 1964 1964 LYS LYS A . n 
A 1 131 TRP 131 1965 1965 TRP TRP A . n 
A 1 132 THR 132 1966 1966 THR THR A . n 
A 1 133 ASP 133 1967 1967 ASP ASP A . n 
A 1 134 THR 134 1968 1968 THR THR A . n 
A 1 135 PHE 135 1969 1969 PHE PHE A . n 
A 1 136 LYS 136 1970 1970 LYS LYS A . n 
A 1 137 VAL 137 1971 ?    ?   ?   A . n 
A 1 138 SER 138 1972 ?    ?   ?   A . n 
# 
loop_
_pdbx_nonpoly_scheme.asym_id 
_pdbx_nonpoly_scheme.entity_id 
_pdbx_nonpoly_scheme.mon_id 
_pdbx_nonpoly_scheme.ndb_seq_num 
_pdbx_nonpoly_scheme.pdb_seq_num 
_pdbx_nonpoly_scheme.auth_seq_num 
_pdbx_nonpoly_scheme.pdb_mon_id 
_pdbx_nonpoly_scheme.auth_mon_id 
_pdbx_nonpoly_scheme.pdb_strand_id 
_pdbx_nonpoly_scheme.pdb_ins_code 
B 2 EDO 1   2001 1   EDO EDO A . 
C 2 EDO 1   2002 2   EDO EDO A . 
D 2 EDO 1   2003 3   EDO EDO A . 
E 3 ES1 1   2004 1   ES1 LIG A . 
F 4 HOH 1   2101 196 HOH HOH A . 
F 4 HOH 2   2102 61  HOH HOH A . 
F 4 HOH 3   2103 84  HOH HOH A . 
F 4 HOH 4   2104 38  HOH HOH A . 
F 4 HOH 5   2105 36  HOH HOH A . 
F 4 HOH 6   2106 92  HOH HOH A . 
F 4 HOH 7   2107 21  HOH HOH A . 
F 4 HOH 8   2108 44  HOH HOH A . 
F 4 HOH 9   2109 40  HOH HOH A . 
F 4 HOH 10  2110 114 HOH HOH A . 
F 4 HOH 11  2111 14  HOH HOH A . 
F 4 HOH 12  2112 154 HOH HOH A . 
F 4 HOH 13  2113 169 HOH HOH A . 
F 4 HOH 14  2114 47  HOH HOH A . 
F 4 HOH 15  2115 20  HOH HOH A . 
F 4 HOH 16  2116 146 HOH HOH A . 
F 4 HOH 17  2117 116 HOH HOH A . 
F 4 HOH 18  2118 7   HOH HOH A . 
F 4 HOH 19  2119 23  HOH HOH A . 
F 4 HOH 20  2120 163 HOH HOH A . 
F 4 HOH 21  2121 100 HOH HOH A . 
F 4 HOH 22  2122 120 HOH HOH A . 
F 4 HOH 23  2123 72  HOH HOH A . 
F 4 HOH 24  2124 74  HOH HOH A . 
F 4 HOH 25  2125 107 HOH HOH A . 
F 4 HOH 26  2126 148 HOH HOH A . 
F 4 HOH 27  2127 70  HOH HOH A . 
F 4 HOH 28  2128 39  HOH HOH A . 
F 4 HOH 29  2129 93  HOH HOH A . 
F 4 HOH 30  2130 26  HOH HOH A . 
F 4 HOH 31  2131 68  HOH HOH A . 
F 4 HOH 32  2132 5   HOH HOH A . 
F 4 HOH 33  2133 91  HOH HOH A . 
F 4 HOH 34  2134 34  HOH HOH A . 
F 4 HOH 35  2135 191 HOH HOH A . 
F 4 HOH 36  2136 48  HOH HOH A . 
F 4 HOH 37  2137 16  HOH HOH A . 
F 4 HOH 38  2138 190 HOH HOH A . 
F 4 HOH 39  2139 37  HOH HOH A . 
F 4 HOH 40  2140 52  HOH HOH A . 
F 4 HOH 41  2141 45  HOH HOH A . 
F 4 HOH 42  2142 170 HOH HOH A . 
F 4 HOH 43  2143 46  HOH HOH A . 
F 4 HOH 44  2144 73  HOH HOH A . 
F 4 HOH 45  2145 139 HOH HOH A . 
F 4 HOH 46  2146 62  HOH HOH A . 
F 4 HOH 47  2147 2   HOH HOH A . 
F 4 HOH 48  2148 206 HOH HOH A . 
F 4 HOH 49  2149 35  HOH HOH A . 
F 4 HOH 50  2150 1   HOH HOH A . 
F 4 HOH 51  2151 113 HOH HOH A . 
F 4 HOH 52  2152 158 HOH HOH A . 
F 4 HOH 53  2153 63  HOH HOH A . 
F 4 HOH 54  2154 10  HOH HOH A . 
F 4 HOH 55  2155 76  HOH HOH A . 
F 4 HOH 56  2156 174 HOH HOH A . 
F 4 HOH 57  2157 30  HOH HOH A . 
F 4 HOH 58  2158 28  HOH HOH A . 
F 4 HOH 59  2159 25  HOH HOH A . 
F 4 HOH 60  2160 149 HOH HOH A . 
F 4 HOH 61  2161 6   HOH HOH A . 
F 4 HOH 62  2162 17  HOH HOH A . 
F 4 HOH 63  2163 4   HOH HOH A . 
F 4 HOH 64  2164 81  HOH HOH A . 
F 4 HOH 65  2165 32  HOH HOH A . 
F 4 HOH 66  2166 75  HOH HOH A . 
F 4 HOH 67  2167 15  HOH HOH A . 
F 4 HOH 68  2168 205 HOH HOH A . 
F 4 HOH 69  2169 50  HOH HOH A . 
F 4 HOH 70  2170 90  HOH HOH A . 
F 4 HOH 71  2171 9   HOH HOH A . 
F 4 HOH 72  2172 193 HOH HOH A . 
F 4 HOH 73  2173 51  HOH HOH A . 
F 4 HOH 74  2174 80  HOH HOH A . 
F 4 HOH 75  2175 85  HOH HOH A . 
F 4 HOH 76  2176 27  HOH HOH A . 
F 4 HOH 77  2177 117 HOH HOH A . 
F 4 HOH 78  2178 137 HOH HOH A . 
F 4 HOH 79  2179 144 HOH HOH A . 
F 4 HOH 80  2180 53  HOH HOH A . 
F 4 HOH 81  2181 168 HOH HOH A . 
F 4 HOH 82  2182 19  HOH HOH A . 
F 4 HOH 83  2183 182 HOH HOH A . 
F 4 HOH 84  2184 166 HOH HOH A . 
F 4 HOH 85  2185 64  HOH HOH A . 
F 4 HOH 86  2186 18  HOH HOH A . 
F 4 HOH 87  2187 126 HOH HOH A . 
F 4 HOH 88  2188 88  HOH HOH A . 
F 4 HOH 89  2189 59  HOH HOH A . 
F 4 HOH 90  2190 101 HOH HOH A . 
F 4 HOH 91  2191 106 HOH HOH A . 
F 4 HOH 92  2192 56  HOH HOH A . 
F 4 HOH 93  2193 57  HOH HOH A . 
F 4 HOH 94  2194 173 HOH HOH A . 
F 4 HOH 95  2195 105 HOH HOH A . 
F 4 HOH 96  2196 66  HOH HOH A . 
F 4 HOH 97  2197 54  HOH HOH A . 
F 4 HOH 98  2198 12  HOH HOH A . 
F 4 HOH 99  2199 77  HOH HOH A . 
F 4 HOH 100 2200 152 HOH HOH A . 
F 4 HOH 101 2201 24  HOH HOH A . 
F 4 HOH 102 2202 164 HOH HOH A . 
F 4 HOH 103 2203 29  HOH HOH A . 
F 4 HOH 104 2204 145 HOH HOH A . 
F 4 HOH 105 2205 8   HOH HOH A . 
F 4 HOH 106 2206 156 HOH HOH A . 
F 4 HOH 107 2207 41  HOH HOH A . 
F 4 HOH 108 2208 189 HOH HOH A . 
F 4 HOH 109 2209 65  HOH HOH A . 
F 4 HOH 110 2210 172 HOH HOH A . 
F 4 HOH 111 2211 22  HOH HOH A . 
F 4 HOH 112 2212 171 HOH HOH A . 
F 4 HOH 113 2213 95  HOH HOH A . 
F 4 HOH 114 2214 33  HOH HOH A . 
F 4 HOH 115 2215 3   HOH HOH A . 
F 4 HOH 116 2216 147 HOH HOH A . 
F 4 HOH 117 2217 207 HOH HOH A . 
F 4 HOH 118 2218 82  HOH HOH A . 
F 4 HOH 119 2219 181 HOH HOH A . 
F 4 HOH 120 2220 83  HOH HOH A . 
F 4 HOH 121 2221 103 HOH HOH A . 
F 4 HOH 122 2222 178 HOH HOH A . 
F 4 HOH 123 2223 98  HOH HOH A . 
F 4 HOH 124 2224 138 HOH HOH A . 
F 4 HOH 125 2225 153 HOH HOH A . 
F 4 HOH 126 2226 69  HOH HOH A . 
F 4 HOH 127 2227 99  HOH HOH A . 
F 4 HOH 128 2228 124 HOH HOH A . 
F 4 HOH 129 2229 188 HOH HOH A . 
F 4 HOH 130 2230 201 HOH HOH A . 
F 4 HOH 131 2231 143 HOH HOH A . 
F 4 HOH 132 2232 132 HOH HOH A . 
F 4 HOH 133 2233 157 HOH HOH A . 
F 4 HOH 134 2234 162 HOH HOH A . 
F 4 HOH 135 2235 129 HOH HOH A . 
F 4 HOH 136 2236 185 HOH HOH A . 
F 4 HOH 137 2237 49  HOH HOH A . 
F 4 HOH 138 2238 195 HOH HOH A . 
F 4 HOH 139 2239 130 HOH HOH A . 
F 4 HOH 140 2240 97  HOH HOH A . 
F 4 HOH 141 2241 141 HOH HOH A . 
F 4 HOH 142 2242 108 HOH HOH A . 
F 4 HOH 143 2243 176 HOH HOH A . 
F 4 HOH 144 2244 192 HOH HOH A . 
F 4 HOH 145 2245 127 HOH HOH A . 
F 4 HOH 146 2246 96  HOH HOH A . 
F 4 HOH 147 2247 183 HOH HOH A . 
F 4 HOH 148 2248 31  HOH HOH A . 
F 4 HOH 149 2249 115 HOH HOH A . 
F 4 HOH 150 2250 112 HOH HOH A . 
F 4 HOH 151 2251 161 HOH HOH A . 
F 4 HOH 152 2252 60  HOH HOH A . 
F 4 HOH 153 2253 135 HOH HOH A . 
F 4 HOH 154 2254 119 HOH HOH A . 
F 4 HOH 155 2255 199 HOH HOH A . 
F 4 HOH 156 2256 160 HOH HOH A . 
F 4 HOH 157 2257 123 HOH HOH A . 
F 4 HOH 158 2258 102 HOH HOH A . 
F 4 HOH 159 2259 94  HOH HOH A . 
F 4 HOH 160 2260 58  HOH HOH A . 
F 4 HOH 161 2261 202 HOH HOH A . 
F 4 HOH 162 2262 110 HOH HOH A . 
F 4 HOH 163 2263 134 HOH HOH A . 
F 4 HOH 164 2264 194 HOH HOH A . 
F 4 HOH 165 2265 89  HOH HOH A . 
F 4 HOH 166 2266 198 HOH HOH A . 
F 4 HOH 167 2267 151 HOH HOH A . 
F 4 HOH 168 2268 86  HOH HOH A . 
F 4 HOH 169 2269 79  HOH HOH A . 
F 4 HOH 170 2270 104 HOH HOH A . 
F 4 HOH 171 2271 187 HOH HOH A . 
F 4 HOH 172 2272 42  HOH HOH A . 
F 4 HOH 173 2273 71  HOH HOH A . 
F 4 HOH 174 2274 150 HOH HOH A . 
F 4 HOH 175 2275 177 HOH HOH A . 
F 4 HOH 176 2276 155 HOH HOH A . 
F 4 HOH 177 2277 128 HOH HOH A . 
F 4 HOH 178 2278 55  HOH HOH A . 
F 4 HOH 179 2279 118 HOH HOH A . 
F 4 HOH 180 2280 109 HOH HOH A . 
F 4 HOH 181 2281 78  HOH HOH A . 
F 4 HOH 182 2282 87  HOH HOH A . 
F 4 HOH 183 2283 136 HOH HOH A . 
F 4 HOH 184 2284 159 HOH HOH A . 
F 4 HOH 185 2285 142 HOH HOH A . 
F 4 HOH 186 2286 111 HOH HOH A . 
F 4 HOH 187 2287 184 HOH HOH A . 
F 4 HOH 188 2288 180 HOH HOH A . 
F 4 HOH 189 2289 165 HOH HOH A . 
F 4 HOH 190 2290 67  HOH HOH A . 
F 4 HOH 191 2291 197 HOH HOH A . 
F 4 HOH 192 2292 131 HOH HOH A . 
F 4 HOH 193 2293 204 HOH HOH A . 
F 4 HOH 194 2294 140 HOH HOH A . 
F 4 HOH 195 2295 179 HOH HOH A . 
F 4 HOH 196 2296 186 HOH HOH A . 
F 4 HOH 197 2297 121 HOH HOH A . 
F 4 HOH 198 2298 175 HOH HOH A . 
F 4 HOH 199 2299 122 HOH HOH A . 
F 4 HOH 200 2300 203 HOH HOH A . 
F 4 HOH 201 2301 133 HOH HOH A . 
F 4 HOH 202 2302 125 HOH HOH A . 
# 
loop_
_pdbx_unobs_or_zero_occ_atoms.id 
_pdbx_unobs_or_zero_occ_atoms.PDB_model_num 
_pdbx_unobs_or_zero_occ_atoms.polymer_flag 
_pdbx_unobs_or_zero_occ_atoms.occupancy_flag 
_pdbx_unobs_or_zero_occ_atoms.auth_asym_id 
_pdbx_unobs_or_zero_occ_atoms.auth_comp_id 
_pdbx_unobs_or_zero_occ_atoms.auth_seq_id 
_pdbx_unobs_or_zero_occ_atoms.PDB_ins_code 
_pdbx_unobs_or_zero_occ_atoms.auth_atom_id 
_pdbx_unobs_or_zero_occ_atoms.label_alt_id 
_pdbx_unobs_or_zero_occ_atoms.label_asym_id 
_pdbx_unobs_or_zero_occ_atoms.label_comp_id 
_pdbx_unobs_or_zero_occ_atoms.label_seq_id 
_pdbx_unobs_or_zero_occ_atoms.label_atom_id 
1  1 Y 1 A LYS 1863 ? CG ? A LYS 29  CG 
2  1 Y 1 A LYS 1863 ? CD ? A LYS 29  CD 
3  1 Y 1 A LYS 1863 ? CE ? A LYS 29  CE 
4  1 Y 1 A LYS 1863 ? NZ ? A LYS 29  NZ 
5  1 Y 1 A LYS 1868 ? CE ? A LYS 34  CE 
6  1 Y 1 A LYS 1868 ? NZ ? A LYS 34  NZ 
7  1 Y 1 A LYS 1970 ? CG ? A LYS 136 CG 
8  1 Y 1 A LYS 1970 ? CD ? A LYS 136 CD 
9  1 Y 1 A LYS 1970 ? CE ? A LYS 136 CE 
10 1 Y 1 A LYS 1970 ? NZ ? A LYS 136 NZ 
# 
loop_
_software.pdbx_ordinal 
_software.name 
_software.version 
_software.date 
_software.type 
_software.contact_author 
_software.contact_author_email 
_software.classification 
_software.location 
_software.language 
_software.citation_id 
1 PHENIX      1.9_1682 ?               package 'Paul D. Adams' PDAdams@lbl.gov          refinement        
http://www.phenix-online.org/                       C++ ? 
2 Aimless     0.1.29   21/08/12        program 'Phil Evans'    ?                        'data scaling'    
http://www.mrc-lmb.cam.ac.uk/harry/pre/aimless.html ?   ? 
3 PDB_EXTRACT 3.23     'SEP. 23, 2016' package PDB             deposit@deposit.rcsb.org 'data extraction' 
http://sw-tools.pdb.org/apps/PDB_EXTRACT/           C++ ? 
4 XDS         .        ?               program ?               ?                        'data reduction'  ? ?   ? 
5 REFMAC      .        ?               program ?               ?                        phasing           ? ?   ? 
# 
_cell.entry_id           5PBB 
_cell.length_a           82.175 
_cell.length_b           96.928 
_cell.length_c           57.978 
_cell.angle_alpha        90.000 
_cell.angle_beta         90.000 
_cell.angle_gamma        90.000 
_cell.Z_PDB              8 
_cell.pdbx_unique_axis   ? 
# 
_symmetry.entry_id                         5PBB 
_symmetry.space_group_name_H-M             'C 2 2 21' 
_symmetry.pdbx_full_space_group_name_H-M   ? 
_symmetry.cell_setting                     ? 
_symmetry.Int_Tables_number                20 
# 
_exptl.crystals_number   1 
_exptl.entry_id          5PBB 
_exptl.method            'X-RAY DIFFRACTION' 
# 
_exptl_crystal.id                    1 
_exptl_crystal.pdbx_mosaicity        0.110 
_exptl_crystal.pdbx_mosaicity_esd    ? 
_exptl_crystal.density_Matthews      3.59 
_exptl_crystal.density_diffrn        ? 
_exptl_crystal.density_meas          ? 
_exptl_crystal.density_meas_temp     ? 
_exptl_crystal.density_percent_sol   65.71 
_exptl_crystal.size_max              ? 
_exptl_crystal.size_mid              ? 
_exptl_crystal.size_min              ? 
_exptl_crystal.size_rad              ? 
_exptl_crystal.description           ? 
# 
_exptl_crystal_grow.crystal_id      1 
_exptl_crystal_grow.method          'VAPOR DIFFUSION, SITTING DROP' 
_exptl_crystal_grow.pH              7 
_exptl_crystal_grow.temp            277 
_exptl_crystal_grow.pdbx_details    '30% PEG600 -- 0.1M MES pH 6.0' 
_exptl_crystal_grow.temp_details    ? 
_exptl_crystal_grow.pdbx_pH_range   ? 
# 
_diffrn.id                     1 
_diffrn.ambient_temp           100 
_diffrn.crystal_id             1 
_diffrn.ambient_temp_details   ? 
# 
_diffrn_detector.detector               PIXEL 
_diffrn_detector.type                   'DECTRIS PILATUS 2M' 
_diffrn_detector.pdbx_collection_date   2013-03-10 
_diffrn_detector.diffrn_id              1 
_diffrn_detector.details                ? 
# 
_diffrn_radiation.diffrn_id                        1 
_diffrn_radiation.wavelength_id                    1 
_diffrn_radiation.pdbx_diffrn_protocol             'SINGLE WAVELENGTH' 
_diffrn_radiation.pdbx_monochromatic_or_laue_m_l   ? 
_diffrn_radiation.monochromator                    ? 
_diffrn_radiation.pdbx_scattering_type             x-ray 
# 
_diffrn_radiation_wavelength.id           1 
_diffrn_radiation_wavelength.wavelength   0.9200 
_diffrn_radiation_wavelength.wt           1.0 
# 
_diffrn_source.diffrn_id                   1 
_diffrn_source.source                      SYNCHROTRON 
_diffrn_source.type                        'DIAMOND BEAMLINE I04-1' 
_diffrn_source.pdbx_wavelength_list        0.9200 
_diffrn_source.pdbx_synchrotron_site       Diamond 
_diffrn_source.pdbx_synchrotron_beamline   I04-1 
_diffrn_source.pdbx_wavelength             ? 
# 
_reflns.entry_id                     5PBB 
_reflns.pdbx_diffrn_id               1 
_reflns.pdbx_ordinal                 1 
_reflns.observed_criterion_sigma_I   ? 
_reflns.observed_criterion_sigma_F   ? 
_reflns.d_resolution_low             30.0690 
_reflns.d_resolution_high            1.780 
_reflns.number_obs                   22220 
_reflns.number_all                   ? 
_reflns.percent_possible_obs         98.900 
_reflns.pdbx_Rmerge_I_obs            0.059 
_reflns.pdbx_Rsym_value              ? 
_reflns.pdbx_netI_over_sigmaI        17.100 
_reflns.B_iso_Wilson_estimate        30.150 
_reflns.pdbx_redundancy              6.500 
_reflns.pdbx_Rrim_I_all              0.064 
_reflns.pdbx_Rpim_I_all              0.025 
_reflns.pdbx_CC_half                 0.999 
_reflns.pdbx_netI_over_av_sigmaI     ? 
_reflns.pdbx_number_measured_all     144825 
_reflns.pdbx_scaling_rejects         1 
_reflns.pdbx_chi_squared             ? 
_reflns.Rmerge_F_all                 ? 
_reflns.Rmerge_F_obs                 ? 
_reflns.observed_criterion_F_max     ? 
_reflns.observed_criterion_F_min     ? 
_reflns.observed_criterion_I_max     ? 
_reflns.observed_criterion_I_min     ? 
_reflns.pdbx_d_res_high_opt          ? 
_reflns.pdbx_d_res_low_opt           ? 
_reflns.details                      ? 
# 
loop_
_reflns_shell.pdbx_diffrn_id 
_reflns_shell.pdbx_ordinal 
_reflns_shell.d_res_high 
_reflns_shell.d_res_low 
_reflns_shell.number_measured_obs 
_reflns_shell.number_measured_all 
_reflns_shell.number_unique_obs 
_reflns_shell.pdbx_rejects 
_reflns_shell.Rmerge_I_obs 
_reflns_shell.meanI_over_sigI_obs 
_reflns_shell.pdbx_Rsym_value 
_reflns_shell.pdbx_chi_squared 
_reflns_shell.pdbx_redundancy 
_reflns_shell.percent_possible_obs 
_reflns_shell.pdbx_netI_over_sigmaI_obs 
_reflns_shell.number_possible 
_reflns_shell.number_unique_all 
_reflns_shell.Rmerge_F_all 
_reflns_shell.Rmerge_F_obs 
_reflns_shell.Rmerge_I_all 
_reflns_shell.meanI_over_sigI_all 
_reflns_shell.percent_possible_all 
_reflns_shell.pdbx_Rrim_I_all 
_reflns_shell.pdbx_Rpim_I_all 
_reflns_shell.pdbx_CC_half 
1 1 1.780 1.820  ? 5674 ? ? 0.811 ? ? ? 5.400 ? 1.800  ? 1054 ? ? ? ? 82.500 0.894 0.366 0.827 
1 2 9.090 30.070 ? 1203 ? ? 0.034 ? ? ? 6.100 ? 49.300 ? 197  ? ? ? ? 97.600 0.037 0.015 0.998 
# 
_refine.entry_id                                 5PBB 
_refine.pdbx_refine_id                           'X-RAY DIFFRACTION' 
_refine.ls_d_res_high                            1.7830 
_refine.ls_d_res_low                             30.0690 
_refine.pdbx_ls_sigma_F                          1.350 
_refine.pdbx_data_cutoff_high_absF               ? 
_refine.pdbx_data_cutoff_low_absF                ? 
_refine.ls_percent_reflns_obs                    98.8700 
_refine.ls_number_reflns_obs                     22203 
_refine.ls_number_reflns_all                     ? 
_refine.pdbx_ls_cross_valid_method               THROUGHOUT 
_refine.ls_matrix_type                           ? 
_refine.pdbx_R_Free_selection_details            ? 
_refine.details                                  ? 
_refine.ls_R_factor_all                          ? 
_refine.ls_R_factor_obs                          0.1762 
_refine.ls_R_factor_R_work                       0.1746 
_refine.ls_wR_factor_R_work                      ? 
_refine.ls_R_factor_R_free                       0.2071 
_refine.ls_wR_factor_R_free                      ? 
_refine.ls_percent_reflns_R_free                 4.9500 
_refine.ls_number_reflns_R_free                  1100 
_refine.ls_number_reflns_R_work                  21103 
_refine.ls_R_factor_R_free_error                 ? 
_refine.B_iso_mean                               35.1509 
_refine.solvent_model_param_bsol                 ? 
_refine.solvent_model_param_ksol                 ? 
_refine.pdbx_isotropic_thermal_model             ? 
_refine.aniso_B[1][1]                            ? 
_refine.aniso_B[2][2]                            ? 
_refine.aniso_B[3][3]                            ? 
_refine.aniso_B[1][2]                            ? 
_refine.aniso_B[1][3]                            ? 
_refine.aniso_B[2][3]                            ? 
_refine.correlation_coeff_Fo_to_Fc               ? 
_refine.correlation_coeff_Fo_to_Fc_free          ? 
_refine.overall_SU_R_Cruickshank_DPI             ? 
_refine.pdbx_overall_SU_R_free_Cruickshank_DPI   ? 
_refine.pdbx_overall_SU_R_Blow_DPI               ? 
_refine.pdbx_overall_SU_R_free_Blow_DPI          ? 
_refine.overall_SU_R_free                        ? 
_refine.pdbx_overall_ESU_R                       ? 
_refine.pdbx_overall_ESU_R_Free                  ? 
_refine.overall_SU_ML                            0.2300 
_refine.overall_SU_B                             ? 
_refine.solvent_model_details                    'FLAT BULK SOLVENT MODEL' 
_refine.pdbx_solvent_vdw_probe_radii             1.1100 
_refine.pdbx_solvent_ion_probe_radii             ? 
_refine.pdbx_solvent_shrinkage_radii             0.9000 
_refine.ls_number_parameters                     ? 
_refine.ls_number_restraints                     ? 
_refine.pdbx_starting_model                      3G0L 
_refine.pdbx_method_to_determine_struct          'FOURIER SYNTHESIS' 
_refine.pdbx_stereochemistry_target_values       ML 
_refine.pdbx_stereochem_target_val_spec_case     ? 
_refine.overall_FOM_work_R_set                   ? 
_refine.B_iso_max                                92.970 
_refine.B_iso_min                                17.710 
_refine.pdbx_overall_phase_error                 21.7000 
_refine.occupancy_max                            ? 
_refine.occupancy_min                            ? 
_refine.pdbx_diffrn_id                           1 
_refine.pdbx_TLS_residual_ADP_flag               ? 
_refine.pdbx_ls_sigma_I                          ? 
_refine.pdbx_data_cutoff_high_rms_absF           ? 
_refine.ls_R_factor_R_free_error_details         ? 
# 
_refine_hist.cycle_id                         final 
_refine_hist.pdbx_refine_id                   'X-RAY DIFFRACTION' 
_refine_hist.d_res_high                       1.7830 
_refine_hist.d_res_low                        30.0690 
_refine_hist.pdbx_number_atoms_ligand         42 
_refine_hist.number_atoms_solvent             203 
_refine_hist.number_atoms_total               1175 
_refine_hist.pdbx_number_residues_total       115 
_refine_hist.pdbx_B_iso_mean_ligand           43.74 
_refine_hist.pdbx_B_iso_mean_solvent          47.63 
_refine_hist.pdbx_number_atoms_protein        930 
_refine_hist.pdbx_number_atoms_nucleic_acid   0 
# 
loop_
_refine_ls_restr.pdbx_refine_id 
_refine_ls_restr.type 
_refine_ls_restr.number 
_refine_ls_restr.dev_ideal 
_refine_ls_restr.dev_ideal_target 
_refine_ls_restr.weight 
_refine_ls_restr.pdbx_restraint_function 
'X-RAY DIFFRACTION' f_bond_d           1041 0.007  ? ? ? 
'X-RAY DIFFRACTION' f_angle_d          1408 1.063  ? ? ? 
'X-RAY DIFFRACTION' f_chiral_restr     149  0.039  ? ? ? 
'X-RAY DIFFRACTION' f_plane_restr      183  0.005  ? ? ? 
'X-RAY DIFFRACTION' f_dihedral_angle_d 425  12.463 ? ? ? 
# 
loop_
_refine_ls_shell.d_res_high 
_refine_ls_shell.d_res_low 
_refine_ls_shell.pdbx_total_number_of_bins_used 
_refine_ls_shell.percent_reflns_obs 
_refine_ls_shell.number_reflns_R_work 
_refine_ls_shell.R_factor_all 
_refine_ls_shell.R_factor_R_work 
_refine_ls_shell.R_factor_R_free 
_refine_ls_shell.percent_reflns_R_free 
_refine_ls_shell.number_reflns_R_free 
_refine_ls_shell.R_factor_R_free_error 
_refine_ls_shell.number_reflns_all 
_refine_ls_shell.number_reflns_obs 
_refine_ls_shell.pdbx_refine_id 
1.7834 1.8645  8 92.0000  2453 . 0.3222 0.3669 . 119 . 2572 . 'X-RAY DIFFRACTION' 
1.8645 1.9628  8 100.0000 2575 . 0.2516 0.2667 . 150 . 2725 . 'X-RAY DIFFRACTION' 
1.9628 2.0858  8 100.0000 2662 . 0.2080 0.2460 . 119 . 2781 . 'X-RAY DIFFRACTION' 
2.0858 2.2468  8 100.0000 2644 . 0.1910 0.2406 . 134 . 2778 . 'X-RAY DIFFRACTION' 
2.2468 2.4728  8 100.0000 2629 . 0.1803 0.2030 . 139 . 2768 . 'X-RAY DIFFRACTION' 
2.4728 2.8304  8 100.0000 2677 . 0.1752 0.1932 . 131 . 2808 . 'X-RAY DIFFRACTION' 
2.8304 3.5650  8 100.0000 2676 . 0.1717 0.2237 . 165 . 2841 . 'X-RAY DIFFRACTION' 
3.5650 30.0729 8 99.0000  2787 . 0.1461 0.1719 . 143 . 2930 . 'X-RAY DIFFRACTION' 
# 
_struct.entry_id                  5PBB 
_struct.title                     'PanDDA analysis group deposition -- Crystal Structure of BAZ2B in complex with N09496a' 
_struct.pdbx_model_details        ? 
_struct.pdbx_CASP_flag            ? 
_struct.pdbx_model_type_details   ? 
# 
_struct_keywords.entry_id        5PBB 
_struct_keywords.text            'PanDDA, SGC - Diamond I04-1 fragment screening, bromodomain, epigenetics, DNA BINDING PROTEIN' 
_struct_keywords.pdbx_keywords   'DNA BINDING PROTEIN' 
# 
loop_
_struct_asym.id 
_struct_asym.pdbx_blank_PDB_chainid_flag 
_struct_asym.pdbx_modified 
_struct_asym.entity_id 
_struct_asym.details 
A N N 1 ? 
B N N 2 ? 
C N N 2 ? 
D N N 2 ? 
E N N 3 ? 
F N N 4 ? 
# 
_struct_ref.id                         1 
_struct_ref.db_name                    UNP 
_struct_ref.db_code                    BAZ2B_HUMAN 
_struct_ref.pdbx_db_accession          Q9UIF8 
_struct_ref.pdbx_db_isoform            Q9UIF8-2 
_struct_ref.entity_id                  1 
_struct_ref.pdbx_seq_one_letter_code   
;SVKKPKRDDSKDLALCSMILTEMETHEDAWPFLLPVNLKLVPGYKKVIKKPMDFSTIREKLSSGQYPNLETFALDVRLVF
DNCETFNEDDSDIGRAGHNMRKYFEKKWTDTFKVS
;
_struct_ref.pdbx_align_begin           1954 
# 
_struct_ref_seq.align_id                      1 
_struct_ref_seq.ref_id                        1 
_struct_ref_seq.pdbx_PDB_id_code              5PBB 
_struct_ref_seq.pdbx_strand_id                A 
_struct_ref_seq.seq_align_beg                 24 
_struct_ref_seq.pdbx_seq_align_beg_ins_code   ? 
_struct_ref_seq.seq_align_end                 138 
_struct_ref_seq.pdbx_seq_align_end_ins_code   ? 
_struct_ref_seq.pdbx_db_accession             Q9UIF8 
_struct_ref_seq.db_align_beg                  1954 
_struct_ref_seq.pdbx_db_align_beg_ins_code    ? 
_struct_ref_seq.db_align_end                  2068 
_struct_ref_seq.pdbx_db_align_end_ins_code    ? 
_struct_ref_seq.pdbx_auth_seq_align_beg       1858 
_struct_ref_seq.pdbx_auth_seq_align_end       1972 
# 
loop_
_struct_ref_seq_dif.align_id 
_struct_ref_seq_dif.pdbx_pdb_id_code 
_struct_ref_seq_dif.mon_id 
_struct_ref_seq_dif.pdbx_pdb_strand_id 
_struct_ref_seq_dif.seq_num 
_struct_ref_seq_dif.pdbx_pdb_ins_code 
_struct_ref_seq_dif.pdbx_seq_db_name 
_struct_ref_seq_dif.pdbx_seq_db_accession_code 
_struct_ref_seq_dif.db_mon_id 
_struct_ref_seq_dif.pdbx_seq_db_seq_num 
_struct_ref_seq_dif.details 
_struct_ref_seq_dif.pdbx_auth_seq_num 
_struct_ref_seq_dif.pdbx_ordinal 
1 5PBB MET A 1  ? UNP Q9UIF8 ? ? 'expression tag' 1835 1  
1 5PBB HIS A 2  ? UNP Q9UIF8 ? ? 'expression tag' 1836 2  
1 5PBB HIS A 3  ? UNP Q9UIF8 ? ? 'expression tag' 1837 3  
1 5PBB HIS A 4  ? UNP Q9UIF8 ? ? 'expression tag' 1838 4  
1 5PBB HIS A 5  ? UNP Q9UIF8 ? ? 'expression tag' 1839 5  
1 5PBB HIS A 6  ? UNP Q9UIF8 ? ? 'expression tag' 1840 6  
1 5PBB HIS A 7  ? UNP Q9UIF8 ? ? 'expression tag' 1841 7  
1 5PBB SER A 8  ? UNP Q9UIF8 ? ? 'expression tag' 1842 8  
1 5PBB SER A 9  ? UNP Q9UIF8 ? ? 'expression tag' 1843 9  
1 5PBB GLY A 10 ? UNP Q9UIF8 ? ? 'expression tag' 1844 10 
1 5PBB VAL A 11 ? UNP Q9UIF8 ? ? 'expression tag' 1845 11 
1 5PBB ASP A 12 ? UNP Q9UIF8 ? ? 'expression tag' 1846 12 
1 5PBB LEU A 13 ? UNP Q9UIF8 ? ? 'expression tag' 1847 13 
1 5PBB GLY A 14 ? UNP Q9UIF8 ? ? 'expression tag' 1848 14 
1 5PBB THR A 15 ? UNP Q9UIF8 ? ? 'expression tag' 1849 15 
1 5PBB GLU A 16 ? UNP Q9UIF8 ? ? 'expression tag' 1850 16 
1 5PBB ASN A 17 ? UNP Q9UIF8 ? ? 'expression tag' 1851 17 
1 5PBB LEU A 18 ? UNP Q9UIF8 ? ? 'expression tag' 1852 18 
1 5PBB TYR A 19 ? UNP Q9UIF8 ? ? 'expression tag' 1853 19 
1 5PBB PHE A 20 ? UNP Q9UIF8 ? ? 'expression tag' 1854 20 
1 5PBB GLN A 21 ? UNP Q9UIF8 ? ? 'expression tag' 1855 21 
1 5PBB SER A 22 ? UNP Q9UIF8 ? ? 'expression tag' 1856 22 
1 5PBB MET A 23 ? UNP Q9UIF8 ? ? 'expression tag' 1857 23 
# 
_pdbx_struct_assembly.id                   1 
_pdbx_struct_assembly.details              author_defined_assembly 
_pdbx_struct_assembly.method_details       ? 
_pdbx_struct_assembly.oligomeric_details   monomeric 
_pdbx_struct_assembly.oligomeric_count     1 
# 
_pdbx_struct_assembly_gen.assembly_id       1 
_pdbx_struct_assembly_gen.oper_expression   1 
_pdbx_struct_assembly_gen.asym_id_list      A,B,C,D,E,F 
# 
_pdbx_struct_oper_list.id                   1 
_pdbx_struct_oper_list.type                 'identity operation' 
_pdbx_struct_oper_list.name                 1_555 
_pdbx_struct_oper_list.symmetry_operation   x,y,z 
_pdbx_struct_oper_list.matrix[1][1]         1.0000000000 
_pdbx_struct_oper_list.matrix[1][2]         0.0000000000 
_pdbx_struct_oper_list.matrix[1][3]         0.0000000000 
_pdbx_struct_oper_list.vector[1]            0.0000000000 
_pdbx_struct_oper_list.matrix[2][1]         0.0000000000 
_pdbx_struct_oper_list.matrix[2][2]         1.0000000000 
_pdbx_struct_oper_list.matrix[2][3]         0.0000000000 
_pdbx_struct_oper_list.vector[2]            0.0000000000 
_pdbx_struct_oper_list.matrix[3][1]         0.0000000000 
_pdbx_struct_oper_list.matrix[3][2]         0.0000000000 
_pdbx_struct_oper_list.matrix[3][3]         1.0000000000 
_pdbx_struct_oper_list.vector[3]            0.0000000000 
# 
loop_
_struct_conf.conf_type_id 
_struct_conf.id 
_struct_conf.pdbx_PDB_helix_id 
_struct_conf.beg_label_comp_id 
_struct_conf.beg_label_asym_id 
_struct_conf.beg_label_seq_id 
_struct_conf.pdbx_beg_PDB_ins_code 
_struct_conf.end_label_comp_id 
_struct_conf.end_label_asym_id 
_struct_conf.end_label_seq_id 
_struct_conf.pdbx_end_PDB_ins_code 
_struct_conf.beg_auth_comp_id 
_struct_conf.beg_auth_asym_id 
_struct_conf.beg_auth_seq_id 
_struct_conf.end_auth_comp_id 
_struct_conf.end_auth_asym_id 
_struct_conf.end_auth_seq_id 
_struct_conf.pdbx_PDB_helix_class 
_struct_conf.details 
_struct_conf.pdbx_PDB_helix_length 
HELX_P HELX_P1 AA1 LYS A 34  ? THR A 48  ? LYS A 1868 THR A 1882 1 ? 15 
HELX_P HELX_P2 AA2 HIS A 49  ? LEU A 56  ? HIS A 1883 LEU A 1890 5 ? 8  
HELX_P HELX_P3 AA3 GLY A 66  ? ILE A 71  ? GLY A 1900 ILE A 1905 1 ? 6  
HELX_P HELX_P4 AA4 ASP A 76  ? SER A 86  ? ASP A 1910 SER A 1920 1 ? 11 
HELX_P HELX_P5 AA5 ASN A 91  ? ASN A 110 ? ASN A 1925 ASN A 1944 1 ? 20 
HELX_P HELX_P6 AA6 SER A 114 ? LYS A 136 ? SER A 1948 LYS A 1970 1 ? 23 
# 
_struct_conf_type.id          HELX_P 
_struct_conf_type.criteria    ? 
_struct_conf_type.reference   ? 
# 
loop_
_struct_site.id 
_struct_site.pdbx_evidence_code 
_struct_site.pdbx_auth_asym_id 
_struct_site.pdbx_auth_comp_id 
_struct_site.pdbx_auth_seq_id 
_struct_site.pdbx_auth_ins_code 
_struct_site.pdbx_num_residues 
_struct_site.details 
AC1 Software A EDO 2001 ? 3 'binding site for residue EDO A 2001' 
AC2 Software A EDO 2002 ? 2 'binding site for residue EDO A 2002' 
AC3 Software A EDO 2003 ? 2 'binding site for residue EDO A 2003' 
AC4 Software A ES1 2004 ? 9 'binding site for residue ES1 A 2004' 
# 
loop_
_struct_site_gen.id 
_struct_site_gen.site_id 
_struct_site_gen.pdbx_num_res 
_struct_site_gen.label_comp_id 
_struct_site_gen.label_asym_id 
_struct_site_gen.label_seq_id 
_struct_site_gen.pdbx_auth_ins_code 
_struct_site_gen.auth_comp_id 
_struct_site_gen.auth_asym_id 
_struct_site_gen.auth_seq_id 
_struct_site_gen.label_atom_id 
_struct_site_gen.label_alt_id 
_struct_site_gen.symmetry 
_struct_site_gen.details 
1  AC1 3 ASN A 110 ? ASN A 1944 . ? 1_555 ? 
2  AC1 3 ES1 E .   ? ES1 A 2004 . ? 1_555 ? 
3  AC1 3 HOH F .   ? HOH A 2104 . ? 1_555 ? 
4  AC2 2 GLU A 45  ? GLU A 1879 . ? 1_555 ? 
5  AC2 2 THR A 134 ? THR A 1968 . ? 1_555 ? 
6  AC3 2 HIS A 49  ? HIS A 1883 . ? 1_555 ? 
7  AC3 2 GLU A 50  ? GLU A 1884 . ? 1_555 ? 
8  AC4 9 PRO A 54  ? PRO A 1888 . ? 1_555 ? 
9  AC4 9 TYR A 67  ? TYR A 1901 . ? 1_555 ? 
10 AC4 9 ASN A 110 ? ASN A 1944 . ? 1_555 ? 
11 AC4 9 EDO B .   ? EDO A 2001 . ? 1_555 ? 
12 AC4 9 HOH F .   ? HOH A 2104 . ? 1_555 ? 
13 AC4 9 HOH F .   ? HOH A 2190 . ? 1_555 ? 
14 AC4 9 HOH F .   ? HOH A 2235 . ? 1_555 ? 
15 AC4 9 HOH F .   ? HOH A 2245 . ? 1_555 ? 
16 AC4 9 HOH F .   ? HOH A 2249 . ? 1_555 ? 
# 
loop_
_pdbx_validate_close_contact.id 
_pdbx_validate_close_contact.PDB_model_num 
_pdbx_validate_close_contact.auth_atom_id_1 
_pdbx_validate_close_contact.auth_asym_id_1 
_pdbx_validate_close_contact.auth_comp_id_1 
_pdbx_validate_close_contact.auth_seq_id_1 
_pdbx_validate_close_contact.PDB_ins_code_1 
_pdbx_validate_close_contact.label_alt_id_1 
_pdbx_validate_close_contact.auth_atom_id_2 
_pdbx_validate_close_contact.auth_asym_id_2 
_pdbx_validate_close_contact.auth_comp_id_2 
_pdbx_validate_close_contact.auth_seq_id_2 
_pdbx_validate_close_contact.PDB_ins_code_2 
_pdbx_validate_close_contact.label_alt_id_2 
_pdbx_validate_close_contact.dist 
1 1 O A HOH 2218 ? ? O A HOH 2276 ? ? 2.10 
2 1 O A HOH 2192 ? ? O A HOH 2203 ? ? 2.18 
# 
_pdbx_validate_symm_contact.id                1 
_pdbx_validate_symm_contact.PDB_model_num     1 
_pdbx_validate_symm_contact.auth_atom_id_1    O 
_pdbx_validate_symm_contact.auth_asym_id_1    A 
_pdbx_validate_symm_contact.auth_comp_id_1    HOH 
_pdbx_validate_symm_contact.auth_seq_id_1     2229 
_pdbx_validate_symm_contact.PDB_ins_code_1    ? 
_pdbx_validate_symm_contact.label_alt_id_1    ? 
_pdbx_validate_symm_contact.site_symmetry_1   1_555 
_pdbx_validate_symm_contact.auth_atom_id_2    O 
_pdbx_validate_symm_contact.auth_asym_id_2    A 
_pdbx_validate_symm_contact.auth_comp_id_2    HOH 
_pdbx_validate_symm_contact.auth_seq_id_2     2251 
_pdbx_validate_symm_contact.PDB_ins_code_2    ? 
_pdbx_validate_symm_contact.label_alt_id_2    ? 
_pdbx_validate_symm_contact.site_symmetry_2   4_566 
_pdbx_validate_symm_contact.dist              2.18 
# 
loop_
_pdbx_validate_torsion.id 
_pdbx_validate_torsion.PDB_model_num 
_pdbx_validate_torsion.auth_comp_id 
_pdbx_validate_torsion.auth_asym_id 
_pdbx_validate_torsion.auth_seq_id 
_pdbx_validate_torsion.PDB_ins_code 
_pdbx_validate_torsion.label_alt_id 
_pdbx_validate_torsion.phi 
_pdbx_validate_torsion.psi 
1 1 ASP A 1947 ? ? -100.36 58.53 
2 1 ASP A 1947 ? ? -103.54 62.58 
# 
_phasing.method   MR 
# 
_pdbx_entry_details.nonpolymer_details       
;<BAZ2BA-x529>
<used_for_statistical_map>yes</used_for_statistical_map>
<smiles_of_compound_added>c1ccc2c(c1)c(ccn2)O</smiles_of_compound_added>
<site1>
<label>None</label>
<coordinate>13.74 37.93 37.93</coordinate>
<smiles>c1ccc2c(c1)c(ccn2)O</smiles>
<confidence>4 - High Confidence</confidence>
<comment>None</comment>
<occupancy>0.61</occupancy>
<B_average>32.85636363636363</B_average>
<B_ratio>1.0729803046070092</B_ratio>
<RSCC>0.97499999999999998</RSCC>
<RSR>0.099000000000000005</RSR>
<RSZD>1.2</RSZD>
<RMSD>0.21645427818699847</RMSD>
</site1>
</BAZ2BA-x529>
;
_pdbx_entry_details.entry_id                 5PBB 
_pdbx_entry_details.compound_details         ? 
_pdbx_entry_details.source_details           ? 
_pdbx_entry_details.sequence_details         ? 
_pdbx_entry_details.has_ligand_of_interest   ? 
# 
loop_
_pdbx_distant_solvent_atoms.id 
_pdbx_distant_solvent_atoms.PDB_model_num 
_pdbx_distant_solvent_atoms.auth_atom_id 
_pdbx_distant_solvent_atoms.label_alt_id 
_pdbx_distant_solvent_atoms.auth_asym_id 
_pdbx_distant_solvent_atoms.auth_comp_id 
_pdbx_distant_solvent_atoms.auth_seq_id 
_pdbx_distant_solvent_atoms.PDB_ins_code 
_pdbx_distant_solvent_atoms.neighbor_macromolecule_distance 
_pdbx_distant_solvent_atoms.neighbor_ligand_distance 
1 1 O ? A HOH 2298 ? 5.93 .    
2 1 O ? A HOH 2299 ? .    6.33 
3 1 O ? A HOH 2300 ? 6.90 .    
4 1 O ? A HOH 2301 ? 7.48 .    
5 1 O ? A HOH 2302 ? 8.12 .    
# 
loop_
_pdbx_unobs_or_zero_occ_residues.id 
_pdbx_unobs_or_zero_occ_residues.PDB_model_num 
_pdbx_unobs_or_zero_occ_residues.polymer_flag 
_pdbx_unobs_or_zero_occ_residues.occupancy_flag 
_pdbx_unobs_or_zero_occ_residues.auth_asym_id 
_pdbx_unobs_or_zero_occ_residues.auth_comp_id 
_pdbx_unobs_or_zero_occ_residues.auth_seq_id 
_pdbx_unobs_or_zero_occ_residues.PDB_ins_code 
_pdbx_unobs_or_zero_occ_residues.label_asym_id 
_pdbx_unobs_or_zero_occ_residues.label_comp_id 
_pdbx_unobs_or_zero_occ_residues.label_seq_id 
1  1 Y 1 A MET 1835 ? A MET 1   
2  1 Y 1 A HIS 1836 ? A HIS 2   
3  1 Y 1 A HIS 1837 ? A HIS 3   
4  1 Y 1 A HIS 1838 ? A HIS 4   
5  1 Y 1 A HIS 1839 ? A HIS 5   
6  1 Y 1 A HIS 1840 ? A HIS 6   
7  1 Y 1 A HIS 1841 ? A HIS 7   
8  1 Y 1 A SER 1842 ? A SER 8   
9  1 Y 1 A SER 1843 ? A SER 9   
10 1 Y 1 A GLY 1844 ? A GLY 10  
11 1 Y 1 A VAL 1845 ? A VAL 11  
12 1 Y 1 A ASP 1846 ? A ASP 12  
13 1 Y 1 A LEU 1847 ? A LEU 13  
14 1 Y 1 A GLY 1848 ? A GLY 14  
15 1 Y 1 A THR 1849 ? A THR 15  
16 1 Y 1 A GLU 1850 ? A GLU 16  
17 1 Y 1 A ASN 1851 ? A ASN 17  
18 1 Y 1 A LEU 1852 ? A LEU 18  
19 1 Y 1 A TYR 1853 ? A TYR 19  
20 1 Y 1 A PHE 1854 ? A PHE 20  
21 1 Y 1 A GLN 1855 ? A GLN 21  
22 1 Y 1 A VAL 1971 ? A VAL 137 
23 1 Y 1 A SER 1972 ? A SER 138 
# 
loop_
_chem_comp_atom.comp_id 
_chem_comp_atom.atom_id 
_chem_comp_atom.type_symbol 
_chem_comp_atom.pdbx_aromatic_flag 
_chem_comp_atom.pdbx_stereo_config 
_chem_comp_atom.pdbx_ordinal 
ALA N    N N N 1   
ALA CA   C N S 2   
ALA C    C N N 3   
ALA O    O N N 4   
ALA CB   C N N 5   
ALA OXT  O N N 6   
ALA H    H N N 7   
ALA H2   H N N 8   
ALA HA   H N N 9   
ALA HB1  H N N 10  
ALA HB2  H N N 11  
ALA HB3  H N N 12  
ALA HXT  H N N 13  
ARG N    N N N 14  
ARG CA   C N S 15  
ARG C    C N N 16  
ARG O    O N N 17  
ARG CB   C N N 18  
ARG CG   C N N 19  
ARG CD   C N N 20  
ARG NE   N N N 21  
ARG CZ   C N N 22  
ARG NH1  N N N 23  
ARG NH2  N N N 24  
ARG OXT  O N N 25  
ARG H    H N N 26  
ARG H2   H N N 27  
ARG HA   H N N 28  
ARG HB2  H N N 29  
ARG HB3  H N N 30  
ARG HG2  H N N 31  
ARG HG3  H N N 32  
ARG HD2  H N N 33  
ARG HD3  H N N 34  
ARG HE   H N N 35  
ARG HH11 H N N 36  
ARG HH12 H N N 37  
ARG HH21 H N N 38  
ARG HH22 H N N 39  
ARG HXT  H N N 40  
ASN N    N N N 41  
ASN CA   C N S 42  
ASN C    C N N 43  
ASN O    O N N 44  
ASN CB   C N N 45  
ASN CG   C N N 46  
ASN OD1  O N N 47  
ASN ND2  N N N 48  
ASN OXT  O N N 49  
ASN H    H N N 50  
ASN H2   H N N 51  
ASN HA   H N N 52  
ASN HB2  H N N 53  
ASN HB3  H N N 54  
ASN HD21 H N N 55  
ASN HD22 H N N 56  
ASN HXT  H N N 57  
ASP N    N N N 58  
ASP CA   C N S 59  
ASP C    C N N 60  
ASP O    O N N 61  
ASP CB   C N N 62  
ASP CG   C N N 63  
ASP OD1  O N N 64  
ASP OD2  O N N 65  
ASP OXT  O N N 66  
ASP H    H N N 67  
ASP H2   H N N 68  
ASP HA   H N N 69  
ASP HB2  H N N 70  
ASP HB3  H N N 71  
ASP HD2  H N N 72  
ASP HXT  H N N 73  
CYS N    N N N 74  
CYS CA   C N R 75  
CYS C    C N N 76  
CYS O    O N N 77  
CYS CB   C N N 78  
CYS SG   S N N 79  
CYS OXT  O N N 80  
CYS H    H N N 81  
CYS H2   H N N 82  
CYS HA   H N N 83  
CYS HB2  H N N 84  
CYS HB3  H N N 85  
CYS HG   H N N 86  
CYS HXT  H N N 87  
EDO C1   C N N 88  
EDO O1   O N N 89  
EDO C2   C N N 90  
EDO O2   O N N 91  
EDO H11  H N N 92  
EDO H12  H N N 93  
EDO HO1  H N N 94  
EDO H21  H N N 95  
EDO H22  H N N 96  
EDO HO2  H N N 97  
ES1 O01  O N N 98  
ES1 CAD  C Y N 99  
ES1 CAE  C Y N 100 
ES1 CAF  C Y N 101 
ES1 CAG  C Y N 102 
ES1 NAH  N Y N 103 
ES1 CAI  C Y N 104 
ES1 CAJ  C Y N 105 
ES1 CAK  C Y N 106 
ES1 CAL  C Y N 107 
ES1 CAM  C Y N 108 
ES1 HO01 H N N 109 
ES1 HAD  H N N 110 
ES1 HAE  H N N 111 
ES1 HAG  H N N 112 
ES1 HAI  H N N 113 
ES1 HAJ  H N N 114 
ES1 HAK  H N N 115 
GLN N    N N N 116 
GLN CA   C N S 117 
GLN C    C N N 118 
GLN O    O N N 119 
GLN CB   C N N 120 
GLN CG   C N N 121 
GLN CD   C N N 122 
GLN OE1  O N N 123 
GLN NE2  N N N 124 
GLN OXT  O N N 125 
GLN H    H N N 126 
GLN H2   H N N 127 
GLN HA   H N N 128 
GLN HB2  H N N 129 
GLN HB3  H N N 130 
GLN HG2  H N N 131 
GLN HG3  H N N 132 
GLN HE21 H N N 133 
GLN HE22 H N N 134 
GLN HXT  H N N 135 
GLU N    N N N 136 
GLU CA   C N S 137 
GLU C    C N N 138 
GLU O    O N N 139 
GLU CB   C N N 140 
GLU CG   C N N 141 
GLU CD   C N N 142 
GLU OE1  O N N 143 
GLU OE2  O N N 144 
GLU OXT  O N N 145 
GLU H    H N N 146 
GLU H2   H N N 147 
GLU HA   H N N 148 
GLU HB2  H N N 149 
GLU HB3  H N N 150 
GLU HG2  H N N 151 
GLU HG3  H N N 152 
GLU HE2  H N N 153 
GLU HXT  H N N 154 
GLY N    N N N 155 
GLY CA   C N N 156 
GLY C    C N N 157 
GLY O    O N N 158 
GLY OXT  O N N 159 
GLY H    H N N 160 
GLY H2   H N N 161 
GLY HA2  H N N 162 
GLY HA3  H N N 163 
GLY HXT  H N N 164 
HIS N    N N N 165 
HIS CA   C N S 166 
HIS C    C N N 167 
HIS O    O N N 168 
HIS CB   C N N 169 
HIS CG   C Y N 170 
HIS ND1  N Y N 171 
HIS CD2  C Y N 172 
HIS CE1  C Y N 173 
HIS NE2  N Y N 174 
HIS OXT  O N N 175 
HIS H    H N N 176 
HIS H2   H N N 177 
HIS HA   H N N 178 
HIS HB2  H N N 179 
HIS HB3  H N N 180 
HIS HD1  H N N 181 
HIS HD2  H N N 182 
HIS HE1  H N N 183 
HIS HE2  H N N 184 
HIS HXT  H N N 185 
HOH O    O N N 186 
HOH H1   H N N 187 
HOH H2   H N N 188 
ILE N    N N N 189 
ILE CA   C N S 190 
ILE C    C N N 191 
ILE O    O N N 192 
ILE CB   C N S 193 
ILE CG1  C N N 194 
ILE CG2  C N N 195 
ILE CD1  C N N 196 
ILE OXT  O N N 197 
ILE H    H N N 198 
ILE H2   H N N 199 
ILE HA   H N N 200 
ILE HB   H N N 201 
ILE HG12 H N N 202 
ILE HG13 H N N 203 
ILE HG21 H N N 204 
ILE HG22 H N N 205 
ILE HG23 H N N 206 
ILE HD11 H N N 207 
ILE HD12 H N N 208 
ILE HD13 H N N 209 
ILE HXT  H N N 210 
LEU N    N N N 211 
LEU CA   C N S 212 
LEU C    C N N 213 
LEU O    O N N 214 
LEU CB   C N N 215 
LEU CG   C N N 216 
LEU CD1  C N N 217 
LEU CD2  C N N 218 
LEU OXT  O N N 219 
LEU H    H N N 220 
LEU H2   H N N 221 
LEU HA   H N N 222 
LEU HB2  H N N 223 
LEU HB3  H N N 224 
LEU HG   H N N 225 
LEU HD11 H N N 226 
LEU HD12 H N N 227 
LEU HD13 H N N 228 
LEU HD21 H N N 229 
LEU HD22 H N N 230 
LEU HD23 H N N 231 
LEU HXT  H N N 232 
LYS N    N N N 233 
LYS CA   C N S 234 
LYS C    C N N 235 
LYS O    O N N 236 
LYS CB   C N N 237 
LYS CG   C N N 238 
LYS CD   C N N 239 
LYS CE   C N N 240 
LYS NZ   N N N 241 
LYS OXT  O N N 242 
LYS H    H N N 243 
LYS H2   H N N 244 
LYS HA   H N N 245 
LYS HB2  H N N 246 
LYS HB3  H N N 247 
LYS HG2  H N N 248 
LYS HG3  H N N 249 
LYS HD2  H N N 250 
LYS HD3  H N N 251 
LYS HE2  H N N 252 
LYS HE3  H N N 253 
LYS HZ1  H N N 254 
LYS HZ2  H N N 255 
LYS HZ3  H N N 256 
LYS HXT  H N N 257 
MET N    N N N 258 
MET CA   C N S 259 
MET C    C N N 260 
MET O    O N N 261 
MET CB   C N N 262 
MET CG   C N N 263 
MET SD   S N N 264 
MET CE   C N N 265 
MET OXT  O N N 266 
MET H    H N N 267 
MET H2   H N N 268 
MET HA   H N N 269 
MET HB2  H N N 270 
MET HB3  H N N 271 
MET HG2  H N N 272 
MET HG3  H N N 273 
MET HE1  H N N 274 
MET HE2  H N N 275 
MET HE3  H N N 276 
MET HXT  H N N 277 
PHE N    N N N 278 
PHE CA   C N S 279 
PHE C    C N N 280 
PHE O    O N N 281 
PHE CB   C N N 282 
PHE CG   C Y N 283 
PHE CD1  C Y N 284 
PHE CD2  C Y N 285 
PHE CE1  C Y N 286 
PHE CE2  C Y N 287 
PHE CZ   C Y N 288 
PHE OXT  O N N 289 
PHE H    H N N 290 
PHE H2   H N N 291 
PHE HA   H N N 292 
PHE HB2  H N N 293 
PHE HB3  H N N 294 
PHE HD1  H N N 295 
PHE HD2  H N N 296 
PHE HE1  H N N 297 
PHE HE2  H N N 298 
PHE HZ   H N N 299 
PHE HXT  H N N 300 
PRO N    N N N 301 
PRO CA   C N S 302 
PRO C    C N N 303 
PRO O    O N N 304 
PRO CB   C N N 305 
PRO CG   C N N 306 
PRO CD   C N N 307 
PRO OXT  O N N 308 
PRO H    H N N 309 
PRO HA   H N N 310 
PRO HB2  H N N 311 
PRO HB3  H N N 312 
PRO HG2  H N N 313 
PRO HG3  H N N 314 
PRO HD2  H N N 315 
PRO HD3  H N N 316 
PRO HXT  H N N 317 
SER N    N N N 318 
SER CA   C N S 319 
SER C    C N N 320 
SER O    O N N 321 
SER CB   C N N 322 
SER OG   O N N 323 
SER OXT  O N N 324 
SER H    H N N 325 
SER H2   H N N 326 
SER HA   H N N 327 
SER HB2  H N N 328 
SER HB3  H N N 329 
SER HG   H N N 330 
SER HXT  H N N 331 
THR N    N N N 332 
THR CA   C N S 333 
THR C    C N N 334 
THR O    O N N 335 
THR CB   C N R 336 
THR OG1  O N N 337 
THR CG2  C N N 338 
THR OXT  O N N 339 
THR H    H N N 340 
THR H2   H N N 341 
THR HA   H N N 342 
THR HB   H N N 343 
THR HG1  H N N 344 
THR HG21 H N N 345 
THR HG22 H N N 346 
THR HG23 H N N 347 
THR HXT  H N N 348 
TRP N    N N N 349 
TRP CA   C N S 350 
TRP C    C N N 351 
TRP O    O N N 352 
TRP CB   C N N 353 
TRP CG   C Y N 354 
TRP CD1  C Y N 355 
TRP CD2  C Y N 356 
TRP NE1  N Y N 357 
TRP CE2  C Y N 358 
TRP CE3  C Y N 359 
TRP CZ2  C Y N 360 
TRP CZ3  C Y N 361 
TRP CH2  C Y N 362 
TRP OXT  O N N 363 
TRP H    H N N 364 
TRP H2   H N N 365 
TRP HA   H N N 366 
TRP HB2  H N N 367 
TRP HB3  H N N 368 
TRP HD1  H N N 369 
TRP HE1  H N N 370 
TRP HE3  H N N 371 
TRP HZ2  H N N 372 
TRP HZ3  H N N 373 
TRP HH2  H N N 374 
TRP HXT  H N N 375 
TYR N    N N N 376 
TYR CA   C N S 377 
TYR C    C N N 378 
TYR O    O N N 379 
TYR CB   C N N 380 
TYR CG   C Y N 381 
TYR CD1  C Y N 382 
TYR CD2  C Y N 383 
TYR CE1  C Y N 384 
TYR CE2  C Y N 385 
TYR CZ   C Y N 386 
TYR OH   O N N 387 
TYR OXT  O N N 388 
TYR H    H N N 389 
TYR H2   H N N 390 
TYR HA   H N N 391 
TYR HB2  H N N 392 
TYR HB3  H N N 393 
TYR HD1  H N N 394 
TYR HD2  H N N 395 
TYR HE1  H N N 396 
TYR HE2  H N N 397 
TYR HH   H N N 398 
TYR HXT  H N N 399 
VAL N    N N N 400 
VAL CA   C N S 401 
VAL C    C N N 402 
VAL O    O N N 403 
VAL CB   C N N 404 
VAL CG1  C N N 405 
VAL CG2  C N N 406 
VAL OXT  O N N 407 
VAL H    H N N 408 
VAL H2   H N N 409 
VAL HA   H N N 410 
VAL HB   H N N 411 
VAL HG11 H N N 412 
VAL HG12 H N N 413 
VAL HG13 H N N 414 
VAL HG21 H N N 415 
VAL HG22 H N N 416 
VAL HG23 H N N 417 
VAL HXT  H N N 418 
# 
loop_
_chem_comp_bond.comp_id 
_chem_comp_bond.atom_id_1 
_chem_comp_bond.atom_id_2 
_chem_comp_bond.value_order 
_chem_comp_bond.pdbx_aromatic_flag 
_chem_comp_bond.pdbx_stereo_config 
_chem_comp_bond.pdbx_ordinal 
ALA N   CA   sing N N 1   
ALA N   H    sing N N 2   
ALA N   H2   sing N N 3   
ALA CA  C    sing N N 4   
ALA CA  CB   sing N N 5   
ALA CA  HA   sing N N 6   
ALA C   O    doub N N 7   
ALA C   OXT  sing N N 8   
ALA CB  HB1  sing N N 9   
ALA CB  HB2  sing N N 10  
ALA CB  HB3  sing N N 11  
ALA OXT HXT  sing N N 12  
ARG N   CA   sing N N 13  
ARG N   H    sing N N 14  
ARG N   H2   sing N N 15  
ARG CA  C    sing N N 16  
ARG CA  CB   sing N N 17  
ARG CA  HA   sing N N 18  
ARG C   O    doub N N 19  
ARG C   OXT  sing N N 20  
ARG CB  CG   sing N N 21  
ARG CB  HB2  sing N N 22  
ARG CB  HB3  sing N N 23  
ARG CG  CD   sing N N 24  
ARG CG  HG2  sing N N 25  
ARG CG  HG3  sing N N 26  
ARG CD  NE   sing N N 27  
ARG CD  HD2  sing N N 28  
ARG CD  HD3  sing N N 29  
ARG NE  CZ   sing N N 30  
ARG NE  HE   sing N N 31  
ARG CZ  NH1  sing N N 32  
ARG CZ  NH2  doub N N 33  
ARG NH1 HH11 sing N N 34  
ARG NH1 HH12 sing N N 35  
ARG NH2 HH21 sing N N 36  
ARG NH2 HH22 sing N N 37  
ARG OXT HXT  sing N N 38  
ASN N   CA   sing N N 39  
ASN N   H    sing N N 40  
ASN N   H2   sing N N 41  
ASN CA  C    sing N N 42  
ASN CA  CB   sing N N 43  
ASN CA  HA   sing N N 44  
ASN C   O    doub N N 45  
ASN C   OXT  sing N N 46  
ASN CB  CG   sing N N 47  
ASN CB  HB2  sing N N 48  
ASN CB  HB3  sing N N 49  
ASN CG  OD1  doub N N 50  
ASN CG  ND2  sing N N 51  
ASN ND2 HD21 sing N N 52  
ASN ND2 HD22 sing N N 53  
ASN OXT HXT  sing N N 54  
ASP N   CA   sing N N 55  
ASP N   H    sing N N 56  
ASP N   H2   sing N N 57  
ASP CA  C    sing N N 58  
ASP CA  CB   sing N N 59  
ASP CA  HA   sing N N 60  
ASP C   O    doub N N 61  
ASP C   OXT  sing N N 62  
ASP CB  CG   sing N N 63  
ASP CB  HB2  sing N N 64  
ASP CB  HB3  sing N N 65  
ASP CG  OD1  doub N N 66  
ASP CG  OD2  sing N N 67  
ASP OD2 HD2  sing N N 68  
ASP OXT HXT  sing N N 69  
CYS N   CA   sing N N 70  
CYS N   H    sing N N 71  
CYS N   H2   sing N N 72  
CYS CA  C    sing N N 73  
CYS CA  CB   sing N N 74  
CYS CA  HA   sing N N 75  
CYS C   O    doub N N 76  
CYS C   OXT  sing N N 77  
CYS CB  SG   sing N N 78  
CYS CB  HB2  sing N N 79  
CYS CB  HB3  sing N N 80  
CYS SG  HG   sing N N 81  
CYS OXT HXT  sing N N 82  
EDO C1  O1   sing N N 83  
EDO C1  C2   sing N N 84  
EDO C1  H11  sing N N 85  
EDO C1  H12  sing N N 86  
EDO O1  HO1  sing N N 87  
EDO C2  O2   sing N N 88  
EDO C2  H21  sing N N 89  
EDO C2  H22  sing N N 90  
EDO O2  HO2  sing N N 91  
ES1 O01 CAF  sing N N 92  
ES1 CAD CAE  doub Y N 93  
ES1 CAD CAF  sing Y N 94  
ES1 CAE NAH  sing Y N 95  
ES1 CAF CAL  doub Y N 96  
ES1 CAG CAI  doub Y N 97  
ES1 CAG CAK  sing Y N 98  
ES1 NAH CAM  doub Y N 99  
ES1 CAI CAL  sing Y N 100 
ES1 CAJ CAK  doub Y N 101 
ES1 CAJ CAM  sing Y N 102 
ES1 CAL CAM  sing Y N 103 
ES1 O01 HO01 sing N N 104 
ES1 CAD HAD  sing N N 105 
ES1 CAE HAE  sing N N 106 
ES1 CAG HAG  sing N N 107 
ES1 CAI HAI  sing N N 108 
ES1 CAJ HAJ  sing N N 109 
ES1 CAK HAK  sing N N 110 
GLN N   CA   sing N N 111 
GLN N   H    sing N N 112 
GLN N   H2   sing N N 113 
GLN CA  C    sing N N 114 
GLN CA  CB   sing N N 115 
GLN CA  HA   sing N N 116 
GLN C   O    doub N N 117 
GLN C   OXT  sing N N 118 
GLN CB  CG   sing N N 119 
GLN CB  HB2  sing N N 120 
GLN CB  HB3  sing N N 121 
GLN CG  CD   sing N N 122 
GLN CG  HG2  sing N N 123 
GLN CG  HG3  sing N N 124 
GLN CD  OE1  doub N N 125 
GLN CD  NE2  sing N N 126 
GLN NE2 HE21 sing N N 127 
GLN NE2 HE22 sing N N 128 
GLN OXT HXT  sing N N 129 
GLU N   CA   sing N N 130 
GLU N   H    sing N N 131 
GLU N   H2   sing N N 132 
GLU CA  C    sing N N 133 
GLU CA  CB   sing N N 134 
GLU CA  HA   sing N N 135 
GLU C   O    doub N N 136 
GLU C   OXT  sing N N 137 
GLU CB  CG   sing N N 138 
GLU CB  HB2  sing N N 139 
GLU CB  HB3  sing N N 140 
GLU CG  CD   sing N N 141 
GLU CG  HG2  sing N N 142 
GLU CG  HG3  sing N N 143 
GLU CD  OE1  doub N N 144 
GLU CD  OE2  sing N N 145 
GLU OE2 HE2  sing N N 146 
GLU OXT HXT  sing N N 147 
GLY N   CA   sing N N 148 
GLY N   H    sing N N 149 
GLY N   H2   sing N N 150 
GLY CA  C    sing N N 151 
GLY CA  HA2  sing N N 152 
GLY CA  HA3  sing N N 153 
GLY C   O    doub N N 154 
GLY C   OXT  sing N N 155 
GLY OXT HXT  sing N N 156 
HIS N   CA   sing N N 157 
HIS N   H    sing N N 158 
HIS N   H2   sing N N 159 
HIS CA  C    sing N N 160 
HIS CA  CB   sing N N 161 
HIS CA  HA   sing N N 162 
HIS C   O    doub N N 163 
HIS C   OXT  sing N N 164 
HIS CB  CG   sing N N 165 
HIS CB  HB2  sing N N 166 
HIS CB  HB3  sing N N 167 
HIS CG  ND1  sing Y N 168 
HIS CG  CD2  doub Y N 169 
HIS ND1 CE1  doub Y N 170 
HIS ND1 HD1  sing N N 171 
HIS CD2 NE2  sing Y N 172 
HIS CD2 HD2  sing N N 173 
HIS CE1 NE2  sing Y N 174 
HIS CE1 HE1  sing N N 175 
HIS NE2 HE2  sing N N 176 
HIS OXT HXT  sing N N 177 
HOH O   H1   sing N N 178 
HOH O   H2   sing N N 179 
ILE N   CA   sing N N 180 
ILE N   H    sing N N 181 
ILE N   H2   sing N N 182 
ILE CA  C    sing N N 183 
ILE CA  CB   sing N N 184 
ILE CA  HA   sing N N 185 
ILE C   O    doub N N 186 
ILE C   OXT  sing N N 187 
ILE CB  CG1  sing N N 188 
ILE CB  CG2  sing N N 189 
ILE CB  HB   sing N N 190 
ILE CG1 CD1  sing N N 191 
ILE CG1 HG12 sing N N 192 
ILE CG1 HG13 sing N N 193 
ILE CG2 HG21 sing N N 194 
ILE CG2 HG22 sing N N 195 
ILE CG2 HG23 sing N N 196 
ILE CD1 HD11 sing N N 197 
ILE CD1 HD12 sing N N 198 
ILE CD1 HD13 sing N N 199 
ILE OXT HXT  sing N N 200 
LEU N   CA   sing N N 201 
LEU N   H    sing N N 202 
LEU N   H2   sing N N 203 
LEU CA  C    sing N N 204 
LEU CA  CB   sing N N 205 
LEU CA  HA   sing N N 206 
LEU C   O    doub N N 207 
LEU C   OXT  sing N N 208 
LEU CB  CG   sing N N 209 
LEU CB  HB2  sing N N 210 
LEU CB  HB3  sing N N 211 
LEU CG  CD1  sing N N 212 
LEU CG  CD2  sing N N 213 
LEU CG  HG   sing N N 214 
LEU CD1 HD11 sing N N 215 
LEU CD1 HD12 sing N N 216 
LEU CD1 HD13 sing N N 217 
LEU CD2 HD21 sing N N 218 
LEU CD2 HD22 sing N N 219 
LEU CD2 HD23 sing N N 220 
LEU OXT HXT  sing N N 221 
LYS N   CA   sing N N 222 
LYS N   H    sing N N 223 
LYS N   H2   sing N N 224 
LYS CA  C    sing N N 225 
LYS CA  CB   sing N N 226 
LYS CA  HA   sing N N 227 
LYS C   O    doub N N 228 
LYS C   OXT  sing N N 229 
LYS CB  CG   sing N N 230 
LYS CB  HB2  sing N N 231 
LYS CB  HB3  sing N N 232 
LYS CG  CD   sing N N 233 
LYS CG  HG2  sing N N 234 
LYS CG  HG3  sing N N 235 
LYS CD  CE   sing N N 236 
LYS CD  HD2  sing N N 237 
LYS CD  HD3  sing N N 238 
LYS CE  NZ   sing N N 239 
LYS CE  HE2  sing N N 240 
LYS CE  HE3  sing N N 241 
LYS NZ  HZ1  sing N N 242 
LYS NZ  HZ2  sing N N 243 
LYS NZ  HZ3  sing N N 244 
LYS OXT HXT  sing N N 245 
MET N   CA   sing N N 246 
MET N   H    sing N N 247 
MET N   H2   sing N N 248 
MET CA  C    sing N N 249 
MET CA  CB   sing N N 250 
MET CA  HA   sing N N 251 
MET C   O    doub N N 252 
MET C   OXT  sing N N 253 
MET CB  CG   sing N N 254 
MET CB  HB2  sing N N 255 
MET CB  HB3  sing N N 256 
MET CG  SD   sing N N 257 
MET CG  HG2  sing N N 258 
MET CG  HG3  sing N N 259 
MET SD  CE   sing N N 260 
MET CE  HE1  sing N N 261 
MET CE  HE2  sing N N 262 
MET CE  HE3  sing N N 263 
MET OXT HXT  sing N N 264 
PHE N   CA   sing N N 265 
PHE N   H    sing N N 266 
PHE N   H2   sing N N 267 
PHE CA  C    sing N N 268 
PHE CA  CB   sing N N 269 
PHE CA  HA   sing N N 270 
PHE C   O    doub N N 271 
PHE C   OXT  sing N N 272 
PHE CB  CG   sing N N 273 
PHE CB  HB2  sing N N 274 
PHE CB  HB3  sing N N 275 
PHE CG  CD1  doub Y N 276 
PHE CG  CD2  sing Y N 277 
PHE CD1 CE1  sing Y N 278 
PHE CD1 HD1  sing N N 279 
PHE CD2 CE2  doub Y N 280 
PHE CD2 HD2  sing N N 281 
PHE CE1 CZ   doub Y N 282 
PHE CE1 HE1  sing N N 283 
PHE CE2 CZ   sing Y N 284 
PHE CE2 HE2  sing N N 285 
PHE CZ  HZ   sing N N 286 
PHE OXT HXT  sing N N 287 
PRO N   CA   sing N N 288 
PRO N   CD   sing N N 289 
PRO N   H    sing N N 290 
PRO CA  C    sing N N 291 
PRO CA  CB   sing N N 292 
PRO CA  HA   sing N N 293 
PRO C   O    doub N N 294 
PRO C   OXT  sing N N 295 
PRO CB  CG   sing N N 296 
PRO CB  HB2  sing N N 297 
PRO CB  HB3  sing N N 298 
PRO CG  CD   sing N N 299 
PRO CG  HG2  sing N N 300 
PRO CG  HG3  sing N N 301 
PRO CD  HD2  sing N N 302 
PRO CD  HD3  sing N N 303 
PRO OXT HXT  sing N N 304 
SER N   CA   sing N N 305 
SER N   H    sing N N 306 
SER N   H2   sing N N 307 
SER CA  C    sing N N 308 
SER CA  CB   sing N N 309 
SER CA  HA   sing N N 310 
SER C   O    doub N N 311 
SER C   OXT  sing N N 312 
SER CB  OG   sing N N 313 
SER CB  HB2  sing N N 314 
SER CB  HB3  sing N N 315 
SER OG  HG   sing N N 316 
SER OXT HXT  sing N N 317 
THR N   CA   sing N N 318 
THR N   H    sing N N 319 
THR N   H2   sing N N 320 
THR CA  C    sing N N 321 
THR CA  CB   sing N N 322 
THR CA  HA   sing N N 323 
THR C   O    doub N N 324 
THR C   OXT  sing N N 325 
THR CB  OG1  sing N N 326 
THR CB  CG2  sing N N 327 
THR CB  HB   sing N N 328 
THR OG1 HG1  sing N N 329 
THR CG2 HG21 sing N N 330 
THR CG2 HG22 sing N N 331 
THR CG2 HG23 sing N N 332 
THR OXT HXT  sing N N 333 
TRP N   CA   sing N N 334 
TRP N   H    sing N N 335 
TRP N   H2   sing N N 336 
TRP CA  C    sing N N 337 
TRP CA  CB   sing N N 338 
TRP CA  HA   sing N N 339 
TRP C   O    doub N N 340 
TRP C   OXT  sing N N 341 
TRP CB  CG   sing N N 342 
TRP CB  HB2  sing N N 343 
TRP CB  HB3  sing N N 344 
TRP CG  CD1  doub Y N 345 
TRP CG  CD2  sing Y N 346 
TRP CD1 NE1  sing Y N 347 
TRP CD1 HD1  sing N N 348 
TRP CD2 CE2  doub Y N 349 
TRP CD2 CE3  sing Y N 350 
TRP NE1 CE2  sing Y N 351 
TRP NE1 HE1  sing N N 352 
TRP CE2 CZ2  sing Y N 353 
TRP CE3 CZ3  doub Y N 354 
TRP CE3 HE3  sing N N 355 
TRP CZ2 CH2  doub Y N 356 
TRP CZ2 HZ2  sing N N 357 
TRP CZ3 CH2  sing Y N 358 
TRP CZ3 HZ3  sing N N 359 
TRP CH2 HH2  sing N N 360 
TRP OXT HXT  sing N N 361 
TYR N   CA   sing N N 362 
TYR N   H    sing N N 363 
TYR N   H2   sing N N 364 
TYR CA  C    sing N N 365 
TYR CA  CB   sing N N 366 
TYR CA  HA   sing N N 367 
TYR C   O    doub N N 368 
TYR C   OXT  sing N N 369 
TYR CB  CG   sing N N 370 
TYR CB  HB2  sing N N 371 
TYR CB  HB3  sing N N 372 
TYR CG  CD1  doub Y N 373 
TYR CG  CD2  sing Y N 374 
TYR CD1 CE1  sing Y N 375 
TYR CD1 HD1  sing N N 376 
TYR CD2 CE2  doub Y N 377 
TYR CD2 HD2  sing N N 378 
TYR CE1 CZ   doub Y N 379 
TYR CE1 HE1  sing N N 380 
TYR CE2 CZ   sing Y N 381 
TYR CE2 HE2  sing N N 382 
TYR CZ  OH   sing N N 383 
TYR OH  HH   sing N N 384 
TYR OXT HXT  sing N N 385 
VAL N   CA   sing N N 386 
VAL N   H    sing N N 387 
VAL N   H2   sing N N 388 
VAL CA  C    sing N N 389 
VAL CA  CB   sing N N 390 
VAL CA  HA   sing N N 391 
VAL C   O    doub N N 392 
VAL C   OXT  sing N N 393 
VAL CB  CG1  sing N N 394 
VAL CB  CG2  sing N N 395 
VAL CB  HB   sing N N 396 
VAL CG1 HG11 sing N N 397 
VAL CG1 HG12 sing N N 398 
VAL CG1 HG13 sing N N 399 
VAL CG2 HG21 sing N N 400 
VAL CG2 HG22 sing N N 401 
VAL CG2 HG23 sing N N 402 
VAL OXT HXT  sing N N 403 
# 
_pdbx_deposit_group.group_id            G_1002018 
_pdbx_deposit_group.group_description   
;bromodomain of human BAZ2B screened against the ZENOBIA Fragment Library by X-ray Crystallography at the XChem
facility of Diamond Light Source beamline I04-1. Check out the PanDDA event maps at
https://zenodo.org/record/290199/files/0_index.html
;
_pdbx_deposit_group.group_title         'PanDDA analysis group deposition of models with modelled events (e.g. bound ligands)' 
_pdbx_deposit_group.group_type          'changed state' 
# 
_atom_sites.entry_id                    5PBB 
_atom_sites.fract_transf_matrix[1][1]   -0.01137861 
_atom_sites.fract_transf_matrix[1][2]   -0.00430935 
_atom_sites.fract_transf_matrix[1][3]   0.00020318 
_atom_sites.fract_transf_matrix[2][1]   -0.00336683 
_atom_sites.fract_transf_matrix[2][2]   0.00906005 
_atom_sites.fract_transf_matrix[2][3]   0.00360839 
_atom_sites.fract_transf_matrix[3][1]   -0.00238916 
_atom_sites.fract_transf_matrix[3][2]   0.00554673 
_atom_sites.fract_transf_matrix[3][3]   -0.01615609 
_atom_sites.fract_transf_vector[1]      0.287582 
_atom_sites.fract_transf_vector[2]      0.290821 
_atom_sites.fract_transf_vector[3]      0.465241 
# 
loop_
_atom_type.symbol 
C 
H 
N 
O 
S 
# 
loop_
_atom_site.group_PDB 
_atom_site.id 
_atom_site.type_symbol 
_atom_site.label_atom_id 
_atom_site.label_alt_id 
_atom_site.label_comp_id 
_atom_site.label_asym_id 
_atom_site.label_entity_id 
_atom_site.label_seq_id 
_atom_site.pdbx_PDB_ins_code 
_atom_site.Cartn_x 
_atom_site.Cartn_y 
_atom_site.Cartn_z 
_atom_site.occupancy 
_atom_site.B_iso_or_equiv 
_atom_site.pdbx_formal_charge 
_atom_site.auth_seq_id 
_atom_site.auth_comp_id 
_atom_site.auth_asym_id 
_atom_site.auth_atom_id 
_atom_site.pdbx_PDB_model_num 
ATOM   1    N N    . SER A 1 22  ? -22.038 -20.912 6.750   1.00 32.59 ? 1856 SER A N    1 
ATOM   2    C CA   . SER A 1 22  ? -22.549 -20.937 8.119   1.00 38.46 ? 1856 SER A CA   1 
ATOM   3    C C    . SER A 1 22  ? -21.980 -22.151 8.850   1.00 39.66 ? 1856 SER A C    1 
ATOM   4    O O    . SER A 1 22  ? -21.126 -22.855 8.309   1.00 34.79 ? 1856 SER A O    1 
ATOM   5    C CB   . SER A 1 22  ? -24.083 -20.959 8.121   1.00 24.10 ? 1856 SER A CB   1 
ATOM   6    O OG   . SER A 1 22  ? -24.580 -22.223 7.709   1.00 28.60 ? 1856 SER A OG   1 
ATOM   7    N N    . MET A 1 23  ? -22.460 -22.405 10.068  1.00 34.36 ? 1857 MET A N    1 
ATOM   8    C CA   . MET A 1 23  ? -21.895 -23.456 10.913  1.00 31.84 ? 1857 MET A CA   1 
ATOM   9    C C    . MET A 1 23  ? -21.828 -24.818 10.216  1.00 35.27 ? 1857 MET A C    1 
ATOM   10   O O    . MET A 1 23  ? -22.854 -25.388 9.838   1.00 30.60 ? 1857 MET A O    1 
ATOM   11   C CB   . MET A 1 23  ? -22.699 -23.589 12.216  1.00 32.52 ? 1857 MET A CB   1 
ATOM   12   C CG   . MET A 1 23  ? -21.971 -24.372 13.298  1.00 27.81 ? 1857 MET A CG   1 
ATOM   13   S SD   . MET A 1 23  ? -22.941 -24.730 14.795  1.00 29.05 ? 1857 MET A SD   1 
ATOM   14   C CE   . MET A 1 23  ? -23.879 -23.223 15.024  1.00 29.51 ? 1857 MET A CE   1 
ATOM   15   N N    . SER A 1 24  ? -20.610 -25.337 10.049  1.00 32.91 ? 1858 SER A N    1 
ATOM   16   C CA   . SER A 1 24  ? -20.393 -26.634 9.400   1.00 30.53 ? 1858 SER A CA   1 
ATOM   17   C C    . SER A 1 24  ? -20.767 -26.613 7.909   1.00 34.86 ? 1858 SER A C    1 
ATOM   18   O O    . SER A 1 24  ? -21.051 -27.655 7.313   1.00 41.53 ? 1858 SER A O    1 
ATOM   19   C CB   . SER A 1 24  ? -21.183 -27.742 10.105  1.00 35.08 ? 1858 SER A CB   1 
ATOM   20   O OG   . SER A 1 24  ? -20.869 -27.819 11.487  1.00 31.60 ? 1858 SER A OG   1 
ATOM   21   N N    . VAL A 1 25  ? -20.787 -25.425 7.321   1.00 31.15 ? 1859 VAL A N    1 
ATOM   22   C CA   . VAL A 1 25  ? -21.058 -25.274 5.888   1.00 36.97 ? 1859 VAL A CA   1 
ATOM   23   C C    . VAL A 1 25  ? -20.038 -24.317 5.298   1.00 39.73 ? 1859 VAL A C    1 
ATOM   24   O O    . VAL A 1 25  ? -20.187 -23.101 5.405   1.00 39.49 ? 1859 VAL A O    1 
ATOM   25   C CB   . VAL A 1 25  ? -22.476 -24.733 5.607   1.00 36.55 ? 1859 VAL A CB   1 
ATOM   26   C CG1  . VAL A 1 25  ? -22.683 -24.520 4.103   1.00 34.64 ? 1859 VAL A CG1  1 
ATOM   27   C CG2  . VAL A 1 25  ? -23.521 -25.674 6.162   1.00 29.95 ? 1859 VAL A CG2  1 
ATOM   28   N N    . LYS A 1 26  ? -18.996 -24.861 4.681   1.00 47.61 ? 1860 LYS A N    1 
ATOM   29   C CA   . LYS A 1 26  ? -17.904 -24.011 4.229   1.00 44.47 ? 1860 LYS A CA   1 
ATOM   30   C C    . LYS A 1 26  ? -17.766 -23.929 2.722   1.00 36.75 ? 1860 LYS A C    1 
ATOM   31   O O    . LYS A 1 26  ? -17.931 -24.926 2.017   1.00 35.46 ? 1860 LYS A O    1 
ATOM   32   C CB   . LYS A 1 26  ? -16.587 -24.488 4.841   1.00 55.45 ? 1860 LYS A CB   1 
ATOM   33   C CG   . LYS A 1 26  ? -16.401 -23.985 6.268   1.00 70.67 ? 1860 LYS A CG   1 
ATOM   34   C CD   . LYS A 1 26  ? -16.616 -22.468 6.327   1.00 68.97 ? 1860 LYS A CD   1 
ATOM   35   C CE   . LYS A 1 26  ? -16.782 -21.971 7.757   1.00 67.51 ? 1860 LYS A CE   1 
ATOM   36   N NZ   . LYS A 1 26  ? -17.956 -22.594 8.431   1.00 57.06 ? 1860 LYS A NZ   1 
ATOM   37   N N    . LYS A 1 27  ? -17.501 -22.710 2.254   1.00 38.72 ? 1861 LYS A N    1 
ATOM   38   C CA   . LYS A 1 27  ? -17.055 -22.436 0.896   1.00 44.43 ? 1861 LYS A CA   1 
ATOM   39   C C    . LYS A 1 27  ? -15.729 -23.109 0.615   1.00 44.33 ? 1861 LYS A C    1 
ATOM   40   O O    . LYS A 1 27  ? -14.904 -23.248 1.517   1.00 43.71 ? 1861 LYS A O    1 
ATOM   41   C CB   . LYS A 1 27  ? -16.856 -20.934 0.679   1.00 53.97 ? 1861 LYS A CB   1 
ATOM   42   C CG   . LYS A 1 27  ? -18.049 -20.109 0.276   1.00 55.61 ? 1861 LYS A CG   1 
ATOM   43   C CD   . LYS A 1 27  ? -17.549 -18.890 -0.508  1.00 56.16 ? 1861 LYS A CD   1 
ATOM   44   C CE   . LYS A 1 27  ? -18.512 -17.721 -0.474  1.00 45.87 ? 1861 LYS A CE   1 
ATOM   45   N NZ   . LYS A 1 27  ? -18.557 -17.095 0.875   1.00 58.71 ? 1861 LYS A NZ   1 
ATOM   46   N N    A PRO A 1 28  ? -15.491 -23.519 -0.642  0.44 47.30 ? 1862 PRO A N    1 
ATOM   47   N N    B PRO A 1 28  ? -15.526 -23.527 -0.637  0.56 47.32 ? 1862 PRO A N    1 
ATOM   48   C CA   A PRO A 1 28  ? -14.233 -24.182 -1.028  0.44 47.23 ? 1862 PRO A CA   1 
ATOM   49   C CA   B PRO A 1 28  ? -14.139 -23.681 -1.057  0.56 49.09 ? 1862 PRO A CA   1 
ATOM   50   C C    A PRO A 1 28  ? -12.983 -23.383 -0.634  0.44 47.06 ? 1862 PRO A C    1 
ATOM   51   C C    B PRO A 1 28  ? -13.491 -22.306 -0.937  0.56 45.32 ? 1862 PRO A C    1 
ATOM   52   O O    A PRO A 1 28  ? -12.985 -22.160 -0.749  0.44 43.07 ? 1862 PRO A O    1 
ATOM   53   O O    B PRO A 1 28  ? -14.148 -21.303 -1.232  0.56 40.08 ? 1862 PRO A O    1 
ATOM   54   C CB   A PRO A 1 28  ? -14.353 -24.289 -2.551  0.44 48.56 ? 1862 PRO A CB   1 
ATOM   55   C CB   B PRO A 1 28  ? -14.251 -24.148 -2.510  0.56 48.48 ? 1862 PRO A CB   1 
ATOM   56   C CG   A PRO A 1 28  ? -15.830 -24.328 -2.800  0.44 48.84 ? 1862 PRO A CG   1 
ATOM   57   C CG   B PRO A 1 28  ? -15.629 -24.758 -2.604  0.56 49.55 ? 1862 PRO A CG   1 
ATOM   58   C CD   A PRO A 1 28  ? -16.436 -23.420 -1.767  0.44 46.54 ? 1862 PRO A CD   1 
ATOM   59   C CD   B PRO A 1 28  ? -16.481 -23.943 -1.678  0.56 46.49 ? 1862 PRO A CD   1 
ATOM   60   N N    A LYS A 1 29  ? -11.935 -24.070 -0.185  0.44 41.44 ? 1863 LYS A N    1 
ATOM   61   N N    B LYS A 1 29  ? -12.252 -22.254 -0.465  0.56 44.86 ? 1863 LYS A N    1 
ATOM   62   C CA   A LYS A 1 29  ? -10.764 -23.397 0.378   0.44 50.78 ? 1863 LYS A CA   1 
ATOM   63   C CA   B LYS A 1 29  ? -11.549 -20.985 -0.312  0.56 45.83 ? 1863 LYS A CA   1 
ATOM   64   C C    A LYS A 1 29  ? -9.804  -22.841 -0.677  0.44 47.09 ? 1863 LYS A C    1 
ATOM   65   C C    B LYS A 1 29  ? -10.228 -21.039 -1.062  0.56 46.15 ? 1863 LYS A C    1 
ATOM   66   O O    A LYS A 1 29  ? -9.072  -23.597 -1.315  0.44 47.81 ? 1863 LYS A O    1 
ATOM   67   O O    B LYS A 1 29  ? -9.624  -22.105 -1.189  0.56 45.42 ? 1863 LYS A O    1 
ATOM   68   C CB   A LYS A 1 29  ? -10.006 -24.352 1.302   0.44 48.41 ? 1863 LYS A CB   1 
ATOM   69   C CB   B LYS A 1 29  ? -11.312 -20.667 1.167   0.56 46.09 ? 1863 LYS A CB   1 
ATOM   70   N N    A ARG A 1 30  ? -9.813  -21.519 -0.850  0.44 46.43 ? 1864 ARG A N    1 
ATOM   71   N N    B ARG A 1 30  ? -9.786  -19.891 -1.560  0.56 46.35 ? 1864 ARG A N    1 
ATOM   72   C CA   A ARG A 1 30  ? -8.848  -20.843 -1.721  0.44 50.93 ? 1864 ARG A CA   1 
ATOM   73   C CA   B ARG A 1 30  ? -8.534  -19.822 -2.307  0.56 48.30 ? 1864 ARG A CA   1 
ATOM   74   C C    A ARG A 1 30  ? -7.439  -21.012 -1.166  0.44 49.35 ? 1864 ARG A C    1 
ATOM   75   C C    B ARG A 1 30  ? -7.323  -20.212 -1.453  0.56 45.85 ? 1864 ARG A C    1 
ATOM   76   O O    A ARG A 1 30  ? -7.257  -21.132 0.049   0.44 45.87 ? 1864 ARG A O    1 
ATOM   77   O O    B ARG A 1 30  ? -7.228  -19.832 -0.287  0.56 44.67 ? 1864 ARG A O    1 
ATOM   78   C CB   A ARG A 1 30  ? -9.171  -19.353 -1.865  0.44 49.34 ? 1864 ARG A CB   1 
ATOM   79   C CB   B ARG A 1 30  ? -8.343  -18.414 -2.884  0.56 47.61 ? 1864 ARG A CB   1 
ATOM   80   C CG   A ARG A 1 30  ? -8.092  -18.576 -2.615  0.44 47.97 ? 1864 ARG A CG   1 
ATOM   81   C CG   B ARG A 1 30  ? -8.488  -17.284 -1.868  0.56 45.00 ? 1864 ARG A CG   1 
ATOM   82   C CD   A ARG A 1 30  ? -8.155  -17.073 -2.358  0.44 45.41 ? 1864 ARG A CD   1 
ATOM   83   C CD   B ARG A 1 30  ? -8.209  -15.922 -2.501  0.56 43.72 ? 1864 ARG A CD   1 
ATOM   84   N NE   A ARG A 1 30  ? -7.015  -16.378 -2.958  0.44 48.32 ? 1864 ARG A NE   1 
ATOM   85   N NE   B ARG A 1 30  ? -6.870  -15.867 -3.081  0.56 46.73 ? 1864 ARG A NE   1 
ATOM   86   C CZ   A ARG A 1 30  ? -5.915  -16.021 -2.297  0.44 44.15 ? 1864 ARG A CZ   1 
ATOM   87   C CZ   B ARG A 1 30  ? -5.769  -15.557 -2.399  0.56 42.17 ? 1864 ARG A CZ   1 
ATOM   88   N NH1  A ARG A 1 30  ? -5.798  -16.278 -0.999  0.44 38.82 ? 1864 ARG A NH1  1 
ATOM   89   N NH1  B ARG A 1 30  ? -5.845  -15.261 -1.107  0.56 31.31 ? 1864 ARG A NH1  1 
ATOM   90   N NH2  A ARG A 1 30  ? -4.930  -15.400 -2.932  0.44 38.48 ? 1864 ARG A NH2  1 
ATOM   91   N NH2  B ARG A 1 30  ? -4.593  -15.544 -3.011  0.56 37.33 ? 1864 ARG A NH2  1 
ATOM   92   N N    . ASP A 1 31  ? -6.437  -21.016 -2.039  1.00 47.82 ? 1865 ASP A N    1 
ATOM   93   C CA   . ASP A 1 31  ? -5.082  -21.247 -1.549  1.00 49.29 ? 1865 ASP A CA   1 
ATOM   94   C C    . ASP A 1 31  ? -4.389  -19.915 -1.237  1.00 43.29 ? 1865 ASP A C    1 
ATOM   95   O O    . ASP A 1 31  ? -4.107  -19.124 -2.142  1.00 36.02 ? 1865 ASP A O    1 
ATOM   96   C CB   . ASP A 1 31  ? -4.266  -22.041 -2.579  1.00 47.20 ? 1865 ASP A CB   1 
ATOM   97   C CG   . ASP A 1 31  ? -2.936  -22.534 -2.025  1.00 50.40 ? 1865 ASP A CG   1 
ATOM   98   O OD1  . ASP A 1 31  ? -2.586  -22.179 -0.878  1.00 48.51 ? 1865 ASP A OD1  1 
ATOM   99   O OD2  . ASP A 1 31  ? -2.233  -23.276 -2.745  1.00 58.86 ? 1865 ASP A OD2  1 
ATOM   100  N N    . ASP A 1 32  ? -4.120  -19.681 0.043   1.00 41.59 ? 1866 ASP A N    1 
ATOM   101  C CA   . ASP A 1 32  ? -3.528  -18.418 0.485   1.00 41.22 ? 1866 ASP A CA   1 
ATOM   102  C C    . ASP A 1 32  ? -2.077  -18.592 0.930   1.00 39.03 ? 1866 ASP A C    1 
ATOM   103  O O    . ASP A 1 32  ? -1.477  -17.673 1.496   1.00 37.01 ? 1866 ASP A O    1 
ATOM   104  C CB   . ASP A 1 32  ? -4.355  -17.823 1.632   1.00 36.26 ? 1866 ASP A CB   1 
ATOM   105  C CG   . ASP A 1 32  ? -4.324  -18.686 2.879   1.00 39.99 ? 1866 ASP A CG   1 
ATOM   106  O OD1  . ASP A 1 32  ? -3.957  -19.874 2.772   1.00 42.90 ? 1866 ASP A OD1  1 
ATOM   107  O OD2  . ASP A 1 32  ? -4.674  -18.183 3.967   1.00 45.94 ? 1866 ASP A OD2  1 
ATOM   108  N N    . SER A 1 33  ? -1.512  -19.767 0.676   1.00 35.51 ? 1867 SER A N    1 
ATOM   109  C CA   . SER A 1 33  ? -0.197  -20.101 1.223   1.00 40.09 ? 1867 SER A CA   1 
ATOM   110  C C    . SER A 1 33  ? 0.936   -19.272 0.615   1.00 34.65 ? 1867 SER A C    1 
ATOM   111  O O    . SER A 1 33  ? 2.000   -19.126 1.224   1.00 38.78 ? 1867 SER A O    1 
ATOM   112  C CB   . SER A 1 33  ? 0.095   -21.590 1.031   1.00 42.55 ? 1867 SER A CB   1 
ATOM   113  O OG   . SER A 1 33  ? 0.228   -21.906 -0.342  1.00 43.61 ? 1867 SER A OG   1 
ATOM   114  N N    . LYS A 1 34  ? 0.719   -18.735 -0.579  1.00 34.97 ? 1868 LYS A N    1 
ATOM   115  C CA   . LYS A 1 34  ? 1.750   -17.933 -1.225  1.00 35.22 ? 1868 LYS A CA   1 
ATOM   116  C C    . LYS A 1 34  ? 1.513   -16.429 -1.084  1.00 32.06 ? 1868 LYS A C    1 
ATOM   117  O O    . LYS A 1 34  ? 2.268   -15.636 -1.643  1.00 31.12 ? 1868 LYS A O    1 
ATOM   118  C CB   . LYS A 1 34  ? 1.855   -18.294 -2.705  1.00 39.85 ? 1868 LYS A CB   1 
ATOM   119  C CG   . LYS A 1 34  ? 2.261   -19.747 -2.967  1.00 43.10 ? 1868 LYS A CG   1 
ATOM   120  C CD   . LYS A 1 34  ? 2.238   -20.051 -4.461  1.00 53.20 ? 1868 LYS A CD   1 
ATOM   121  N N    . ASP A 1 35  ? 0.475   -16.041 -0.348  1.00 28.76 ? 1869 ASP A N    1 
ATOM   122  C CA   . ASP A 1 35  ? 0.084   -14.622 -0.282  1.00 30.85 ? 1869 ASP A CA   1 
ATOM   123  C C    . ASP A 1 35  ? 1.193   -13.743 0.302   1.00 28.04 ? 1869 ASP A C    1 
ATOM   124  O O    . ASP A 1 35  ? 1.479   -12.656 -0.219  1.00 27.15 ? 1869 ASP A O    1 
ATOM   125  C CB   . ASP A 1 35  ? -1.207  -14.444 0.537   1.00 26.85 ? 1869 ASP A CB   1 
ATOM   126  C CG   . ASP A 1 35  ? -2.449  -14.926 -0.206  1.00 33.87 ? 1869 ASP A CG   1 
ATOM   127  O OD1  . ASP A 1 35  ? -2.306  -15.427 -1.343  1.00 31.54 ? 1869 ASP A OD1  1 
ATOM   128  O OD2  . ASP A 1 35  ? -3.561  -14.808 0.352   1.00 30.62 ? 1869 ASP A OD2  1 
ATOM   129  N N    . LEU A 1 36  ? 1.816   -14.208 1.379   1.00 25.58 ? 1870 LEU A N    1 
ATOM   130  C CA   . LEU A 1 36  ? 2.860   -13.420 2.041   1.00 29.13 ? 1870 LEU A CA   1 
ATOM   131  C C    . LEU A 1 36  ? 4.030   -13.154 1.095   1.00 30.54 ? 1870 LEU A C    1 
ATOM   132  O O    . LEU A 1 36  ? 4.517   -12.019 0.976   1.00 29.78 ? 1870 LEU A O    1 
ATOM   133  C CB   . LEU A 1 36  ? 3.346   -14.135 3.306   1.00 31.71 ? 1870 LEU A CB   1 
ATOM   134  C CG   . LEU A 1 36  ? 4.453   -13.455 4.118   1.00 40.56 ? 1870 LEU A CG   1 
ATOM   135  C CD1  . LEU A 1 36  ? 3.975   -12.128 4.707   1.00 30.48 ? 1870 LEU A CD1  1 
ATOM   136  C CD2  . LEU A 1 36  ? 4.947   -14.389 5.220   1.00 38.67 ? 1870 LEU A CD2  1 
ATOM   137  N N    . ALA A 1 37  ? 4.476   -14.197 0.404   1.00 29.90 ? 1871 ALA A N    1 
ATOM   138  C CA   . ALA A 1 37  ? 5.583   -14.066 -0.545  1.00 30.55 ? 1871 ALA A CA   1 
ATOM   139  C C    . ALA A 1 37  ? 5.239   -13.147 -1.710  1.00 33.09 ? 1871 ALA A C    1 
ATOM   140  O O    . ALA A 1 37  ? 6.066   -12.351 -2.163  1.00 30.92 ? 1871 ALA A O    1 
ATOM   141  C CB   . ALA A 1 37  ? 5.994   -15.442 -1.075  1.00 31.47 ? 1871 ALA A CB   1 
ATOM   142  N N    . LEU A 1 38  ? 4.018   -13.268 -2.214  1.00 25.71 ? 1872 LEU A N    1 
ATOM   143  C CA   . LEU A 1 38  ? 3.593   -12.444 -3.334  1.00 27.02 ? 1872 LEU A CA   1 
ATOM   144  C C    . LEU A 1 38  ? 3.414   -10.970 -2.944  1.00 26.80 ? 1872 LEU A C    1 
ATOM   145  O O    . LEU A 1 38  ? 3.789   -10.075 -3.712  1.00 27.73 ? 1872 LEU A O    1 
ATOM   146  C CB   . LEU A 1 38  ? 2.299   -12.999 -3.925  1.00 31.04 ? 1872 LEU A CB   1 
ATOM   147  C CG   . LEU A 1 38  ? 2.512   -14.328 -4.658  1.00 33.69 ? 1872 LEU A CG   1 
ATOM   148  C CD1  . LEU A 1 38  ? 1.186   -15.014 -4.915  1.00 31.68 ? 1872 LEU A CD1  1 
ATOM   149  C CD2  . LEU A 1 38  ? 3.245   -14.079 -5.970  1.00 31.27 ? 1872 LEU A CD2  1 
ATOM   150  N N    . CYS A 1 39  ? 2.832   -10.713 -1.777  1.00 22.43 ? 1873 CYS A N    1 
ATOM   151  C CA   . CYS A 1 39  ? 2.737   -9.322  -1.309  1.00 26.35 ? 1873 CYS A CA   1 
ATOM   152  C C    . CYS A 1 39  ? 4.128   -8.709  -1.110  1.00 28.04 ? 1873 CYS A C    1 
ATOM   153  O O    . CYS A 1 39  ? 4.351   -7.520  -1.386  1.00 24.63 ? 1873 CYS A O    1 
ATOM   154  C CB   . CYS A 1 39  ? 1.947   -9.229  -0.011  1.00 21.91 ? 1873 CYS A CB   1 
ATOM   155  S SG   . CYS A 1 39  ? 0.168   -9.461  -0.223  1.00 25.30 ? 1873 CYS A SG   1 
ATOM   156  N N    . SER A 1 40  ? 5.061   -9.520  -0.621  1.00 26.87 ? 1874 SER A N    1 
ATOM   157  C CA   . SER A 1 40  ? 6.429   -9.046  -0.447  1.00 27.20 ? 1874 SER A CA   1 
ATOM   158  C C    . SER A 1 40  ? 7.056   -8.687  -1.805  1.00 29.46 ? 1874 SER A C    1 
ATOM   159  O O    . SER A 1 40  ? 7.750   -7.684  -1.923  1.00 26.63 ? 1874 SER A O    1 
ATOM   160  C CB   . SER A 1 40  ? 7.277   -10.094 0.283   1.00 33.79 ? 1874 SER A CB   1 
ATOM   161  O OG   . SER A 1 40  ? 8.623   -9.652  0.401   1.00 32.83 ? 1874 SER A OG   1 
ATOM   162  N N    . MET A 1 41  ? 6.797   -9.492  -2.832  1.00 29.86 ? 1875 MET A N    1 
ATOM   163  C CA   . MET A 1 41  ? 7.318   -9.203  -4.172  1.00 29.36 ? 1875 MET A CA   1 
ATOM   164  C C    . MET A 1 41  ? 6.710   -7.938  -4.765  1.00 28.24 ? 1875 MET A C    1 
ATOM   165  O O    . MET A 1 41  ? 7.412   -7.141  -5.385  1.00 27.27 ? 1875 MET A O    1 
ATOM   166  C CB   . MET A 1 41  ? 7.076   -10.387 -5.119  1.00 30.49 ? 1875 MET A CB   1 
ATOM   167  C CG   . MET A 1 41  ? 7.858   -11.632 -4.731  1.00 40.23 ? 1875 MET A CG   1 
ATOM   168  S SD   . MET A 1 41  ? 7.496   -13.030 -5.818  1.00 49.42 ? 1875 MET A SD   1 
ATOM   169  C CE   . MET A 1 41  ? 7.926   -12.346 -7.426  1.00 42.27 ? 1875 MET A CE   1 
ATOM   170  N N    . ILE A 1 42  ? 5.405   -7.754  -4.586  1.00 24.35 ? 1876 ILE A N    1 
ATOM   171  C CA   . ILE A 1 42  ? 4.757   -6.535  -5.062  1.00 24.77 ? 1876 ILE A CA   1 
ATOM   172  C C    . ILE A 1 42  ? 5.358   -5.309  -4.354  1.00 25.43 ? 1876 ILE A C    1 
ATOM   173  O O    . ILE A 1 42  ? 5.618   -4.277  -4.979  1.00 24.44 ? 1876 ILE A O    1 
ATOM   174  C CB   . ILE A 1 42  ? 3.230   -6.584  -4.847  1.00 26.20 ? 1876 ILE A CB   1 
ATOM   175  C CG1  . ILE A 1 42  ? 2.615   -7.688  -5.711  1.00 25.35 ? 1876 ILE A CG1  1 
ATOM   176  C CG2  . ILE A 1 42  ? 2.591   -5.239  -5.204  1.00 26.93 ? 1876 ILE A CG2  1 
ATOM   177  C CD1  . ILE A 1 42  ? 1.119   -7.871  -5.477  1.00 28.10 ? 1876 ILE A CD1  1 
ATOM   178  N N    . LEU A 1 43  ? 5.593   -5.438  -3.055  1.00 22.68 ? 1877 LEU A N    1 
ATOM   179  C CA   . LEU A 1 43  ? 6.081   -4.314  -2.267  1.00 20.10 ? 1877 LEU A CA   1 
ATOM   180  C C    . LEU A 1 43  ? 7.506   -3.972  -2.701  1.00 23.80 ? 1877 LEU A C    1 
ATOM   181  O O    . LEU A 1 43  ? 7.859   -2.802  -2.806  1.00 24.34 ? 1877 LEU A O    1 
ATOM   182  C CB   . LEU A 1 43  ? 6.017   -4.627  -0.772  1.00 23.21 ? 1877 LEU A CB   1 
ATOM   183  C CG   . LEU A 1 43  ? 6.480   -3.531  0.195   1.00 25.23 ? 1877 LEU A CG   1 
ATOM   184  C CD1  . LEU A 1 43  ? 5.721   -2.229  -0.019  1.00 21.63 ? 1877 LEU A CD1  1 
ATOM   185  C CD2  . LEU A 1 43  ? 6.338   -4.009  1.649   1.00 24.21 ? 1877 LEU A CD2  1 
ATOM   186  N N    . THR A 1 44  ? 8.305   -4.997  -2.989  1.00 23.26 ? 1878 THR A N    1 
ATOM   187  C CA   . THR A 1 44  ? 9.650   -4.767  -3.545  1.00 24.82 ? 1878 THR A CA   1 
ATOM   188  C C    . THR A 1 44  ? 9.585   -3.991  -4.846  1.00 25.56 ? 1878 THR A C    1 
ATOM   189  O O    . THR A 1 44  ? 10.345  -3.040  -5.045  1.00 27.47 ? 1878 THR A O    1 
ATOM   190  C CB   . THR A 1 44  ? 10.400  -6.086  -3.784  1.00 30.08 ? 1878 THR A CB   1 
ATOM   191  O OG1  . THR A 1 44  ? 10.631  -6.718  -2.525  1.00 29.85 ? 1878 THR A OG1  1 
ATOM   192  C CG2  . THR A 1 44  ? 11.750  -5.826  -4.485  1.00 30.10 ? 1878 THR A CG2  1 
ATOM   193  N N    . GLU A 1 45  ? 8.679   -4.391  -5.736  1.00 24.04 ? 1879 GLU A N    1 
ATOM   194  C CA   . GLU A 1 45  ? 8.518   -3.692  -7.004  1.00 28.34 ? 1879 GLU A CA   1 
ATOM   195  C C    . GLU A 1 45  ? 8.100   -2.241  -6.776  1.00 29.72 ? 1879 GLU A C    1 
ATOM   196  O O    . GLU A 1 45  ? 8.528   -1.352  -7.502  1.00 25.04 ? 1879 GLU A O    1 
ATOM   197  C CB   . GLU A 1 45  ? 7.509   -4.418  -7.900  1.00 26.67 ? 1879 GLU A CB   1 
ATOM   198  C CG   . GLU A 1 45  ? 8.085   -5.722  -8.448  1.00 35.45 ? 1879 GLU A CG   1 
ATOM   199  C CD   . GLU A 1 45  ? 7.044   -6.708  -8.970  1.00 48.38 ? 1879 GLU A CD   1 
ATOM   200  O OE1  . GLU A 1 45  ? 5.831   -6.404  -8.943  1.00 45.14 ? 1879 GLU A OE1  1 
ATOM   201  O OE2  . GLU A 1 45  ? 7.459   -7.807  -9.397  1.00 57.22 ? 1879 GLU A OE2  1 
ATOM   202  N N    . MET A 1 46  ? 7.260   -1.994  -5.776  1.00 22.25 ? 1880 MET A N    1 
ATOM   203  C CA   A MET A 1 46  ? 6.889   -0.610  -5.498  0.52 23.58 ? 1880 MET A CA   1 
ATOM   204  C CA   B MET A 1 46  ? 6.868   -0.632  -5.403  0.48 23.63 ? 1880 MET A CA   1 
ATOM   205  C C    . MET A 1 46  ? 8.062   0.159   -4.898  1.00 26.24 ? 1880 MET A C    1 
ATOM   206  O O    . MET A 1 46  ? 8.293   1.309   -5.283  1.00 24.42 ? 1880 MET A O    1 
ATOM   207  C CB   A MET A 1 46  ? 5.675   -0.541  -4.577  0.52 26.30 ? 1880 MET A CB   1 
ATOM   208  C CB   B MET A 1 46  ? 5.792   -0.666  -4.315  0.48 25.70 ? 1880 MET A CB   1 
ATOM   209  C CG   A MET A 1 46  ? 4.391   -0.995  -5.269  0.52 22.88 ? 1880 MET A CG   1 
ATOM   210  C CG   B MET A 1 46  ? 4.554   -1.451  -4.711  0.48 25.06 ? 1880 MET A CG   1 
ATOM   211  S SD   A MET A 1 46  ? 2.904   -0.525  -4.376  0.52 23.80 ? 1880 MET A SD   1 
ATOM   212  S SD   B MET A 1 46  ? 3.660   -0.594  -6.008  0.48 22.62 ? 1880 MET A SD   1 
ATOM   213  C CE   A MET A 1 46  ? 3.080   -1.502  -2.885  0.52 20.72 ? 1880 MET A CE   1 
ATOM   214  C CE   B MET A 1 46  ? 2.879   0.716   -5.060  0.48 27.57 ? 1880 MET A CE   1 
ATOM   215  N N    . GLU A 1 47  ? 8.800   -0.476  -3.989  1.00 20.81 ? 1881 GLU A N    1 
ATOM   216  C CA   . GLU A 1 47  ? 9.958   0.154   -3.347  1.00 27.11 ? 1881 GLU A CA   1 
ATOM   217  C C    . GLU A 1 47  ? 11.014  0.605   -4.367  1.00 29.02 ? 1881 GLU A C    1 
ATOM   218  O O    . GLU A 1 47  ? 11.709  1.599   -4.144  1.00 27.41 ? 1881 GLU A O    1 
ATOM   219  C CB   . GLU A 1 47  ? 10.587  -0.804  -2.319  1.00 25.58 ? 1881 GLU A CB   1 
ATOM   220  C CG   . GLU A 1 47  ? 9.812   -0.911  -1.002  1.00 26.90 ? 1881 GLU A CG   1 
ATOM   221  C CD   . GLU A 1 47  ? 10.178  -2.149  -0.186  1.00 30.04 ? 1881 GLU A CD   1 
ATOM   222  O OE1  . GLU A 1 47  ? 10.731  -3.110  -0.756  1.00 31.49 ? 1881 GLU A OE1  1 
ATOM   223  O OE2  . GLU A 1 47  ? 9.894   -2.171  1.030   1.00 31.17 ? 1881 GLU A OE2  1 
ATOM   224  N N    . THR A 1 48  ? 11.108  -0.099  -5.494  1.00 27.90 ? 1882 THR A N    1 
ATOM   225  C CA   . THR A 1 48  ? 12.174  0.163   -6.472  1.00 28.76 ? 1882 THR A CA   1 
ATOM   226  C C    . THR A 1 48  ? 11.717  0.976   -7.695  1.00 32.69 ? 1882 THR A C    1 
ATOM   227  O O    . THR A 1 48  ? 12.508  1.272   -8.593  1.00 33.59 ? 1882 THR A O    1 
ATOM   228  C CB   . THR A 1 48  ? 12.815  -1.167  -6.950  1.00 32.07 ? 1882 THR A CB   1 
ATOM   229  O OG1  . THR A 1 48  ? 11.809  -2.020  -7.509  1.00 31.66 ? 1882 THR A OG1  1 
ATOM   230  C CG2  . THR A 1 48  ? 13.460  -1.886  -5.779  1.00 35.04 ? 1882 THR A CG2  1 
ATOM   231  N N    . HIS A 1 49  ? 10.449  1.360   -7.717  1.00 24.08 ? 1883 HIS A N    1 
ATOM   232  C CA   . HIS A 1 49  ? 9.905   2.241   -8.754  1.00 25.81 ? 1883 HIS A CA   1 
ATOM   233  C C    . HIS A 1 49  ? 10.540  3.637   -8.623  1.00 30.51 ? 1883 HIS A C    1 
ATOM   234  O O    . HIS A 1 49  ? 10.710  4.126   -7.510  1.00 29.09 ? 1883 HIS A O    1 
ATOM   235  C CB   . HIS A 1 49  ? 8.383   2.299   -8.601  1.00 25.80 ? 1883 HIS A CB   1 
ATOM   236  C CG   . HIS A 1 49  ? 7.657   2.943   -9.744  1.00 29.15 ? 1883 HIS A CG   1 
ATOM   237  N ND1  . HIS A 1 49  ? 7.839   4.264   -10.099 1.00 28.74 ? 1883 HIS A ND1  1 
ATOM   238  C CD2  . HIS A 1 49  ? 6.701   2.456   -10.568 1.00 26.61 ? 1883 HIS A CD2  1 
ATOM   239  C CE1  . HIS A 1 49  ? 7.039   4.555   -11.109 1.00 32.42 ? 1883 HIS A CE1  1 
ATOM   240  N NE2  . HIS A 1 49  ? 6.337   3.483   -11.416 1.00 30.66 ? 1883 HIS A NE2  1 
ATOM   241  N N    . GLU A 1 50  ? 10.897  4.287   -9.729  1.00 30.17 ? 1884 GLU A N    1 
ATOM   242  C CA   . GLU A 1 50  ? 11.582  5.572   -9.601  1.00 31.86 ? 1884 GLU A CA   1 
ATOM   243  C C    . GLU A 1 50  ? 10.684  6.671   -9.013  1.00 32.48 ? 1884 GLU A C    1 
ATOM   244  O O    . GLU A 1 50  ? 11.198  7.651   -8.470  1.00 31.51 ? 1884 GLU A O    1 
ATOM   245  C CB   . GLU A 1 50  ? 12.174  6.028   -10.946 1.00 40.88 ? 1884 GLU A CB   1 
ATOM   246  C CG   . GLU A 1 50  ? 11.179  6.463   -11.986 1.00 36.41 ? 1884 GLU A CG   1 
ATOM   247  C CD   . GLU A 1 50  ? 11.821  7.289   -13.113 1.00 51.69 ? 1884 GLU A CD   1 
ATOM   248  O OE1  . GLU A 1 50  ? 11.934  8.527   -12.964 1.00 49.64 ? 1884 GLU A OE1  1 
ATOM   249  O OE2  . GLU A 1 50  ? 12.206  6.701   -14.147 1.00 53.64 ? 1884 GLU A OE2  1 
ATOM   250  N N    . ASP A 1 51  ? 9.361   6.518   -9.096  1.00 25.12 ? 1885 ASP A N    1 
ATOM   251  C CA   . ASP A 1 51  ? 8.469   7.508   -8.493  1.00 24.39 ? 1885 ASP A CA   1 
ATOM   252  C C    . ASP A 1 51  ? 8.096   7.171   -7.035  1.00 25.03 ? 1885 ASP A C    1 
ATOM   253  O O    . ASP A 1 51  ? 7.190   7.775   -6.482  1.00 26.62 ? 1885 ASP A O    1 
ATOM   254  C CB   . ASP A 1 51  ? 7.183   7.674   -9.306  1.00 25.86 ? 1885 ASP A CB   1 
ATOM   255  C CG   . ASP A 1 51  ? 7.421   8.284   -10.694 1.00 34.52 ? 1885 ASP A CG   1 
ATOM   256  O OD1  . ASP A 1 51  ? 8.480   8.908   -10.919 1.00 30.08 ? 1885 ASP A OD1  1 
ATOM   257  O OD2  . ASP A 1 51  ? 6.523   8.155   -11.555 1.00 28.34 ? 1885 ASP A OD2  1 
ATOM   258  N N    . ALA A 1 52  ? 8.782   6.212   -6.421  1.00 21.59 ? 1886 ALA A N    1 
ATOM   259  C CA   . ALA A 1 52  ? 8.443   5.822   -5.044  1.00 24.05 ? 1886 ALA A CA   1 
ATOM   260  C C    . ALA A 1 52  ? 9.006   6.781   -3.994  1.00 26.17 ? 1886 ALA A C    1 
ATOM   261  O O    . ALA A 1 52  ? 8.652   6.686   -2.818  1.00 23.30 ? 1886 ALA A O    1 
ATOM   262  C CB   . ALA A 1 52  ? 8.932   4.400   -4.753  1.00 26.64 ? 1886 ALA A CB   1 
ATOM   263  N N    . TRP A 1 53  ? 9.877   7.703   -4.405  1.00 27.02 ? 1887 TRP A N    1 
ATOM   264  C CA   . TRP A 1 53  ? 10.642  8.473   -3.420  1.00 28.27 ? 1887 TRP A CA   1 
ATOM   265  C C    . TRP A 1 53  ? 9.822   9.243   -2.364  1.00 24.49 ? 1887 TRP A C    1 
ATOM   266  O O    . TRP A 1 53  ? 10.304  9.411   -1.236  1.00 25.74 ? 1887 TRP A O    1 
ATOM   267  C CB   . TRP A 1 53  ? 11.607  9.448   -4.127  1.00 31.25 ? 1887 TRP A CB   1 
ATOM   268  C CG   . TRP A 1 53  ? 10.962  10.370  -5.101  1.00 27.13 ? 1887 TRP A CG   1 
ATOM   269  C CD1  . TRP A 1 53  ? 10.815  10.166  -6.444  1.00 28.68 ? 1887 TRP A CD1  1 
ATOM   270  C CD2  . TRP A 1 53  ? 10.400  11.661  -4.819  1.00 29.18 ? 1887 TRP A CD2  1 
ATOM   271  N NE1  . TRP A 1 53  ? 10.168  11.241  -7.012  1.00 30.22 ? 1887 TRP A NE1  1 
ATOM   272  C CE2  . TRP A 1 53  ? 9.903   12.166  -6.041  1.00 33.78 ? 1887 TRP A CE2  1 
ATOM   273  C CE3  . TRP A 1 53  ? 10.250  12.426  -3.656  1.00 27.05 ? 1887 TRP A CE3  1 
ATOM   274  C CZ2  . TRP A 1 53  ? 9.274   13.412  -6.127  1.00 34.79 ? 1887 TRP A CZ2  1 
ATOM   275  C CZ3  . TRP A 1 53  ? 9.617   13.662  -3.747  1.00 28.66 ? 1887 TRP A CZ3  1 
ATOM   276  C CH2  . TRP A 1 53  ? 9.146   14.143  -4.976  1.00 33.70 ? 1887 TRP A CH2  1 
ATOM   277  N N    C PRO A 1 54  ? 8.602   9.703   -2.707  0.39 22.74 ? 1888 PRO A N    1 
ATOM   278  N N    D PRO A 1 54  ? 8.601   9.705   -2.701  0.61 22.67 ? 1888 PRO A N    1 
ATOM   279  C CA   C PRO A 1 54  ? 7.825   10.415  -1.682  0.39 22.52 ? 1888 PRO A CA   1 
ATOM   280  C CA   D PRO A 1 54  ? 7.862   10.407  -1.639  0.61 22.50 ? 1888 PRO A CA   1 
ATOM   281  C C    C PRO A 1 54  ? 7.202   9.486   -0.645  0.39 26.59 ? 1888 PRO A C    1 
ATOM   282  C C    D PRO A 1 54  ? 7.381   9.465   -0.538  0.61 26.69 ? 1888 PRO A C    1 
ATOM   283  O O    C PRO A 1 54  ? 6.614   9.978   0.324   0.39 22.63 ? 1888 PRO A O    1 
ATOM   284  O O    D PRO A 1 54  ? 7.077   9.911   0.567   0.61 23.49 ? 1888 PRO A O    1 
ATOM   285  C CB   C PRO A 1 54  ? 6.717   11.113  -2.489  0.39 23.15 ? 1888 PRO A CB   1 
ATOM   286  C CB   D PRO A 1 54  ? 6.655   11.014  -2.375  0.61 22.76 ? 1888 PRO A CB   1 
ATOM   287  C CG   C PRO A 1 54  ? 7.141   11.010  -3.937  0.39 24.76 ? 1888 PRO A CG   1 
ATOM   288  C CG   D PRO A 1 54  ? 7.016   10.958  -3.848  0.61 24.86 ? 1888 PRO A CG   1 
ATOM   289  C CD   C PRO A 1 54  ? 7.939   9.752   -4.022  0.39 23.92 ? 1888 PRO A CD   1 
ATOM   290  C CD   D PRO A 1 54  ? 7.890   9.750   -3.991  0.61 23.90 ? 1888 PRO A CD   1 
ATOM   291  N N    . PHE A 1 55  ? 7.327   8.175   -0.847  1.00 22.54 ? 1889 PHE A N    1 
ATOM   292  C CA   . PHE A 1 55  ? 6.576   7.200   -0.037  1.00 23.23 ? 1889 PHE A CA   1 
ATOM   293  C C    . PHE A 1 55  ? 7.434   6.184   0.699   1.00 24.47 ? 1889 PHE A C    1 
ATOM   294  O O    . PHE A 1 55  ? 6.906   5.291   1.362   1.00 22.15 ? 1889 PHE A O    1 
ATOM   295  C CB   . PHE A 1 55  ? 5.575   6.462   -0.948  1.00 22.49 ? 1889 PHE A CB   1 
ATOM   296  C CG   . PHE A 1 55  ? 4.803   7.388   -1.854  1.00 23.06 ? 1889 PHE A CG   1 
ATOM   297  C CD1  . PHE A 1 55  ? 3.926   8.320   -1.318  1.00 22.67 ? 1889 PHE A CD1  1 
ATOM   298  C CD2  . PHE A 1 55  ? 4.978   7.353   -3.237  1.00 21.23 ? 1889 PHE A CD2  1 
ATOM   299  C CE1  . PHE A 1 55  ? 3.239   9.209   -2.136  1.00 22.66 ? 1889 PHE A CE1  1 
ATOM   300  C CE2  . PHE A 1 55  ? 4.277   8.235   -4.070  1.00 21.05 ? 1889 PHE A CE2  1 
ATOM   301  C CZ   . PHE A 1 55  ? 3.410   9.157   -3.522  1.00 21.11 ? 1889 PHE A CZ   1 
ATOM   302  N N    . LEU A 1 56  ? 8.753   6.322   0.594   1.00 22.17 ? 1890 LEU A N    1 
ATOM   303  C CA   . LEU A 1 56  ? 9.663   5.331   1.164   1.00 24.91 ? 1890 LEU A CA   1 
ATOM   304  C C    . LEU A 1 56  ? 9.753   5.388   2.686   1.00 28.78 ? 1890 LEU A C    1 
ATOM   305  O O    . LEU A 1 56  ? 9.924   4.352   3.332   1.00 29.07 ? 1890 LEU A O    1 
ATOM   306  C CB   . LEU A 1 56  ? 11.061  5.496   0.580   1.00 23.71 ? 1890 LEU A CB   1 
ATOM   307  C CG   . LEU A 1 56  ? 11.139  5.201   -0.919  1.00 32.07 ? 1890 LEU A CG   1 
ATOM   308  C CD1  . LEU A 1 56  ? 12.537  5.423   -1.422  1.00 30.10 ? 1890 LEU A CD1  1 
ATOM   309  C CD2  . LEU A 1 56  ? 10.683  3.765   -1.210  1.00 29.11 ? 1890 LEU A CD2  1 
ATOM   310  N N    . LEU A 1 57  ? 9.656   6.594   3.243   1.00 25.00 ? 1891 LEU A N    1 
ATOM   311  C CA   . LEU A 1 57  ? 9.711   6.801   4.692   1.00 24.70 ? 1891 LEU A CA   1 
ATOM   312  C C    . LEU A 1 57  ? 8.512   7.592   5.179   1.00 26.15 ? 1891 LEU A C    1 
ATOM   313  O O    . LEU A 1 57  ? 7.851   8.273   4.400   1.00 24.93 ? 1891 LEU A O    1 
ATOM   314  C CB   . LEU A 1 57  ? 11.005  7.535   5.074   1.00 25.96 ? 1891 LEU A CB   1 
ATOM   315  C CG   . LEU A 1 57  ? 12.316  6.862   4.675   1.00 32.02 ? 1891 LEU A CG   1 
ATOM   316  C CD1  . LEU A 1 57  ? 13.485  7.813   4.937   1.00 35.92 ? 1891 LEU A CD1  1 
ATOM   317  C CD2  . LEU A 1 57  ? 12.517  5.559   5.419   1.00 33.87 ? 1891 LEU A CD2  1 
ATOM   318  N N    . PRO A 1 58  ? 8.226   7.522   6.485   1.00 27.50 ? 1892 PRO A N    1 
ATOM   319  C CA   . PRO A 1 58  ? 7.138   8.329   7.042   1.00 24.73 ? 1892 PRO A CA   1 
ATOM   320  C C    . PRO A 1 58  ? 7.376   9.808   6.781   1.00 29.14 ? 1892 PRO A C    1 
ATOM   321  O O    . PRO A 1 58  ? 8.526   10.245  6.815   1.00 27.35 ? 1892 PRO A O    1 
ATOM   322  C CB   . PRO A 1 58  ? 7.206   8.035   8.549   1.00 27.42 ? 1892 PRO A CB   1 
ATOM   323  C CG   . PRO A 1 58  ? 7.967   6.762   8.661   1.00 29.38 ? 1892 PRO A CG   1 
ATOM   324  C CD   . PRO A 1 58  ? 8.933   6.746   7.516   1.00 28.46 ? 1892 PRO A CD   1 
ATOM   325  N N    . VAL A 1 59  ? 6.316   10.547  6.495   1.00 25.25 ? 1893 VAL A N    1 
ATOM   326  C CA   . VAL A 1 59  ? 6.392   12.004  6.425   1.00 25.91 ? 1893 VAL A CA   1 
ATOM   327  C C    . VAL A 1 59  ? 6.837   12.531  7.782   1.00 31.15 ? 1893 VAL A C    1 
ATOM   328  O O    . VAL A 1 59  ? 6.333   12.086  8.815   1.00 29.13 ? 1893 VAL A O    1 
ATOM   329  C CB   . VAL A 1 59  ? 5.036   12.629  6.046   1.00 32.12 ? 1893 VAL A CB   1 
ATOM   330  C CG1  . VAL A 1 59  ? 5.108   14.170  6.097   1.00 32.53 ? 1893 VAL A CG1  1 
ATOM   331  C CG2  . VAL A 1 59  ? 4.570   12.121  4.670   1.00 30.28 ? 1893 VAL A CG2  1 
ATOM   332  N N    . ASN A 1 60  ? 7.793   13.458  7.778   1.00 32.32 ? 1894 ASN A N    1 
ATOM   333  C CA   . ASN A 1 60  ? 8.299   14.044  9.020   1.00 33.75 ? 1894 ASN A CA   1 
ATOM   334  C C    . ASN A 1 60  ? 7.274   15.018  9.604   1.00 33.57 ? 1894 ASN A C    1 
ATOM   335  O O    . ASN A 1 60  ? 7.112   16.138  9.109   1.00 36.09 ? 1894 ASN A O    1 
ATOM   336  C CB   . ASN A 1 60  ? 9.641   14.750  8.771   1.00 37.84 ? 1894 ASN A CB   1 
ATOM   337  C CG   . ASN A 1 60  ? 10.333  15.177  10.057  1.00 45.48 ? 1894 ASN A CG   1 
ATOM   338  O OD1  . ASN A 1 60  ? 9.684   15.488  11.058  1.00 45.72 ? 1894 ASN A OD1  1 
ATOM   339  N ND2  . ASN A 1 60  ? 11.661  15.193  10.031  1.00 42.51 ? 1894 ASN A ND2  1 
ATOM   340  N N    . LEU A 1 61  ? 6.576   14.581  10.646  1.00 30.26 ? 1895 LEU A N    1 
ATOM   341  C CA   . LEU A 1 61  ? 5.473   15.361  11.200  1.00 35.88 ? 1895 LEU A CA   1 
ATOM   342  C C    . LEU A 1 61  ? 5.947   16.643  11.882  1.00 42.89 ? 1895 LEU A C    1 
ATOM   343  O O    . LEU A 1 61  ? 5.158   17.567  12.094  1.00 41.78 ? 1895 LEU A O    1 
ATOM   344  C CB   . LEU A 1 61  ? 4.661   14.510  12.185  1.00 39.08 ? 1895 LEU A CB   1 
ATOM   345  C CG   . LEU A 1 61  ? 4.009   13.249  11.605  1.00 39.45 ? 1895 LEU A CG   1 
ATOM   346  C CD1  . LEU A 1 61  ? 3.178   12.523  12.657  1.00 37.30 ? 1895 LEU A CD1  1 
ATOM   347  C CD2  . LEU A 1 61  ? 3.160   13.585  10.376  1.00 34.63 ? 1895 LEU A CD2  1 
ATOM   348  N N    . LYS A 1 62  ? 7.233   16.705  12.218  1.00 46.25 ? 1896 LYS A N    1 
ATOM   349  C CA   . LYS A 1 62  ? 7.797   17.908  12.826  1.00 50.69 ? 1896 LYS A CA   1 
ATOM   350  C C    . LYS A 1 62  ? 8.098   18.971  11.777  1.00 54.01 ? 1896 LYS A C    1 
ATOM   351  O O    . LYS A 1 62  ? 8.020   20.165  12.059  1.00 53.33 ? 1896 LYS A O    1 
ATOM   352  C CB   . LYS A 1 62  ? 9.082   17.589  13.597  1.00 47.81 ? 1896 LYS A CB   1 
ATOM   353  C CG   . LYS A 1 62  ? 8.909   16.789  14.875  1.00 57.52 ? 1896 LYS A CG   1 
ATOM   354  C CD   . LYS A 1 62  ? 10.284  16.508  15.480  1.00 63.67 ? 1896 LYS A CD   1 
ATOM   355  C CE   . LYS A 1 62  ? 10.229  15.497  16.615  1.00 79.47 ? 1896 LYS A CE   1 
ATOM   356  N NZ   . LYS A 1 62  ? 9.604   16.055  17.845  1.00 92.97 ? 1896 LYS A NZ   1 
ATOM   357  N N    . LEU A 1 63  ? 8.439   18.538  10.567  1.00 42.86 ? 1897 LEU A N    1 
ATOM   358  C CA   . LEU A 1 63  ? 8.921   19.467  9.553   1.00 41.52 ? 1897 LEU A CA   1 
ATOM   359  C C    . LEU A 1 63  ? 7.882   19.851  8.510   1.00 43.84 ? 1897 LEU A C    1 
ATOM   360  O O    . LEU A 1 63  ? 8.105   20.771  7.730   1.00 47.13 ? 1897 LEU A O    1 
ATOM   361  C CB   . LEU A 1 63  ? 10.144  18.885  8.838   1.00 45.83 ? 1897 LEU A CB   1 
ATOM   362  C CG   . LEU A 1 63  ? 11.371  18.540  9.686   1.00 54.59 ? 1897 LEU A CG   1 
ATOM   363  C CD1  . LEU A 1 63  ? 12.471  18.001  8.794   1.00 52.09 ? 1897 LEU A CD1  1 
ATOM   364  C CD2  . LEU A 1 63  ? 11.862  19.746  10.482  1.00 50.64 ? 1897 LEU A CD2  1 
ATOM   365  N N    . VAL A 1 64  ? 6.756   19.146  8.469   1.00 39.92 ? 1898 VAL A N    1 
ATOM   366  C CA   . VAL A 1 64  ? 5.768   19.420  7.430   1.00 30.89 ? 1898 VAL A CA   1 
ATOM   367  C C    . VAL A 1 64  ? 4.487   19.943  8.061   1.00 44.62 ? 1898 VAL A C    1 
ATOM   368  O O    . VAL A 1 64  ? 3.702   19.181  8.633   1.00 36.64 ? 1898 VAL A O    1 
ATOM   369  C CB   . VAL A 1 64  ? 5.474   18.160  6.573   1.00 38.78 ? 1898 VAL A CB   1 
ATOM   370  C CG1  . VAL A 1 64  ? 4.405   18.448  5.537   1.00 33.69 ? 1898 VAL A CG1  1 
ATOM   371  C CG2  . VAL A 1 64  ? 6.745   17.680  5.893   1.00 33.25 ? 1898 VAL A CG2  1 
ATOM   372  N N    . PRO A 1 65  ? 4.286   21.265  7.983   1.00 43.09 ? 1899 PRO A N    1 
ATOM   373  C CA   . PRO A 1 65  ? 3.105   21.925  8.545   1.00 44.96 ? 1899 PRO A CA   1 
ATOM   374  C C    . PRO A 1 65  ? 1.808   21.315  8.044   1.00 35.33 ? 1899 PRO A C    1 
ATOM   375  O O    . PRO A 1 65  ? 1.663   21.037  6.849   1.00 40.57 ? 1899 PRO A O    1 
ATOM   376  C CB   . PRO A 1 65  ? 3.247   23.373  8.057   1.00 50.35 ? 1899 PRO A CB   1 
ATOM   377  C CG   . PRO A 1 65  ? 4.710   23.558  7.893   1.00 51.95 ? 1899 PRO A CG   1 
ATOM   378  C CD   . PRO A 1 65  ? 5.227   22.233  7.394   1.00 51.37 ? 1899 PRO A CD   1 
ATOM   379  N N    . GLY A 1 66  ? 0.872   21.109  8.960   1.00 33.36 ? 1900 GLY A N    1 
ATOM   380  C CA   . GLY A 1 66  ? -0.449  20.653  8.595   1.00 35.70 ? 1900 GLY A CA   1 
ATOM   381  C C    . GLY A 1 66  ? -0.596  19.146  8.525   1.00 37.85 ? 1900 GLY A C    1 
ATOM   382  O O    . GLY A 1 66  ? -1.702  18.641  8.675   1.00 32.90 ? 1900 GLY A O    1 
ATOM   383  N N    . TYR A 1 67  ? 0.501   18.420  8.312   1.00 33.72 ? 1901 TYR A N    1 
ATOM   384  C CA   . TYR A 1 67  ? 0.365   16.986  8.025   1.00 36.53 ? 1901 TYR A CA   1 
ATOM   385  C C    . TYR A 1 67  ? -0.232  16.220  9.200   1.00 31.40 ? 1901 TYR A C    1 
ATOM   386  O O    . TYR A 1 67  ? -1.144  15.408  9.020   1.00 31.39 ? 1901 TYR A O    1 
ATOM   387  C CB   . TYR A 1 67  ? 1.704   16.357  7.619   1.00 31.52 ? 1901 TYR A CB   1 
ATOM   388  C CG   . TYR A 1 67  ? 1.488   15.125  6.759   1.00 30.99 ? 1901 TYR A CG   1 
ATOM   389  C CD1  . TYR A 1 67  ? 1.338   15.236  5.385   1.00 27.93 ? 1901 TYR A CD1  1 
ATOM   390  C CD2  . TYR A 1 67  ? 1.385   13.861  7.331   1.00 31.93 ? 1901 TYR A CD2  1 
ATOM   391  C CE1  . TYR A 1 67  ? 1.112   14.108  4.589   1.00 32.19 ? 1901 TYR A CE1  1 
ATOM   392  C CE2  . TYR A 1 67  ? 1.157   12.727  6.548   1.00 29.38 ? 1901 TYR A CE2  1 
ATOM   393  C CZ   . TYR A 1 67  ? 1.024   12.855  5.182   1.00 31.25 ? 1901 TYR A CZ   1 
ATOM   394  O OH   . TYR A 1 67  ? 0.796   11.731  4.401   1.00 29.93 ? 1901 TYR A OH   1 
ATOM   395  N N    . LYS A 1 68  ? 0.256   16.498  10.407  1.00 33.47 ? 1902 LYS A N    1 
ATOM   396  C CA   . LYS A 1 68  ? -0.199  15.763  11.584  1.00 37.94 ? 1902 LYS A CA   1 
ATOM   397  C C    . LYS A 1 68  ? -1.698  15.942  11.830  1.00 37.07 ? 1902 LYS A C    1 
ATOM   398  O O    . LYS A 1 68  ? -2.395  14.985  12.154  1.00 35.03 ? 1902 LYS A O    1 
ATOM   399  C CB   . LYS A 1 68  ? 0.591   16.187  12.826  1.00 38.52 ? 1902 LYS A CB   1 
ATOM   400  C CG   . LYS A 1 68  ? 0.497   15.194  13.987  1.00 42.51 ? 1902 LYS A CG   1 
ATOM   401  C CD   . LYS A 1 68  ? 1.274   15.683  15.202  1.00 49.89 ? 1902 LYS A CD   1 
ATOM   402  C CE   . LYS A 1 68  ? 1.456   14.585  16.246  1.00 58.54 ? 1902 LYS A CE   1 
ATOM   403  N NZ   . LYS A 1 68  ? 0.163   14.022  16.725  1.00 56.81 ? 1902 LYS A NZ   1 
ATOM   404  N N    . LYS A 1 69  ? -2.191  17.166  11.662  1.00 36.52 ? 1903 LYS A N    1 
ATOM   405  C CA   . LYS A 1 69  ? -3.588  17.468  11.966  1.00 37.24 ? 1903 LYS A CA   1 
ATOM   406  C C    . LYS A 1 69  ? -4.534  16.945  10.898  1.00 32.98 ? 1903 LYS A C    1 
ATOM   407  O O    . LYS A 1 69  ? -5.616  16.447  11.202  1.00 40.04 ? 1903 LYS A O    1 
ATOM   408  C CB   . LYS A 1 69  ? -3.784  18.986  12.127  1.00 35.86 ? 1903 LYS A CB   1 
ATOM   409  C CG   . LYS A 1 69  ? -5.214  19.395  12.454  1.00 36.01 ? 1903 LYS A CG   1 
ATOM   410  C CD   . LYS A 1 69  ? -5.675  18.743  13.746  1.00 39.85 ? 1903 LYS A CD   1 
ATOM   411  C CE   . LYS A 1 69  ? -7.073  19.192  14.144  1.00 40.41 ? 1903 LYS A CE   1 
ATOM   412  N NZ   . LYS A 1 69  ? -7.053  20.525  14.799  1.00 42.81 ? 1903 LYS A NZ   1 
ATOM   413  N N    . VAL A 1 70  ? -4.117  17.065  9.642   1.00 29.09 ? 1904 VAL A N    1 
ATOM   414  C CA   . VAL A 1 70  ? -4.963  16.731  8.508   1.00 27.93 ? 1904 VAL A CA   1 
ATOM   415  C C    . VAL A 1 70  ? -5.012  15.231  8.203   1.00 35.86 ? 1904 VAL A C    1 
ATOM   416  O O    . VAL A 1 70  ? -6.081  14.690  7.919   1.00 29.77 ? 1904 VAL A O    1 
ATOM   417  C CB   . VAL A 1 70  ? -4.493  17.474  7.238   1.00 32.85 ? 1904 VAL A CB   1 
ATOM   418  C CG1  . VAL A 1 70  ? -5.249  16.972  6.010   1.00 31.87 ? 1904 VAL A CG1  1 
ATOM   419  C CG2  . VAL A 1 70  ? -4.668  18.977  7.414   1.00 34.62 ? 1904 VAL A CG2  1 
ATOM   420  N N    . ILE A 1 71  ? -3.861  14.567  8.253   1.00 32.00 ? 1905 ILE A N    1 
ATOM   421  C CA   . ILE A 1 71  ? -3.782  13.155  7.852   1.00 32.37 ? 1905 ILE A CA   1 
ATOM   422  C C    . ILE A 1 71  ? -3.868  12.249  9.074   1.00 30.50 ? 1905 ILE A C    1 
ATOM   423  O O    . ILE A 1 71  ? -2.890  12.062  9.803   1.00 31.30 ? 1905 ILE A O    1 
ATOM   424  C CB   . ILE A 1 71  ? -2.479  12.845  7.075   1.00 35.21 ? 1905 ILE A CB   1 
ATOM   425  C CG1  . ILE A 1 71  ? -2.345  13.761  5.850   1.00 30.76 ? 1905 ILE A CG1  1 
ATOM   426  C CG2  . ILE A 1 71  ? -2.425  11.349  6.682   1.00 30.68 ? 1905 ILE A CG2  1 
ATOM   427  C CD1  . ILE A 1 71  ? -3.446  13.582  4.780   1.00 28.16 ? 1905 ILE A CD1  1 
ATOM   428  N N    . LYS A 1 72  ? -5.049  11.683  9.289   1.00 29.46 ? 1906 LYS A N    1 
ATOM   429  C CA   . LYS A 1 72  ? -5.337  10.980  10.534  1.00 40.42 ? 1906 LYS A CA   1 
ATOM   430  C C    . LYS A 1 72  ? -4.587  9.655   10.669  1.00 39.43 ? 1906 LYS A C    1 
ATOM   431  O O    . LYS A 1 72  ? -4.293  9.220   11.783  1.00 34.38 ? 1906 LYS A O    1 
ATOM   432  C CB   . LYS A 1 72  ? -6.845  10.737  10.656  1.00 37.45 ? 1906 LYS A CB   1 
ATOM   433  C CG   . LYS A 1 72  ? -7.682  12.020  10.569  1.00 40.86 ? 1906 LYS A CG   1 
ATOM   434  C CD   . LYS A 1 72  ? -7.236  13.074  11.584  1.00 41.68 ? 1906 LYS A CD   1 
ATOM   435  C CE   . LYS A 1 72  ? -8.006  14.382  11.389  1.00 46.14 ? 1906 LYS A CE   1 
ATOM   436  N NZ   . LYS A 1 72  ? -7.688  15.408  12.436  1.00 51.84 ? 1906 LYS A NZ   1 
ATOM   437  N N    . LYS A 1 73  ? -4.287  9.016   9.541   1.00 31.27 ? 1907 LYS A N    1 
ATOM   438  C CA   . LYS A 1 73  ? -3.557  7.755   9.556   1.00 32.33 ? 1907 LYS A CA   1 
ATOM   439  C C    . LYS A 1 73  ? -2.409  7.761   8.545   1.00 25.17 ? 1907 LYS A C    1 
ATOM   440  O O    . LYS A 1 73  ? -2.565  7.270   7.424   1.00 26.02 ? 1907 LYS A O    1 
ATOM   441  C CB   . LYS A 1 73  ? -4.504  6.592   9.269   1.00 28.70 ? 1907 LYS A CB   1 
ATOM   442  C CG   . LYS A 1 73  ? -5.651  6.486   10.271  1.00 42.04 ? 1907 LYS A CG   1 
ATOM   443  C CD   . LYS A 1 73  ? -6.784  5.594   9.769   1.00 50.37 ? 1907 LYS A CD   1 
ATOM   444  C CE   . LYS A 1 73  ? -6.435  4.114   9.866   1.00 66.63 ? 1907 LYS A CE   1 
ATOM   445  N NZ   . LYS A 1 73  ? -7.592  3.256   9.466   1.00 67.62 ? 1907 LYS A NZ   1 
ATOM   446  N N    . PRO A 1 74  ? -1.260  8.333   8.934   1.00 27.35 ? 1908 PRO A N    1 
ATOM   447  C CA   . PRO A 1 74  ? -0.084  8.278   8.055   1.00 25.59 ? 1908 PRO A CA   1 
ATOM   448  C C    . PRO A 1 74  ? 0.312   6.837   7.728   1.00 27.44 ? 1908 PRO A C    1 
ATOM   449  O O    . PRO A 1 74  ? 0.163   5.930   8.557   1.00 24.01 ? 1908 PRO A O    1 
ATOM   450  C CB   . PRO A 1 74  ? 1.010   8.968   8.880   1.00 26.38 ? 1908 PRO A CB   1 
ATOM   451  C CG   . PRO A 1 74  ? 0.260   9.873   9.817   1.00 30.02 ? 1908 PRO A CG   1 
ATOM   452  C CD   . PRO A 1 74  ? -1.001  9.101   10.161  1.00 30.05 ? 1908 PRO A CD   1 
ATOM   453  N N    . MET A 1 75  ? 0.814   6.631   6.519   1.00 23.30 ? 1909 MET A N    1 
ATOM   454  C CA   . MET A 1 75  ? 1.308   5.313   6.125   1.00 24.51 ? 1909 MET A CA   1 
ATOM   455  C C    . MET A 1 75  ? 2.351   5.518   5.030   1.00 22.50 ? 1909 MET A C    1 
ATOM   456  O O    . MET A 1 75  ? 2.267   6.485   4.256   1.00 22.19 ? 1909 MET A O    1 
ATOM   457  C CB   . MET A 1 75  ? 0.158   4.410   5.662   1.00 23.31 ? 1909 MET A CB   1 
ATOM   458  C CG   . MET A 1 75  ? 0.541   2.938   5.345   1.00 22.67 ? 1909 MET A CG   1 
ATOM   459  S SD   . MET A 1 75  ? 1.409   2.135   6.720   1.00 24.18 ? 1909 MET A SD   1 
ATOM   460  C CE   . MET A 1 75  ? 0.225   2.386   8.048   1.00 24.04 ? 1909 MET A CE   1 
ATOM   461  N N    . ASP A 1 76  ? 3.346   4.637   5.002   1.00 20.34 ? 1910 ASP A N    1 
ATOM   462  C CA   . ASP A 1 76  ? 4.431   4.709   4.027   1.00 17.71 ? 1910 ASP A CA   1 
ATOM   463  C C    . ASP A 1 76  ? 4.969   3.305   3.762   1.00 22.44 ? 1910 ASP A C    1 
ATOM   464  O O    . ASP A 1 76  ? 4.677   2.378   4.521   1.00 22.35 ? 1910 ASP A O    1 
ATOM   465  C CB   . ASP A 1 76  ? 5.572   5.607   4.538   1.00 19.91 ? 1910 ASP A CB   1 
ATOM   466  C CG   . ASP A 1 76  ? 6.314   4.977   5.700   1.00 23.36 ? 1910 ASP A CG   1 
ATOM   467  O OD1  . ASP A 1 76  ? 5.785   5.017   6.832   1.00 26.31 ? 1910 ASP A OD1  1 
ATOM   468  O OD2  . ASP A 1 76  ? 7.416   4.444   5.480   1.00 28.76 ? 1910 ASP A OD2  1 
ATOM   469  N N    . PHE A 1 77  ? 5.797   3.155   2.727   1.00 17.95 ? 1911 PHE A N    1 
ATOM   470  C CA   . PHE A 1 77  ? 6.251   1.825   2.327   1.00 19.80 ? 1911 PHE A CA   1 
ATOM   471  C C    . PHE A 1 77  ? 7.098   1.151   3.407   1.00 23.01 ? 1911 PHE A C    1 
ATOM   472  O O    . PHE A 1 77  ? 6.992   -0.059  3.602   1.00 23.09 ? 1911 PHE A O    1 
ATOM   473  C CB   . PHE A 1 77  ? 7.056   1.883   1.011   1.00 18.85 ? 1911 PHE A CB   1 
ATOM   474  C CG   . PHE A 1 77  ? 6.227   2.250   -0.209  1.00 21.17 ? 1911 PHE A CG   1 
ATOM   475  C CD1  . PHE A 1 77  ? 4.836   2.275   -0.153  1.00 21.20 ? 1911 PHE A CD1  1 
ATOM   476  C CD2  . PHE A 1 77  ? 6.850   2.554   -1.412  1.00 24.91 ? 1911 PHE A CD2  1 
ATOM   477  C CE1  . PHE A 1 77  ? 4.074   2.627   -1.287  1.00 23.86 ? 1911 PHE A CE1  1 
ATOM   478  C CE2  . PHE A 1 77  ? 6.112   2.906   -2.534  1.00 21.63 ? 1911 PHE A CE2  1 
ATOM   479  C CZ   . PHE A 1 77  ? 4.716   2.929   -2.476  1.00 22.44 ? 1911 PHE A CZ   1 
ATOM   480  N N    . SER A 1 78  ? 7.934   1.912   4.114   1.00 21.23 ? 1912 SER A N    1 
ATOM   481  C CA   . SER A 1 78  ? 8.811   1.282   5.119   1.00 22.89 ? 1912 SER A CA   1 
ATOM   482  C C    . SER A 1 78  ? 7.999   0.723   6.288   1.00 28.11 ? 1912 SER A C    1 
ATOM   483  O O    . SER A 1 78  ? 8.347   -0.317  6.876   1.00 25.95 ? 1912 SER A O    1 
ATOM   484  C CB   . SER A 1 78  ? 9.874   2.273   5.629   1.00 26.58 ? 1912 SER A CB   1 
ATOM   485  O OG   . SER A 1 78  ? 9.327   3.236   6.518   1.00 25.79 ? 1912 SER A OG   1 
ATOM   486  N N    . THR A 1 79  ? 6.901   1.400   6.606   1.00 21.64 ? 1913 THR A N    1 
ATOM   487  C CA   . THR A 1 79  ? 6.010   0.969   7.678   1.00 22.01 ? 1913 THR A CA   1 
ATOM   488  C C    . THR A 1 79  ? 5.238   -0.277  7.231   1.00 26.59 ? 1913 THR A C    1 
ATOM   489  O O    . THR A 1 79  ? 5.043   -1.217  8.006   1.00 23.14 ? 1913 THR A O    1 
ATOM   490  C CB   . THR A 1 79  ? 5.033   2.091   8.086   1.00 27.94 ? 1913 THR A CB   1 
ATOM   491  O OG1  . THR A 1 79  ? 5.771   3.217   8.588   1.00 24.40 ? 1913 THR A OG1  1 
ATOM   492  C CG2  . THR A 1 79  ? 4.080   1.611   9.175   1.00 24.49 ? 1913 THR A CG2  1 
ATOM   493  N N    . ILE A 1 80  ? 4.819   -0.296  5.971   1.00 22.08 ? 1914 ILE A N    1 
ATOM   494  C CA   . ILE A 1 80  ? 4.182   -1.500  5.437   1.00 21.04 ? 1914 ILE A CA   1 
ATOM   495  C C    . ILE A 1 80  ? 5.164   -2.668  5.433   1.00 24.44 ? 1914 ILE A C    1 
ATOM   496  O O    . ILE A 1 80  ? 4.792   -3.790  5.800   1.00 24.76 ? 1914 ILE A O    1 
ATOM   497  C CB   . ILE A 1 80  ? 3.636   -1.258  4.013   1.00 21.34 ? 1914 ILE A CB   1 
ATOM   498  C CG1  . ILE A 1 80  ? 2.542   -0.184  4.055   1.00 19.05 ? 1914 ILE A CG1  1 
ATOM   499  C CG2  . ILE A 1 80  ? 3.096   -2.566  3.403   1.00 18.13 ? 1914 ILE A CG2  1 
ATOM   500  C CD1  . ILE A 1 80  ? 2.056   0.289   2.660   1.00 21.00 ? 1914 ILE A CD1  1 
ATOM   501  N N    . ARG A 1 81  ? 6.416   -2.416  5.034   1.00 22.31 ? 1915 ARG A N    1 
ATOM   502  C CA   . ARG A 1 81  ? 7.437   -3.474  5.005   1.00 23.51 ? 1915 ARG A CA   1 
ATOM   503  C C    . ARG A 1 81  ? 7.652   -4.071  6.404   1.00 27.36 ? 1915 ARG A C    1 
ATOM   504  O O    . ARG A 1 81  ? 7.723   -5.300  6.573   1.00 24.51 ? 1915 ARG A O    1 
ATOM   505  C CB   . ARG A 1 81  ? 8.760   -2.930  4.445   1.00 24.95 ? 1915 ARG A CB   1 
ATOM   506  C CG   . ARG A 1 81  ? 9.929   -3.904  4.498   1.00 27.43 ? 1915 ARG A CG   1 
ATOM   507  C CD   . ARG A 1 81  ? 9.717   -5.143  3.652   1.00 26.92 ? 1915 ARG A CD   1 
ATOM   508  N NE   . ARG A 1 81  ? 9.817   -4.906  2.212   1.00 25.53 ? 1915 ARG A NE   1 
ATOM   509  C CZ   . ARG A 1 81  ? 9.534   -5.836  1.301   1.00 29.09 ? 1915 ARG A CZ   1 
ATOM   510  N NH1  . ARG A 1 81  ? 9.134   -7.042  1.688   1.00 27.80 ? 1915 ARG A NH1  1 
ATOM   511  N NH2  . ARG A 1 81  ? 9.642   -5.575  0.011   1.00 30.27 ? 1915 ARG A NH2  1 
ATOM   512  N N    . GLU A 1 82  ? 7.745   -3.205  7.406   1.00 22.45 ? 1916 GLU A N    1 
ATOM   513  C CA   . GLU A 1 82  ? 7.921   -3.664  8.792   1.00 24.42 ? 1916 GLU A CA   1 
ATOM   514  C C    . GLU A 1 82  ? 6.721   -4.495  9.272   1.00 30.99 ? 1916 GLU A C    1 
ATOM   515  O O    . GLU A 1 82  ? 6.888   -5.541  9.914   1.00 27.22 ? 1916 GLU A O    1 
ATOM   516  C CB   . GLU A 1 82  ? 8.139   -2.470  9.730   1.00 26.94 ? 1916 GLU A CB   1 
ATOM   517  C CG   . GLU A 1 82  ? 8.401   -2.854  11.192  1.00 33.09 ? 1916 GLU A CG   1 
ATOM   518  C CD   . GLU A 1 82  ? 9.709   -3.609  11.390  1.00 39.50 ? 1916 GLU A CD   1 
ATOM   519  O OE1  . GLU A 1 82  ? 10.683  -3.323  10.668  1.00 35.05 ? 1916 GLU A OE1  1 
ATOM   520  O OE2  . GLU A 1 82  ? 9.763   -4.500  12.271  1.00 41.56 ? 1916 GLU A OE2  1 
ATOM   521  N N    . LYS A 1 83  ? 5.512   -4.029  8.971   1.00 26.95 ? 1917 LYS A N    1 
ATOM   522  C CA   . LYS A 1 83  ? 4.314   -4.765  9.352   1.00 26.45 ? 1917 LYS A CA   1 
ATOM   523  C C    . LYS A 1 83  ? 4.263   -6.122  8.640   1.00 27.31 ? 1917 LYS A C    1 
ATOM   524  O O    . LYS A 1 83  ? 3.890   -7.136  9.247   1.00 28.72 ? 1917 LYS A O    1 
ATOM   525  C CB   . LYS A 1 83  ? 3.046   -3.943  9.051   1.00 24.74 ? 1917 LYS A CB   1 
ATOM   526  C CG   . LYS A 1 83  ? 2.870   -2.723  9.963   1.00 25.48 ? 1917 LYS A CG   1 
ATOM   527  C CD   . LYS A 1 83  ? 1.664   -1.881  9.583   1.00 23.67 ? 1917 LYS A CD   1 
ATOM   528  C CE   . LYS A 1 83  ? 0.354   -2.597  9.932   1.00 27.29 ? 1917 LYS A CE   1 
ATOM   529  N NZ   . LYS A 1 83  ? -0.785  -1.648  9.801   1.00 24.69 ? 1917 LYS A NZ   1 
ATOM   530  N N    . LEU A 1 84  ? 4.648   -6.155  7.365   1.00 26.14 ? 1918 LEU A N    1 
ATOM   531  C CA   . LEU A 1 84  ? 4.612   -7.412  6.606   1.00 25.17 ? 1918 LEU A CA   1 
ATOM   532  C C    . LEU A 1 84  ? 5.639   -8.401  7.151   1.00 31.51 ? 1918 LEU A C    1 
ATOM   533  O O    . LEU A 1 84  ? 5.393   -9.599  7.200   1.00 34.65 ? 1918 LEU A O    1 
ATOM   534  C CB   . LEU A 1 84  ? 4.859   -7.167  5.111   1.00 27.88 ? 1918 LEU A CB   1 
ATOM   535  C CG   . LEU A 1 84  ? 4.583   -8.310  4.125   1.00 27.75 ? 1918 LEU A CG   1 
ATOM   536  C CD1  . LEU A 1 84  ? 3.117   -8.713  4.139   1.00 23.86 ? 1918 LEU A CD1  1 
ATOM   537  C CD2  . LEU A 1 84  ? 5.012   -7.938  2.694   1.00 27.78 ? 1918 LEU A CD2  1 
ATOM   538  N N    . SER A 1 85  ? 6.786   -7.889  7.573   1.00 25.26 ? 1919 SER A N    1 
ATOM   539  C CA   . SER A 1 85  ? 7.873   -8.735  8.064   1.00 26.73 ? 1919 SER A CA   1 
ATOM   540  C C    . SER A 1 85  ? 7.662   -9.249  9.490   1.00 29.52 ? 1919 SER A C    1 
ATOM   541  O O    . SER A 1 85  ? 8.418   -10.101 9.962   1.00 29.31 ? 1919 SER A O    1 
ATOM   542  C CB   . SER A 1 85  ? 9.202   -7.967  7.990   1.00 29.59 ? 1919 SER A CB   1 
ATOM   543  O OG   . SER A 1 85  ? 9.591   -7.785  6.637   1.00 31.14 ? 1919 SER A OG   1 
ATOM   544  N N    . SER A 1 86  ? 6.648   -8.736  10.175  1.00 24.96 ? 1920 SER A N    1 
ATOM   545  C CA   . SER A 1 86  ? 6.454   -9.046  11.583  1.00 28.30 ? 1920 SER A CA   1 
ATOM   546  C C    . SER A 1 86  ? 5.047   -9.585  11.867  1.00 28.48 ? 1920 SER A C    1 
ATOM   547  O O    . SER A 1 86  ? 4.568   -9.510  12.994  1.00 27.18 ? 1920 SER A O    1 
ATOM   548  C CB   . SER A 1 86  ? 6.735   -7.804  12.437  1.00 30.43 ? 1920 SER A CB   1 
ATOM   549  O OG   . SER A 1 86  ? 5.850   -6.736  12.123  1.00 29.38 ? 1920 SER A OG   1 
ATOM   550  N N    . GLY A 1 87  ? 4.387   -10.118 10.837  1.00 24.62 ? 1921 GLY A N    1 
ATOM   551  C CA   . GLY A 1 87  ? 3.088   -10.761 11.011  1.00 24.53 ? 1921 GLY A CA   1 
ATOM   552  C C    . GLY A 1 87  ? 1.937   -9.866  11.424  1.00 30.26 ? 1921 GLY A C    1 
ATOM   553  O O    . GLY A 1 87  ? 0.970   -10.327 12.054  1.00 28.29 ? 1921 GLY A O    1 
ATOM   554  N N    . GLN A 1 88  ? 1.994   -8.590  11.052  1.00 27.30 ? 1922 GLN A N    1 
ATOM   555  C CA   . GLN A 1 88  ? 0.936   -7.671  11.458  1.00 27.28 ? 1922 GLN A CA   1 
ATOM   556  C C    . GLN A 1 88  ? -0.202  -7.505  10.419  1.00 25.77 ? 1922 GLN A C    1 
ATOM   557  O O    . GLN A 1 88  ? -1.179  -6.794  10.680  1.00 26.09 ? 1922 GLN A O    1 
ATOM   558  C CB   . GLN A 1 88  ? 1.541   -6.307  11.808  1.00 24.75 ? 1922 GLN A CB   1 
ATOM   559  C CG   . GLN A 1 88  ? 2.440   -6.339  13.062  1.00 28.32 ? 1922 GLN A CG   1 
ATOM   560  C CD   . GLN A 1 88  ? 2.938   -4.958  13.461  1.00 28.12 ? 1922 GLN A CD   1 
ATOM   561  O OE1  . GLN A 1 88  ? 2.151   -4.088  13.825  1.00 32.95 ? 1922 GLN A OE1  1 
ATOM   562  N NE2  . GLN A 1 88  ? 4.245   -4.747  13.371  1.00 30.41 ? 1922 GLN A NE2  1 
ATOM   563  N N    . TYR A 1 89  ? -0.094  -8.168  9.268   1.00 24.01 ? 1923 TYR A N    1 
ATOM   564  C CA   . TYR A 1 89  ? -1.234  -8.266  8.337   1.00 22.04 ? 1923 TYR A CA   1 
ATOM   565  C C    . TYR A 1 89  ? -1.900  -9.643  8.451   1.00 24.97 ? 1923 TYR A C    1 
ATOM   566  O O    . TYR A 1 89  ? -1.299  -10.668 8.119   1.00 27.09 ? 1923 TYR A O    1 
ATOM   567  C CB   . TYR A 1 89  ? -0.812  -8.021  6.876   1.00 21.13 ? 1923 TYR A CB   1 
ATOM   568  C CG   . TYR A 1 89  ? -0.345  -6.598  6.653   1.00 22.23 ? 1923 TYR A CG   1 
ATOM   569  C CD1  . TYR A 1 89  ? -1.217  -5.531  6.831   1.00 25.63 ? 1923 TYR A CD1  1 
ATOM   570  C CD2  . TYR A 1 89  ? 0.964   -6.326  6.273   1.00 22.93 ? 1923 TYR A CD2  1 
ATOM   571  C CE1  . TYR A 1 89  ? -0.796  -4.211  6.649   1.00 27.34 ? 1923 TYR A CE1  1 
ATOM   572  C CE2  . TYR A 1 89  ? 1.399   -5.005  6.089   1.00 22.92 ? 1923 TYR A CE2  1 
ATOM   573  C CZ   . TYR A 1 89  ? 0.504   -3.957  6.282   1.00 23.23 ? 1923 TYR A CZ   1 
ATOM   574  O OH   . TYR A 1 89  ? 0.911   -2.647  6.108   1.00 24.88 ? 1923 TYR A OH   1 
ATOM   575  N N    . PRO A 1 90  ? -3.152  -9.666  8.919   1.00 26.32 ? 1924 PRO A N    1 
ATOM   576  C CA   . PRO A 1 90  ? -3.828  -10.958 9.056   1.00 33.42 ? 1924 PRO A CA   1 
ATOM   577  C C    . PRO A 1 90  ? -4.178  -11.590 7.709   1.00 36.96 ? 1924 PRO A C    1 
ATOM   578  O O    . PRO A 1 90  ? -4.291  -12.814 7.634   1.00 34.84 ? 1924 PRO A O    1 
ATOM   579  C CB   . PRO A 1 90  ? -5.094  -10.618 9.859   1.00 36.49 ? 1924 PRO A CB   1 
ATOM   580  C CG   . PRO A 1 90  ? -5.231  -9.154  9.811   1.00 37.46 ? 1924 PRO A CG   1 
ATOM   581  C CD   . PRO A 1 90  ? -3.872  -8.580  9.604   1.00 29.51 ? 1924 PRO A CD   1 
ATOM   582  N N    . ASN A 1 91  ? -4.324  -10.785 6.660   1.00 26.89 ? 1925 ASN A N    1 
ATOM   583  C CA   . ASN A 1 91  ? -4.639  -11.334 5.339   1.00 29.95 ? 1925 ASN A CA   1 
ATOM   584  C C    . ASN A 1 91  ? -4.236  -10.372 4.227   1.00 30.80 ? 1925 ASN A C    1 
ATOM   585  O O    . ASN A 1 91  ? -3.837  -9.237  4.503   1.00 27.86 ? 1925 ASN A O    1 
ATOM   586  C CB   . ASN A 1 91  ? -6.129  -11.660 5.235   1.00 30.63 ? 1925 ASN A CB   1 
ATOM   587  C CG   . ASN A 1 91  ? -7.007  -10.463 5.525   1.00 37.16 ? 1925 ASN A CG   1 
ATOM   588  O OD1  . ASN A 1 91  ? -6.887  -9.419  4.883   1.00 36.17 ? 1925 ASN A OD1  1 
ATOM   589  N ND2  . ASN A 1 91  ? -7.903  -10.607 6.489   1.00 35.68 ? 1925 ASN A ND2  1 
ATOM   590  N N    A LEU A 1 92  ? -4.328  -10.853 2.987   0.18 29.59 ? 1926 LEU A N    1 
ATOM   591  N N    B LEU A 1 92  ? -4.350  -10.790 2.967   0.82 29.58 ? 1926 LEU A N    1 
ATOM   592  C CA   A LEU A 1 92  ? -4.019  -10.066 1.795   0.18 30.66 ? 1926 LEU A CA   1 
ATOM   593  C CA   B LEU A 1 92  ? -3.830  -9.936  1.896   0.82 30.53 ? 1926 LEU A CA   1 
ATOM   594  C C    A LEU A 1 92  ? -4.648  -8.691  1.843   0.18 29.22 ? 1926 LEU A C    1 
ATOM   595  C C    B LEU A 1 92  ? -4.676  -8.667  1.717   0.82 29.18 ? 1926 LEU A C    1 
ATOM   596  O O    A LEU A 1 92  ? -3.994  -7.674  1.616   0.18 28.12 ? 1926 LEU A O    1 
ATOM   597  O O    B LEU A 1 92  ? -4.176  -7.660  1.205   0.82 27.59 ? 1926 LEU A O    1 
ATOM   598  C CB   A LEU A 1 92  ? -4.514  -10.781 0.535   0.18 32.61 ? 1926 LEU A CB   1 
ATOM   599  C CB   B LEU A 1 92  ? -3.728  -10.705 0.567   0.82 32.21 ? 1926 LEU A CB   1 
ATOM   600  C CG   A LEU A 1 92  ? -3.684  -11.903 -0.075  0.18 30.29 ? 1926 LEU A CG   1 
ATOM   601  C CG   B LEU A 1 92  ? -5.029  -10.942 -0.197  0.82 31.39 ? 1926 LEU A CG   1 
ATOM   602  C CD1  A LEU A 1 92  ? -4.405  -12.476 -1.287  0.18 32.65 ? 1926 LEU A CD1  1 
ATOM   603  C CD1  B LEU A 1 92  ? -4.733  -11.561 -1.561  0.82 31.78 ? 1926 LEU A CD1  1 
ATOM   604  C CD2  A LEU A 1 92  ? -2.324  -11.384 -0.465  0.18 29.98 ? 1926 LEU A CD2  1 
ATOM   605  C CD2  B LEU A 1 92  ? -5.928  -11.844 0.613   0.82 33.16 ? 1926 LEU A CD2  1 
ATOM   606  N N    . GLU A 1 93  ? -5.938  -8.682  2.143   1.00 27.03 ? 1927 GLU A N    1 
ATOM   607  C CA   . GLU A 1 93  ? -6.757  -7.486  2.008   1.00 32.50 ? 1927 GLU A CA   1 
ATOM   608  C C    . GLU A 1 93  ? -6.351  -6.362  2.968   1.00 31.13 ? 1927 GLU A C    1 
ATOM   609  O O    . GLU A 1 93  ? -6.468  -5.184  2.627   1.00 29.06 ? 1927 GLU A O    1 
ATOM   610  C CB   . GLU A 1 93  ? -8.233  -7.834  2.196   1.00 36.34 ? 1927 GLU A CB   1 
ATOM   611  C CG   . GLU A 1 93  ? -8.751  -8.871  1.178   1.00 42.65 ? 1927 GLU A CG   1 
ATOM   612  C CD   . GLU A 1 93  ? -8.597  -8.429  -0.288  1.00 49.47 ? 1927 GLU A CD   1 
ATOM   613  O OE1  . GLU A 1 93  ? -8.522  -7.205  -0.557  1.00 49.98 ? 1927 GLU A OE1  1 
ATOM   614  O OE2  . GLU A 1 93  ? -8.556  -9.314  -1.176  1.00 49.36 ? 1927 GLU A OE2  1 
ATOM   615  N N    . THR A 1 94  ? -5.875  -6.712  4.160   1.00 25.32 ? 1928 THR A N    1 
ATOM   616  C CA   . THR A 1 94  ? -5.420  -5.679  5.084   1.00 26.81 ? 1928 THR A CA   1 
ATOM   617  C C    . THR A 1 94  ? -4.125  -5.065  4.564   1.00 25.50 ? 1928 THR A C    1 
ATOM   618  O O    . THR A 1 94  ? -3.834  -3.897  4.819   1.00 25.22 ? 1928 THR A O    1 
ATOM   619  C CB   . THR A 1 94  ? -5.201  -6.227  6.513   1.00 31.09 ? 1928 THR A CB   1 
ATOM   620  O OG1  . THR A 1 94  ? -4.258  -7.303  6.478   1.00 28.55 ? 1928 THR A OG1  1 
ATOM   621  C CG2  . THR A 1 94  ? -6.515  -6.729  7.104   1.00 32.57 ? 1928 THR A CG2  1 
ATOM   622  N N    . PHE A 1 95  ? -3.346  -5.859  3.841   1.00 24.22 ? 1929 PHE A N    1 
ATOM   623  C CA   . PHE A 1 95  ? -2.135  -5.346  3.209   1.00 23.27 ? 1929 PHE A CA   1 
ATOM   624  C C    . PHE A 1 95  ? -2.532  -4.325  2.132   1.00 24.91 ? 1929 PHE A C    1 
ATOM   625  O O    . PHE A 1 95  ? -2.010  -3.210  2.103   1.00 22.42 ? 1929 PHE A O    1 
ATOM   626  C CB   . PHE A 1 95  ? -1.319  -6.496  2.631   1.00 23.08 ? 1929 PHE A CB   1 
ATOM   627  C CG   . PHE A 1 95  ? -0.235  -6.062  1.689   1.00 21.71 ? 1929 PHE A CG   1 
ATOM   628  C CD1  . PHE A 1 95  ? 1.001   -5.650  2.167   1.00 21.86 ? 1929 PHE A CD1  1 
ATOM   629  C CD2  . PHE A 1 95  ? -0.456  -6.077  0.316   1.00 18.60 ? 1929 PHE A CD2  1 
ATOM   630  C CE1  . PHE A 1 95  ? 2.002   -5.250  1.291   1.00 22.14 ? 1929 PHE A CE1  1 
ATOM   631  C CE2  . PHE A 1 95  ? 0.531   -5.684  -0.566  1.00 22.94 ? 1929 PHE A CE2  1 
ATOM   632  C CZ   . PHE A 1 95  ? 1.769   -5.267  -0.077  1.00 25.43 ? 1929 PHE A CZ   1 
ATOM   633  N N    . ALA A 1 96  ? -3.480  -4.692  1.268   1.00 22.87 ? 1930 ALA A N    1 
ATOM   634  C CA   . ALA A 1 96  ? -3.909  -3.777  0.201   1.00 25.35 ? 1930 ALA A CA   1 
ATOM   635  C C    . ALA A 1 96  ? -4.511  -2.481  0.762   1.00 25.08 ? 1930 ALA A C    1 
ATOM   636  O O    . ALA A 1 96  ? -4.362  -1.406  0.164   1.00 20.58 ? 1930 ALA A O    1 
ATOM   637  C CB   . ALA A 1 96  ? -4.911  -4.472  -0.725  1.00 23.47 ? 1930 ALA A CB   1 
ATOM   638  N N    . LEU A 1 97  ? -5.194  -2.569  1.903   1.00 23.27 ? 1931 LEU A N    1 
ATOM   639  C CA   . LEU A 1 97  ? -5.770  -1.366  2.507   1.00 25.41 ? 1931 LEU A CA   1 
ATOM   640  C C    . LEU A 1 97  ? -4.691  -0.355  2.903   1.00 24.76 ? 1931 LEU A C    1 
ATOM   641  O O    . LEU A 1 97  ? -4.877  0.847   2.724   1.00 24.80 ? 1931 LEU A O    1 
ATOM   642  C CB   . LEU A 1 97  ? -6.618  -1.715  3.735   1.00 27.53 ? 1931 LEU A CB   1 
ATOM   643  C CG   . LEU A 1 97  ? -7.968  -2.379  3.446   1.00 36.63 ? 1931 LEU A CG   1 
ATOM   644  C CD1  . LEU A 1 97  ? -8.604  -2.855  4.748   1.00 37.33 ? 1931 LEU A CD1  1 
ATOM   645  C CD2  . LEU A 1 97  ? -8.887  -1.406  2.713   1.00 36.83 ? 1931 LEU A CD2  1 
ATOM   646  N N    . ASP A 1 98  ? -3.577  -0.835  3.455   1.00 23.07 ? 1932 ASP A N    1 
ATOM   647  C CA   . ASP A 1 98  ? -2.477  0.056   3.848   1.00 23.33 ? 1932 ASP A CA   1 
ATOM   648  C C    . ASP A 1 98  ? -1.763  0.656   2.634   1.00 22.20 ? 1932 ASP A C    1 
ATOM   649  O O    . ASP A 1 98  ? -1.361  1.817   2.657   1.00 19.86 ? 1932 ASP A O    1 
ATOM   650  C CB   . ASP A 1 98  ? -1.457  -0.692  4.721   1.00 23.69 ? 1932 ASP A CB   1 
ATOM   651  C CG   . ASP A 1 98  ? -1.677  -0.466  6.215   1.00 24.69 ? 1932 ASP A CG   1 
ATOM   652  O OD1  . ASP A 1 98  ? -2.639  0.244   6.596   1.00 27.27 ? 1932 ASP A OD1  1 
ATOM   653  O OD2  . ASP A 1 98  ? -0.878  -1.009  7.016   1.00 25.51 ? 1932 ASP A OD2  1 
ATOM   654  N N    . VAL A 1 99  ? -1.589  -0.133  1.580   1.00 20.28 ? 1933 VAL A N    1 
ATOM   655  C CA   . VAL A 1 99  ? -0.988  0.400   0.360   1.00 17.96 ? 1933 VAL A CA   1 
ATOM   656  C C    . VAL A 1 99  ? -1.869  1.530   -0.195  1.00 21.10 ? 1933 VAL A C    1 
ATOM   657  O O    . VAL A 1 99  ? -1.387  2.613   -0.520  1.00 23.42 ? 1933 VAL A O    1 
ATOM   658  C CB   . VAL A 1 99  ? -0.801  -0.695  -0.731  1.00 19.63 ? 1933 VAL A CB   1 
ATOM   659  C CG1  . VAL A 1 99  ? -0.355  -0.078  -2.046  1.00 21.51 ? 1933 VAL A CG1  1 
ATOM   660  C CG2  . VAL A 1 99  ? 0.197   -1.759  -0.265  1.00 21.66 ? 1933 VAL A CG2  1 
ATOM   661  N N    . ARG A 1 100 ? -3.168  1.262   -0.316  1.00 21.04 ? 1934 ARG A N    1 
ATOM   662  C CA   . ARG A 1 100 ? -4.094  2.262   -0.845  1.00 23.92 ? 1934 ARG A CA   1 
ATOM   663  C C    . ARG A 1 100 ? -4.122  3.514   0.042   1.00 26.76 ? 1934 ARG A C    1 
ATOM   664  O O    . ARG A 1 100 ? -4.218  4.637   -0.463  1.00 22.09 ? 1934 ARG A O    1 
ATOM   665  C CB   . ARG A 1 100 ? -5.493  1.645   -0.998  1.00 23.62 ? 1934 ARG A CB   1 
ATOM   666  C CG   . ARG A 1 100 ? -5.547  0.657   -2.166  1.00 24.59 ? 1934 ARG A CG   1 
ATOM   667  C CD   . ARG A 1 100 ? -6.785  -0.230  -2.181  1.00 27.76 ? 1934 ARG A CD   1 
ATOM   668  N NE   . ARG A 1 100 ? -6.679  -1.169  -3.301  1.00 30.61 ? 1934 ARG A NE   1 
ATOM   669  C CZ   . ARG A 1 100 ? -7.225  -2.380  -3.333  1.00 33.35 ? 1934 ARG A CZ   1 
ATOM   670  N NH1  . ARG A 1 100 ? -7.941  -2.821  -2.308  1.00 30.13 ? 1934 ARG A NH1  1 
ATOM   671  N NH2  . ARG A 1 100 ? -7.054  -3.150  -4.399  1.00 35.07 ? 1934 ARG A NH2  1 
ATOM   672  N N    . LEU A 1 101 ? -4.012  3.319   1.358   1.00 25.88 ? 1935 LEU A N    1 
ATOM   673  C CA   . LEU A 1 101 ? -3.954  4.436   2.308   1.00 23.29 ? 1935 LEU A CA   1 
ATOM   674  C C    . LEU A 1 101 ? -2.812  5.402   1.984   1.00 23.87 ? 1935 LEU A C    1 
ATOM   675  O O    . LEU A 1 101 ? -2.989  6.622   2.068   1.00 22.46 ? 1935 LEU A O    1 
ATOM   676  C CB   . LEU A 1 101 ? -3.812  3.907   3.745   1.00 25.74 ? 1935 LEU A CB   1 
ATOM   677  C CG   . LEU A 1 101 ? -3.681  4.906   4.904   1.00 25.45 ? 1935 LEU A CG   1 
ATOM   678  C CD1  . LEU A 1 101 ? -4.906  5.857   4.981   1.00 27.67 ? 1935 LEU A CD1  1 
ATOM   679  C CD2  . LEU A 1 101 ? -3.488  4.157   6.228   1.00 24.37 ? 1935 LEU A CD2  1 
ATOM   680  N N    . VAL A 1 102 ? -1.648  4.867   1.608   1.00 18.93 ? 1936 VAL A N    1 
ATOM   681  C CA   . VAL A 1 102 ? -0.545  5.725   1.183   1.00 19.52 ? 1936 VAL A CA   1 
ATOM   682  C C    . VAL A 1 102 ? -1.019  6.676   0.081   1.00 22.55 ? 1936 VAL A C    1 
ATOM   683  O O    . VAL A 1 102 ? -0.775  7.882   0.147   1.00 24.11 ? 1936 VAL A O    1 
ATOM   684  C CB   . VAL A 1 102 ? 0.674   4.911   0.662   1.00 19.32 ? 1936 VAL A CB   1 
ATOM   685  C CG1  . VAL A 1 102 ? 1.747   5.856   0.093   1.00 23.34 ? 1936 VAL A CG1  1 
ATOM   686  C CG2  . VAL A 1 102 ? 1.270   4.025   1.777   1.00 21.61 ? 1936 VAL A CG2  1 
ATOM   687  N N    . PHE A 1 103 ? -1.720  6.148   -0.923  1.00 21.25 ? 1937 PHE A N    1 
ATOM   688  C CA   . PHE A 1 103 ? -2.061  6.976   -2.082  1.00 22.43 ? 1937 PHE A CA   1 
ATOM   689  C C    . PHE A 1 103 ? -3.262  7.869   -1.816  1.00 25.26 ? 1937 PHE A C    1 
ATOM   690  O O    . PHE A 1 103 ? -3.350  8.982   -2.356  1.00 27.22 ? 1937 PHE A O    1 
ATOM   691  C CB   . PHE A 1 103 ? -2.289  6.080   -3.306  1.00 21.23 ? 1937 PHE A CB   1 
ATOM   692  C CG   . PHE A 1 103 ? -1.117  5.189   -3.582  1.00 21.72 ? 1937 PHE A CG   1 
ATOM   693  C CD1  . PHE A 1 103 ? 0.175   5.710   -3.505  1.00 21.57 ? 1937 PHE A CD1  1 
ATOM   694  C CD2  . PHE A 1 103 ? -1.283  3.840   -3.831  1.00 22.48 ? 1937 PHE A CD2  1 
ATOM   695  C CE1  . PHE A 1 103 ? 1.280   4.909   -3.717  1.00 22.94 ? 1937 PHE A CE1  1 
ATOM   696  C CE2  . PHE A 1 103 ? -0.171  3.018   -4.043  1.00 25.30 ? 1937 PHE A CE2  1 
ATOM   697  C CZ   . PHE A 1 103 ? 1.111   3.559   -3.986  1.00 21.72 ? 1937 PHE A CZ   1 
ATOM   698  N N    . ASP A 1 104 ? -4.162  7.400   -0.958  1.00 25.25 ? 1938 ASP A N    1 
ATOM   699  C CA   . ASP A 1 104 ? -5.290  8.219   -0.525  1.00 26.92 ? 1938 ASP A CA   1 
ATOM   700  C C    . ASP A 1 104 ? -4.814  9.417   0.293   1.00 28.28 ? 1938 ASP A C    1 
ATOM   701  O O    . ASP A 1 104 ? -5.302  10.536  0.103   1.00 29.68 ? 1938 ASP A O    1 
ATOM   702  C CB   . ASP A 1 104 ? -6.287  7.389   0.284   1.00 24.05 ? 1938 ASP A CB   1 
ATOM   703  C CG   . ASP A 1 104 ? -7.073  6.423   -0.578  1.00 29.15 ? 1938 ASP A CG   1 
ATOM   704  O OD1  . ASP A 1 104 ? -7.025  6.549   -1.818  1.00 28.20 ? 1938 ASP A OD1  1 
ATOM   705  O OD2  . ASP A 1 104 ? -7.743  5.535   -0.014  1.00 30.94 ? 1938 ASP A OD2  1 
ATOM   706  N N    . ASN A 1 105 ? -3.868  9.189   1.202   1.00 26.80 ? 1939 ASN A N    1 
ATOM   707  C CA   . ASN A 1 105 ? -3.232  10.292  1.930   1.00 26.52 ? 1939 ASN A CA   1 
ATOM   708  C C    . ASN A 1 105 ? -2.580  11.282  0.979   1.00 30.38 ? 1939 ASN A C    1 
ATOM   709  O O    . ASN A 1 105 ? -2.697  12.505  1.158   1.00 26.64 ? 1939 ASN A O    1 
ATOM   710  C CB   . ASN A 1 105 ? -2.174  9.777   2.911   1.00 22.29 ? 1939 ASN A CB   1 
ATOM   711  C CG   . ASN A 1 105 ? -2.778  9.068   4.103   1.00 29.15 ? 1939 ASN A CG   1 
ATOM   712  O OD1  . ASN A 1 105 ? -3.979  9.161   4.351   1.00 26.63 ? 1939 ASN A OD1  1 
ATOM   713  N ND2  . ASN A 1 105 ? -1.938  8.361   4.860   1.00 24.67 ? 1939 ASN A ND2  1 
ATOM   714  N N    . CYS A 1 106 ? -1.880  10.753  -0.025  1.00 23.49 ? 1940 CYS A N    1 
ATOM   715  C CA   . CYS A 1 106 ? -1.177  11.598  -0.986  1.00 25.29 ? 1940 CYS A CA   1 
ATOM   716  C C    . CYS A 1 106 ? -2.147  12.510  -1.738  1.00 25.76 ? 1940 CYS A C    1 
ATOM   717  O O    . CYS A 1 106 ? -1.865  13.707  -1.933  1.00 30.18 ? 1940 CYS A O    1 
ATOM   718  C CB   . CYS A 1 106 ? -0.381  10.744  -1.980  1.00 22.40 ? 1940 CYS A CB   1 
ATOM   719  S SG   . CYS A 1 106 ? 0.613   11.670  -3.205  1.00 25.12 ? 1940 CYS A SG   1 
ATOM   720  N N    . GLU A 1 107 ? -3.274  11.944  -2.164  1.00 26.46 ? 1941 GLU A N    1 
ATOM   721  C CA   . GLU A 1 107 ? -4.293  12.721  -2.877  1.00 32.24 ? 1941 GLU A CA   1 
ATOM   722  C C    . GLU A 1 107 ? -4.919  13.790  -1.990  1.00 33.03 ? 1941 GLU A C    1 
ATOM   723  O O    . GLU A 1 107 ? -5.291  14.869  -2.465  1.00 34.35 ? 1941 GLU A O    1 
ATOM   724  C CB   . GLU A 1 107 ? -5.391  11.810  -3.415  1.00 29.70 ? 1941 GLU A CB   1 
ATOM   725  C CG   . GLU A 1 107 ? -5.195  11.416  -4.849  1.00 40.09 ? 1941 GLU A CG   1 
ATOM   726  C CD   . GLU A 1 107 ? -6.436  10.794  -5.452  1.00 50.34 ? 1941 GLU A CD   1 
ATOM   727  O OE1  . GLU A 1 107 ? -7.416  11.535  -5.691  1.00 50.06 ? 1941 GLU A OE1  1 
ATOM   728  O OE2  . GLU A 1 107 ? -6.429  9.568   -5.687  1.00 46.96 ? 1941 GLU A OE2  1 
ATOM   729  N N    . THR A 1 108 ? -5.048  13.488  -0.704  1.00 28.55 ? 1942 THR A N    1 
ATOM   730  C CA   . THR A 1 108 ? -5.636  14.431  0.246   1.00 30.57 ? 1942 THR A CA   1 
ATOM   731  C C    . THR A 1 108 ? -4.788  15.686  0.435   1.00 38.77 ? 1942 THR A C    1 
ATOM   732  O O    . THR A 1 108 ? -5.320  16.795  0.554   1.00 36.43 ? 1942 THR A O    1 
ATOM   733  C CB   . THR A 1 108 ? -5.851  13.770  1.619   1.00 33.65 ? 1942 THR A CB   1 
ATOM   734  O OG1  . THR A 1 108 ? -6.920  12.824  1.520   1.00 34.33 ? 1942 THR A OG1  1 
ATOM   735  C CG2  . THR A 1 108 ? -6.208  14.804  2.669   1.00 37.45 ? 1942 THR A CG2  1 
ATOM   736  N N    . PHE A 1 109 ? -3.472  15.507  0.451   1.00 27.32 ? 1943 PHE A N    1 
ATOM   737  C CA   . PHE A 1 109 ? -2.553  16.565  0.852   1.00 31.05 ? 1943 PHE A CA   1 
ATOM   738  C C    . PHE A 1 109 ? -1.841  17.252  -0.314  1.00 36.52 ? 1943 PHE A C    1 
ATOM   739  O O    . PHE A 1 109 ? -1.191  18.289  -0.127  1.00 34.51 ? 1943 PHE A O    1 
ATOM   740  C CB   . PHE A 1 109 ? -1.512  15.993  1.816   1.00 30.05 ? 1943 PHE A CB   1 
ATOM   741  C CG   . PHE A 1 109 ? -0.881  17.025  2.722   1.00 28.52 ? 1943 PHE A CG   1 
ATOM   742  C CD1  . PHE A 1 109 ? -1.522  17.427  3.885   1.00 30.93 ? 1943 PHE A CD1  1 
ATOM   743  C CD2  . PHE A 1 109 ? 0.353   17.571  2.425   1.00 29.23 ? 1943 PHE A CD2  1 
ATOM   744  C CE1  . PHE A 1 109 ? -0.945  18.365  4.737   1.00 33.20 ? 1943 PHE A CE1  1 
ATOM   745  C CE2  . PHE A 1 109 ? 0.939   18.510  3.274   1.00 34.42 ? 1943 PHE A CE2  1 
ATOM   746  C CZ   . PHE A 1 109 ? 0.286   18.905  4.430   1.00 31.39 ? 1943 PHE A CZ   1 
ATOM   747  N N    . ASN A 1 110 ? -1.945  16.678  -1.509  1.00 29.15 ? 1944 ASN A N    1 
ATOM   748  C CA   . ASN A 1 110 ? -1.183  17.177  -2.649  1.00 34.66 ? 1944 ASN A CA   1 
ATOM   749  C C    . ASN A 1 110 ? -2.071  17.471  -3.856  1.00 33.39 ? 1944 ASN A C    1 
ATOM   750  O O    . ASN A 1 110 ? -3.020  16.739  -4.141  1.00 33.34 ? 1944 ASN A O    1 
ATOM   751  C CB   . ASN A 1 110 ? -0.095  16.180  -3.064  1.00 29.11 ? 1944 ASN A CB   1 
ATOM   752  C CG   . ASN A 1 110 ? 0.922   15.928  -1.964  1.00 34.81 ? 1944 ASN A CG   1 
ATOM   753  O OD1  . ASN A 1 110 ? 1.879   16.683  -1.804  1.00 32.26 ? 1944 ASN A OD1  1 
ATOM   754  N ND2  . ASN A 1 110 ? 0.720   14.857  -1.203  1.00 27.78 ? 1944 ASN A ND2  1 
ATOM   755  N N    . GLU A 1 111 ? -1.755  18.555  -4.554  1.00 36.56 ? 1945 GLU A N    1 
ATOM   756  C CA   . GLU A 1 111 ? -2.424  18.873  -5.810  1.00 37.38 ? 1945 GLU A CA   1 
ATOM   757  C C    . GLU A 1 111 ? -2.072  17.827  -6.864  1.00 30.91 ? 1945 GLU A C    1 
ATOM   758  O O    . GLU A 1 111 ? -0.917  17.387  -6.932  1.00 33.74 ? 1945 GLU A O    1 
ATOM   759  C CB   A GLU A 1 111 ? -2.021  20.270  -6.287  0.46 38.32 ? 1945 GLU A CB   1 
ATOM   760  C CB   B GLU A 1 111 ? -2.043  20.279  -6.286  0.54 38.31 ? 1945 GLU A CB   1 
ATOM   761  C CG   A GLU A 1 111 ? -2.055  21.328  -5.192  0.46 39.81 ? 1945 GLU A CG   1 
ATOM   762  C CG   B GLU A 1 111 ? -2.719  21.410  -5.507  0.54 39.93 ? 1945 GLU A CG   1 
ATOM   763  C CD   A GLU A 1 111 ? -1.513  22.669  -5.647  0.46 44.96 ? 1945 GLU A CD   1 
ATOM   764  C CD   B GLU A 1 111 ? -4.186  21.576  -5.865  0.54 42.80 ? 1945 GLU A CD   1 
ATOM   765  O OE1  A GLU A 1 111 ? -2.008  23.193  -6.665  0.46 40.43 ? 1945 GLU A OE1  1 
ATOM   766  O OE1  B GLU A 1 111 ? -4.609  21.057  -6.920  0.54 48.70 ? 1945 GLU A OE1  1 
ATOM   767  O OE2  A GLU A 1 111 ? -0.589  23.195  -4.989  0.46 48.12 ? 1945 GLU A OE2  1 
ATOM   768  O OE2  B GLU A 1 111 ? -4.919  22.223  -5.091  0.54 44.69 ? 1945 GLU A OE2  1 
ATOM   769  N N    . ASP A 1 112 ? -3.058  17.435  -7.680  1.00 36.39 ? 1946 ASP A N    1 
ATOM   770  C CA   . ASP A 1 112 ? -2.853  16.425  -8.728  1.00 39.24 ? 1946 ASP A CA   1 
ATOM   771  C C    . ASP A 1 112 ? -1.699  16.796  -9.640  1.00 38.95 ? 1946 ASP A C    1 
ATOM   772  O O    . ASP A 1 112 ? -0.970  15.931  -10.125 1.00 46.15 ? 1946 ASP A O    1 
ATOM   773  C CB   . ASP A 1 112 ? -4.111  16.236  -9.584  1.00 34.78 ? 1946 ASP A CB   1 
ATOM   774  C CG   . ASP A 1 112 ? -5.268  15.631  -8.818  1.00 45.56 ? 1946 ASP A CG   1 
ATOM   775  O OD1  . ASP A 1 112 ? -5.046  15.001  -7.758  1.00 41.12 ? 1946 ASP A OD1  1 
ATOM   776  O OD2  . ASP A 1 112 ? -6.415  15.783  -9.287  1.00 44.34 ? 1946 ASP A OD2  1 
ATOM   777  N N    . ASP A 1 113 ? -1.547  18.093  -9.875  1.00 47.26 ? 1947 ASP A N    1 
ATOM   778  C CA   A ASP A 1 113 ? -0.517  18.627  -10.755 0.43 49.42 ? 1947 ASP A CA   1 
ATOM   779  C CA   B ASP A 1 113 ? -0.492  18.570  -10.757 0.57 49.40 ? 1947 ASP A CA   1 
ATOM   780  C C    . ASP A 1 113 ? 0.666   19.158  -9.948  1.00 53.19 ? 1947 ASP A C    1 
ATOM   781  O O    . ASP A 1 113 ? 0.992   20.347  -10.025 1.00 65.53 ? 1947 ASP A O    1 
ATOM   782  C CB   A ASP A 1 113 ? -1.109  19.735  -11.638 0.43 55.06 ? 1947 ASP A CB   1 
ATOM   783  C CB   B ASP A 1 113 ? -1.060  19.573  -11.761 0.57 55.24 ? 1947 ASP A CB   1 
ATOM   784  C CG   A ASP A 1 113 ? -0.099  20.326  -12.608 0.43 56.21 ? 1947 ASP A CG   1 
ATOM   785  C CG   B ASP A 1 113 ? -2.053  18.925  -12.723 0.57 56.13 ? 1947 ASP A CG   1 
ATOM   786  O OD1  A ASP A 1 113 ? 0.877   19.632  -12.965 0.43 54.29 ? 1947 ASP A OD1  1 
ATOM   787  O OD1  B ASP A 1 113 ? -1.867  17.735  -13.061 0.57 49.03 ? 1947 ASP A OD1  1 
ATOM   788  O OD2  A ASP A 1 113 ? -0.283  21.497  -13.011 0.43 61.65 ? 1947 ASP A OD2  1 
ATOM   789  O OD2  B ASP A 1 113 ? -3.025  19.597  -13.130 0.57 58.83 ? 1947 ASP A OD2  1 
ATOM   790  N N    . SER A 1 114 ? 1.272   18.284  -9.152  1.00 43.40 ? 1948 SER A N    1 
ATOM   791  C CA   . SER A 1 114 ? 2.511   18.550  -8.434  1.00 35.68 ? 1948 SER A CA   1 
ATOM   792  C C    . SER A 1 114 ? 3.355   17.312  -8.678  1.00 37.03 ? 1948 SER A C    1 
ATOM   793  O O    . SER A 1 114 ? 2.823   16.294  -9.137  1.00 35.10 ? 1948 SER A O    1 
ATOM   794  C CB   . SER A 1 114 ? 2.274   18.785  -6.941  1.00 41.40 ? 1948 SER A CB   1 
ATOM   795  O OG   . SER A 1 114 ? 1.644   17.662  -6.337  1.00 33.40 ? 1948 SER A OG   1 
ATOM   796  N N    . ASP A 1 115 ? 4.649   17.367  -8.389  1.00 33.27 ? 1949 ASP A N    1 
ATOM   797  C CA   . ASP A 1 115 ? 5.471   16.175  -8.572  1.00 34.36 ? 1949 ASP A CA   1 
ATOM   798  C C    . ASP A 1 115 ? 4.977   15.040  -7.665  1.00 33.29 ? 1949 ASP A C    1 
ATOM   799  O O    . ASP A 1 115 ? 4.791   13.915  -8.124  1.00 28.17 ? 1949 ASP A O    1 
ATOM   800  C CB   . ASP A 1 115 ? 6.948   16.470  -8.309  1.00 34.46 ? 1949 ASP A CB   1 
ATOM   801  C CG   . ASP A 1 115 ? 7.529   17.468  -9.298  1.00 43.76 ? 1949 ASP A CG   1 
ATOM   802  O OD1  . ASP A 1 115 ? 7.717   17.106  -10.481 1.00 41.95 ? 1949 ASP A OD1  1 
ATOM   803  O OD2  . ASP A 1 115 ? 7.805   18.611  -8.880  1.00 39.23 ? 1949 ASP A OD2  1 
ATOM   804  N N    . ILE A 1 116 ? 4.737   15.339  -6.390  1.00 31.58 ? 1950 ILE A N    1 
ATOM   805  C CA   . ILE A 1 116 ? 4.298   14.302  -5.456  1.00 28.87 ? 1950 ILE A CA   1 
ATOM   806  C C    . ILE A 1 116 ? 2.908   13.788  -5.827  1.00 31.37 ? 1950 ILE A C    1 
ATOM   807  O O    . ILE A 1 116 ? 2.668   12.573  -5.816  1.00 27.26 ? 1950 ILE A O    1 
ATOM   808  C CB   . ILE A 1 116 ? 4.310   14.812  -3.997  1.00 30.95 ? 1950 ILE A CB   1 
ATOM   809  C CG1  . ILE A 1 116 ? 5.751   15.086  -3.554  1.00 33.76 ? 1950 ILE A CG1  1 
ATOM   810  C CG2  . ILE A 1 116 ? 3.669   13.788  -3.046  1.00 26.04 ? 1950 ILE A CG2  1 
ATOM   811  C CD1  . ILE A 1 116 ? 5.863   15.647  -2.138  1.00 30.03 ? 1950 ILE A CD1  1 
ATOM   812  N N    . GLY A 1 117 ? 2.007   14.700  -6.188  1.00 29.75 ? 1951 GLY A N    1 
ATOM   813  C CA   . GLY A 1 117 ? 0.656   14.336  -6.586  1.00 27.55 ? 1951 GLY A CA   1 
ATOM   814  C C    . GLY A 1 117 ? 0.644   13.387  -7.779  1.00 29.82 ? 1951 GLY A C    1 
ATOM   815  O O    . GLY A 1 117 ? -0.083  12.391  -7.800  1.00 28.86 ? 1951 GLY A O    1 
ATOM   816  N N    . ARG A 1 118 ? 1.452   13.703  -8.781  1.00 30.19 ? 1952 ARG A N    1 
ATOM   817  C CA   A ARG A 1 118 ? 1.571   12.869  -9.973  0.63 30.07 ? 1952 ARG A CA   1 
ATOM   818  C CA   B ARG A 1 118 ? 1.543   12.868  -9.966  0.37 30.09 ? 1952 ARG A CA   1 
ATOM   819  C C    . ARG A 1 118 ? 2.211   11.527  -9.640  1.00 28.47 ? 1952 ARG A C    1 
ATOM   820  O O    . ARG A 1 118 ? 1.797   10.482  -10.142 1.00 24.89 ? 1952 ARG A O    1 
ATOM   821  C CB   A ARG A 1 118 ? 2.388   13.576  -11.062 0.63 34.11 ? 1952 ARG A CB   1 
ATOM   822  C CB   B ARG A 1 118 ? 2.302   13.603  -11.073 0.37 34.10 ? 1952 ARG A CB   1 
ATOM   823  C CG   A ARG A 1 118 ? 1.572   14.471  -11.980 0.63 36.83 ? 1952 ARG A CG   1 
ATOM   824  C CG   B ARG A 1 118 ? 2.176   12.964  -12.443 0.37 33.53 ? 1952 ARG A CG   1 
ATOM   825  C CD   A ARG A 1 118 ? 2.383   14.912  -13.200 0.63 39.74 ? 1952 ARG A CD   1 
ATOM   826  C CD   B ARG A 1 118 ? 0.767   12.427  -12.703 0.37 39.06 ? 1952 ARG A CD   1 
ATOM   827  N NE   A ARG A 1 118 ? 3.488   15.795  -12.838 0.63 40.29 ? 1952 ARG A NE   1 
ATOM   828  N NE   B ARG A 1 118 ? -0.271  13.456  -12.655 0.37 37.45 ? 1952 ARG A NE   1 
ATOM   829  C CZ   A ARG A 1 118 ? 3.366   17.108  -12.681 0.63 38.09 ? 1952 ARG A CZ   1 
ATOM   830  C CZ   B ARG A 1 118 ? -1.554  13.224  -12.917 0.37 41.95 ? 1952 ARG A CZ   1 
ATOM   831  N NH1  A ARG A 1 118 ? 4.419   17.841  -12.348 0.63 35.84 ? 1952 ARG A NH1  1 
ATOM   832  N NH1  B ARG A 1 118 ? -1.950  12.002  -13.250 0.37 44.30 ? 1952 ARG A NH1  1 
ATOM   833  N NH2  A ARG A 1 118 ? 2.185   17.684  -12.854 0.63 44.10 ? 1952 ARG A NH2  1 
ATOM   834  N NH2  B ARG A 1 118 ? -2.442  14.208  -12.854 0.37 40.72 ? 1952 ARG A NH2  1 
ATOM   835  N N    . ALA A 1 119 ? 3.234   11.561  -8.790  1.00 24.79 ? 1953 ALA A N    1 
ATOM   836  C CA   . ALA A 1 119 ? 3.889   10.332  -8.341  1.00 28.00 ? 1953 ALA A CA   1 
ATOM   837  C C    . ALA A 1 119 ? 2.885   9.380   -7.697  1.00 26.78 ? 1953 ALA A C    1 
ATOM   838  O O    . ALA A 1 119 ? 2.907   8.166   -7.951  1.00 25.71 ? 1953 ALA A O    1 
ATOM   839  C CB   . ALA A 1 119 ? 5.001   10.650  -7.362  1.00 24.89 ? 1953 ALA A CB   1 
ATOM   840  N N    . GLY A 1 120 ? 2.012   9.931   -6.856  1.00 23.99 ? 1954 GLY A N    1 
ATOM   841  C CA   . GLY A 1 120 ? 1.012   9.132   -6.172  1.00 24.29 ? 1954 GLY A CA   1 
ATOM   842  C C    . GLY A 1 120 ? 0.036   8.465   -7.133  1.00 26.35 ? 1954 GLY A C    1 
ATOM   843  O O    . GLY A 1 120 ? -0.230  7.269   -7.019  1.00 24.54 ? 1954 GLY A O    1 
ATOM   844  N N    . HIS A 1 121 ? -0.496  9.225   -8.088  1.00 24.36 ? 1955 HIS A N    1 
ATOM   845  C CA   . HIS A 1 121 ? -1.349  8.637   -9.117  1.00 26.28 ? 1955 HIS A CA   1 
ATOM   846  C C    . HIS A 1 121 ? -0.630  7.543   -9.907  1.00 21.75 ? 1955 HIS A C    1 
ATOM   847  O O    . HIS A 1 121 ? -1.204  6.481   -10.146 1.00 25.79 ? 1955 HIS A O    1 
ATOM   848  C CB   . HIS A 1 121 ? -1.865  9.720   -10.077 1.00 29.73 ? 1955 HIS A CB   1 
ATOM   849  C CG   . HIS A 1 121 ? -2.896  10.616  -9.470  1.00 30.36 ? 1955 HIS A CG   1 
ATOM   850  N ND1  . HIS A 1 121 ? -4.134  10.168  -9.077  1.00 37.48 ? 1955 HIS A ND1  1 
ATOM   851  C CD2  . HIS A 1 121 ? -2.869  11.947  -9.184  1.00 29.89 ? 1955 HIS A CD2  1 
ATOM   852  C CE1  . HIS A 1 121 ? -4.833  11.175  -8.573  1.00 39.44 ? 1955 HIS A CE1  1 
ATOM   853  N NE2  . HIS A 1 121 ? -4.082  12.262  -8.628  1.00 34.55 ? 1955 HIS A NE2  1 
ATOM   854  N N    . ASN A 1 122 ? 0.620   7.792   -10.315 1.00 24.79 ? 1956 ASN A N    1 
ATOM   855  C CA   . ASN A 1 122 ? 1.398   6.794   -11.046 1.00 24.55 ? 1956 ASN A CA   1 
ATOM   856  C C    . ASN A 1 122 ? 1.590   5.502   -10.247 1.00 26.30 ? 1956 ASN A C    1 
ATOM   857  O O    . ASN A 1 122 ? 1.443   4.392   -10.777 1.00 25.09 ? 1956 ASN A O    1 
ATOM   858  C CB   . ASN A 1 122 ? 2.777   7.343   -11.432 1.00 25.64 ? 1956 ASN A CB   1 
ATOM   859  C CG   . ASN A 1 122 ? 2.716   8.358   -12.566 1.00 27.53 ? 1956 ASN A CG   1 
ATOM   860  O OD1  . ASN A 1 122 ? 1.674   8.561   -13.196 1.00 29.77 ? 1956 ASN A OD1  1 
ATOM   861  N ND2  . ASN A 1 122 ? 3.850   8.984   -12.845 1.00 26.09 ? 1956 ASN A ND2  1 
ATOM   862  N N    . MET A 1 123 ? 1.935   5.649   -8.969  1.00 20.02 ? 1957 MET A N    1 
ATOM   863  C CA   . MET A 1 123 ? 2.185   4.482   -8.113  1.00 20.55 ? 1957 MET A CA   1 
ATOM   864  C C    . MET A 1 123 ? 0.913   3.706   -7.815  1.00 18.25 ? 1957 MET A C    1 
ATOM   865  O O    . MET A 1 123 ? 0.951   2.480   -7.682  1.00 25.05 ? 1957 MET A O    1 
ATOM   866  C CB   . MET A 1 123 ? 2.840   4.894   -6.786  1.00 23.56 ? 1957 MET A CB   1 
ATOM   867  C CG   . MET A 1 123 ? 4.251   5.461   -6.911  1.00 23.60 ? 1957 MET A CG   1 
ATOM   868  S SD   . MET A 1 123 ? 5.430   4.371   -7.733  1.00 32.64 ? 1957 MET A SD   1 
ATOM   869  C CE   . MET A 1 123 ? 5.381   2.883   -6.729  1.00 28.47 ? 1957 MET A CE   1 
ATOM   870  N N    . ARG A 1 124 ? -0.208  4.407   -7.682  1.00 19.85 ? 1958 ARG A N    1 
ATOM   871  C CA   . ARG A 1 124 ? -1.480  3.717   -7.453  1.00 22.10 ? 1958 ARG A CA   1 
ATOM   872  C C    . ARG A 1 124 ? -1.815  2.855   -8.662  1.00 27.10 ? 1958 ARG A C    1 
ATOM   873  O O    . ARG A 1 124 ? -2.202  1.690   -8.523  1.00 23.15 ? 1958 ARG A O    1 
ATOM   874  C CB   . ARG A 1 124 ? -2.620  4.701   -7.194  1.00 23.29 ? 1958 ARG A CB   1 
ATOM   875  C CG   . ARG A 1 124 ? -3.938  4.009   -6.830  1.00 23.86 ? 1958 ARG A CG   1 
ATOM   876  C CD   . ARG A 1 124 ? -5.131  4.955   -6.961  1.00 26.36 ? 1958 ARG A CD   1 
ATOM   877  N NE   . ARG A 1 124 ? -5.136  6.080   -6.024  1.00 28.82 ? 1958 ARG A NE   1 
ATOM   878  C CZ   . ARG A 1 124 ? -5.626  6.029   -4.783  1.00 31.45 ? 1958 ARG A CZ   1 
ATOM   879  N NH1  . ARG A 1 124 ? -6.119  4.894   -4.295  1.00 29.06 ? 1958 ARG A NH1  1 
ATOM   880  N NH2  . ARG A 1 124 ? -5.621  7.116   -4.024  1.00 26.78 ? 1958 ARG A NH2  1 
ATOM   881  N N    . LYS A 1 125 ? -1.672  3.438   -9.851  1.00 23.87 ? 1959 LYS A N    1 
ATOM   882  C CA   . LYS A 1 125 ? -1.916  2.682   -11.078 1.00 32.59 ? 1959 LYS A CA   1 
ATOM   883  C C    . LYS A 1 125 ? -1.020  1.441   -11.169 1.00 28.13 ? 1959 LYS A C    1 
ATOM   884  O O    . LYS A 1 125 ? -1.486  0.334   -11.471 1.00 27.71 ? 1959 LYS A O    1 
ATOM   885  C CB   . LYS A 1 125 ? -1.706  3.576   -12.302 1.00 27.85 ? 1959 LYS A CB   1 
ATOM   886  C CG   . LYS A 1 125 ? -2.126  2.913   -13.614 1.00 34.66 ? 1959 LYS A CG   1 
ATOM   887  C CD   . LYS A 1 125 ? -3.643  2.877   -13.733 1.00 48.44 ? 1959 LYS A CD   1 
ATOM   888  C CE   . LYS A 1 125 ? -4.097  2.259   -15.053 1.00 54.82 ? 1959 LYS A CE   1 
ATOM   889  N NZ   . LYS A 1 125 ? -5.587  2.232   -15.173 1.00 67.01 ? 1959 LYS A NZ   1 
ATOM   890  N N    . TYR A 1 126 ? 0.270   1.632   -10.912 1.00 23.89 ? 1960 TYR A N    1 
ATOM   891  C CA   . TYR A 1 126 ? 1.256   0.566   -10.919 1.00 25.03 ? 1960 TYR A CA   1 
ATOM   892  C C    . TYR A 1 126 ? 0.882   -0.554  -9.944  1.00 31.02 ? 1960 TYR A C    1 
ATOM   893  O O    . TYR A 1 126 ? 0.930   -1.746  -10.294 1.00 25.11 ? 1960 TYR A O    1 
ATOM   894  C CB   . TYR A 1 126 ? 2.623   1.152   -10.571 1.00 24.45 ? 1960 TYR A CB   1 
ATOM   895  C CG   . TYR A 1 126 ? 3.814   0.241   -10.737 1.00 23.42 ? 1960 TYR A CG   1 
ATOM   896  C CD1  . TYR A 1 126 ? 4.272   -0.136  -12.003 1.00 25.47 ? 1960 TYR A CD1  1 
ATOM   897  C CD2  . TYR A 1 126 ? 4.516   -0.213  -9.630  1.00 24.42 ? 1960 TYR A CD2  1 
ATOM   898  C CE1  . TYR A 1 126 ? 5.392   -0.955  -12.146 1.00 26.04 ? 1960 TYR A CE1  1 
ATOM   899  C CE2  . TYR A 1 126 ? 5.629   -1.023  -9.764  1.00 30.12 ? 1960 TYR A CE2  1 
ATOM   900  C CZ   . TYR A 1 126 ? 6.065   -1.391  -11.021 1.00 31.12 ? 1960 TYR A CZ   1 
ATOM   901  O OH   . TYR A 1 126 ? 7.176   -2.200  -11.129 1.00 38.15 ? 1960 TYR A OH   1 
ATOM   902  N N    . PHE A 1 127 ? 0.495   -0.172  -8.723  1.00 22.41 ? 1961 PHE A N    1 
ATOM   903  C CA   . PHE A 1 127 ? 0.093   -1.168  -7.721  1.00 22.26 ? 1961 PHE A CA   1 
ATOM   904  C C    . PHE A 1 127 ? -1.125  -1.977  -8.156  1.00 26.40 ? 1961 PHE A C    1 
ATOM   905  O O    . PHE A 1 127 ? -1.123  -3.216  -8.070  1.00 27.17 ? 1961 PHE A O    1 
ATOM   906  C CB   . PHE A 1 127 ? -0.222  -0.511  -6.367  1.00 22.63 ? 1961 PHE A CB   1 
ATOM   907  C CG   . PHE A 1 127 ? -0.875  -1.463  -5.382  1.00 24.40 ? 1961 PHE A CG   1 
ATOM   908  C CD1  . PHE A 1 127 ? -0.153  -2.521  -4.844  1.00 24.34 ? 1961 PHE A CD1  1 
ATOM   909  C CD2  . PHE A 1 127 ? -2.208  -1.309  -5.015  1.00 24.65 ? 1961 PHE A CD2  1 
ATOM   910  C CE1  . PHE A 1 127 ? -0.743  -3.417  -3.944  1.00 25.02 ? 1961 PHE A CE1  1 
ATOM   911  C CE2  . PHE A 1 127 ? -2.815  -2.199  -4.111  1.00 24.39 ? 1961 PHE A CE2  1 
ATOM   912  C CZ   . PHE A 1 127 ? -2.088  -3.252  -3.583  1.00 24.63 ? 1961 PHE A CZ   1 
ATOM   913  N N    . GLU A 1 128 ? -2.161  -1.286  -8.624  1.00 25.11 ? 1962 GLU A N    1 
ATOM   914  C CA   . GLU A 1 128 ? -3.436  -1.949  -8.872  1.00 27.29 ? 1962 GLU A CA   1 
ATOM   915  C C    . GLU A 1 128 ? -3.309  -2.963  -10.011 1.00 31.39 ? 1962 GLU A C    1 
ATOM   916  O O    . GLU A 1 128 ? -3.945  -4.029  -9.974  1.00 27.22 ? 1962 GLU A O    1 
ATOM   917  C CB   . GLU A 1 128 ? -4.536  -0.922  -9.167  1.00 25.90 ? 1962 GLU A CB   1 
ATOM   918  C CG   . GLU A 1 128 ? -4.915  -0.007  -7.980  1.00 26.56 ? 1962 GLU A CG   1 
ATOM   919  C CD   . GLU A 1 128 ? -5.440  -0.744  -6.745  1.00 32.16 ? 1962 GLU A CD   1 
ATOM   920  O OE1  . GLU A 1 128 ? -5.743  -1.956  -6.820  1.00 31.76 ? 1962 GLU A OE1  1 
ATOM   921  O OE2  . GLU A 1 128 ? -5.552  -0.101  -5.683  1.00 27.91 ? 1962 GLU A OE2  1 
ATOM   922  N N    . LYS A 1 129 ? -2.477  -2.667  -11.006 1.00 28.44 ? 1963 LYS A N    1 
ATOM   923  C CA   . LYS A 1 129 ? -2.234  -3.663  -12.055 1.00 29.07 ? 1963 LYS A CA   1 
ATOM   924  C C    . LYS A 1 129 ? -1.522  -4.905  -11.509 1.00 36.30 ? 1963 LYS A C    1 
ATOM   925  O O    . LYS A 1 129 ? -1.899  -6.034  -11.835 1.00 35.66 ? 1963 LYS A O    1 
ATOM   926  C CB   . LYS A 1 129 ? -1.422  -3.074  -13.218 1.00 34.82 ? 1963 LYS A CB   1 
ATOM   927  C CG   . LYS A 1 129 ? -0.894  -4.166  -14.165 1.00 37.15 ? 1963 LYS A CG   1 
ATOM   928  C CD   . LYS A 1 129 ? -0.511  -3.656  -15.543 1.00 43.07 ? 1963 LYS A CD   1 
ATOM   929  C CE   . LYS A 1 129 ? -0.172  -4.824  -16.479 1.00 52.24 ? 1963 LYS A CE   1 
ATOM   930  N NZ   . LYS A 1 129 ? -1.358  -5.713  -16.740 1.00 48.88 ? 1963 LYS A NZ   1 
ATOM   931  N N    . LYS A 1 130 ? -0.485  -4.711  -10.693 1.00 30.07 ? 1964 LYS A N    1 
ATOM   932  C CA   . LYS A 1 130 ? 0.204   -5.847  -10.075 1.00 32.10 ? 1964 LYS A CA   1 
ATOM   933  C C    . LYS A 1 130 ? -0.784  -6.652  -9.239  1.00 30.62 ? 1964 LYS A C    1 
ATOM   934  O O    . LYS A 1 130 ? -0.737  -7.882  -9.210  1.00 34.88 ? 1964 LYS A O    1 
ATOM   935  C CB   . LYS A 1 130 ? 1.365   -5.393  -9.178  1.00 28.69 ? 1964 LYS A CB   1 
ATOM   936  C CG   . LYS A 1 130 ? 2.424   -4.531  -9.835  1.00 37.81 ? 1964 LYS A CG   1 
ATOM   937  C CD   . LYS A 1 130 ? 3.349   -5.341  -10.699 1.00 50.50 ? 1964 LYS A CD   1 
ATOM   938  C CE   . LYS A 1 130 ? 4.570   -4.527  -11.102 1.00 40.13 ? 1964 LYS A CE   1 
ATOM   939  N NZ   . LYS A 1 130 ? 5.442   -5.332  -11.986 1.00 51.58 ? 1964 LYS A NZ   1 
ATOM   940  N N    . TRP A 1 131 ? -1.683  -5.949  -8.560  1.00 28.42 ? 1965 TRP A N    1 
ATOM   941  C CA   . TRP A 1 131 ? -2.615  -6.594  -7.647  1.00 26.38 ? 1965 TRP A CA   1 
ATOM   942  C C    . TRP A 1 131 ? -3.587  -7.481  -8.418  1.00 31.89 ? 1965 TRP A C    1 
ATOM   943  O O    . TRP A 1 131 ? -3.811  -8.633  -8.058  1.00 32.26 ? 1965 TRP A O    1 
ATOM   944  C CB   . TRP A 1 131 ? -3.374  -5.547  -6.831  1.00 27.48 ? 1965 TRP A CB   1 
ATOM   945  C CG   . TRP A 1 131 ? -4.187  -6.128  -5.703  1.00 26.41 ? 1965 TRP A CG   1 
ATOM   946  C CD1  . TRP A 1 131 ? -5.547  -6.260  -5.651  1.00 33.46 ? 1965 TRP A CD1  1 
ATOM   947  C CD2  . TRP A 1 131 ? -3.684  -6.656  -4.463  1.00 26.72 ? 1965 TRP A CD2  1 
ATOM   948  N NE1  . TRP A 1 131 ? -5.922  -6.837  -4.455  1.00 34.59 ? 1965 TRP A NE1  1 
ATOM   949  C CE2  . TRP A 1 131 ? -4.797  -7.091  -3.712  1.00 30.11 ? 1965 TRP A CE2  1 
ATOM   950  C CE3  . TRP A 1 131 ? -2.407  -6.805  -3.924  1.00 27.17 ? 1965 TRP A CE3  1 
ATOM   951  C CZ2  . TRP A 1 131 ? -4.664  -7.663  -2.443  1.00 32.20 ? 1965 TRP A CZ2  1 
ATOM   952  C CZ3  . TRP A 1 131 ? -2.276  -7.375  -2.659  1.00 29.24 ? 1965 TRP A CZ3  1 
ATOM   953  C CH2  . TRP A 1 131 ? -3.395  -7.790  -1.936  1.00 27.22 ? 1965 TRP A CH2  1 
ATOM   954  N N    . THR A 1 132 ? -4.156  -6.929  -9.481  1.00 30.88 ? 1966 THR A N    1 
ATOM   955  C CA   . THR A 1 132 ? -5.083  -7.657  -10.334 1.00 35.51 ? 1966 THR A CA   1 
ATOM   956  C C    . THR A 1 132 ? -4.403  -8.829  -11.033 1.00 37.07 ? 1966 THR A C    1 
ATOM   957  O O    . THR A 1 132 ? -4.929  -9.946  -11.030 1.00 43.23 ? 1966 THR A O    1 
ATOM   958  C CB   . THR A 1 132 ? -5.704  -6.729  -11.389 1.00 34.53 ? 1966 THR A CB   1 
ATOM   959  O OG1  . THR A 1 132 ? -6.513  -5.750  -10.731 1.00 39.55 ? 1966 THR A OG1  1 
ATOM   960  C CG2  . THR A 1 132 ? -6.573  -7.527  -12.337 1.00 42.90 ? 1966 THR A CG2  1 
ATOM   961  N N    . ASP A 1 133 ? -3.237  -8.581  -11.623 1.00 34.72 ? 1967 ASP A N    1 
ATOM   962  C CA   . ASP A 1 133 ? -2.499  -9.635  -12.313 1.00 34.62 ? 1967 ASP A CA   1 
ATOM   963  C C    . ASP A 1 133 ? -2.107  -10.772 -11.382 1.00 45.72 ? 1967 ASP A C    1 
ATOM   964  O O    . ASP A 1 133 ? -2.073  -11.928 -11.798 1.00 40.17 ? 1967 ASP A O    1 
ATOM   965  C CB   . ASP A 1 133 ? -1.244  -9.085  -12.984 1.00 38.50 ? 1967 ASP A CB   1 
ATOM   966  C CG   . ASP A 1 133 ? -1.560  -8.199  -14.173 1.00 44.25 ? 1967 ASP A CG   1 
ATOM   967  O OD1  . ASP A 1 133 ? -2.753  -8.074  -14.527 1.00 43.46 ? 1967 ASP A OD1  1 
ATOM   968  O OD2  . ASP A 1 133 ? -0.611  -7.635  -14.756 1.00 38.13 ? 1967 ASP A OD2  1 
ATOM   969  N N    . THR A 1 134 ? -1.812  -10.447 -10.125 1.00 35.50 ? 1968 THR A N    1 
ATOM   970  C CA   . THR A 1 134 ? -1.295  -11.445 -9.191  1.00 32.97 ? 1968 THR A CA   1 
ATOM   971  C C    . THR A 1 134 ? -2.381  -12.273 -8.502  1.00 35.97 ? 1968 THR A C    1 
ATOM   972  O O    . THR A 1 134 ? -2.198  -13.462 -8.260  1.00 41.10 ? 1968 THR A O    1 
ATOM   973  C CB   . THR A 1 134 ? -0.433  -10.785 -8.097  1.00 30.92 ? 1968 THR A CB   1 
ATOM   974  O OG1  . THR A 1 134 ? 0.706   -10.147 -8.693  1.00 31.88 ? 1968 THR A OG1  1 
ATOM   975  C CG2  . THR A 1 134 ? 0.047   -11.826 -7.095  1.00 28.67 ? 1968 THR A CG2  1 
ATOM   976  N N    . PHE A 1 135 ? -3.506  -11.648 -8.183  1.00 35.28 ? 1969 PHE A N    1 
ATOM   977  C CA   . PHE A 1 135 ? -4.495  -12.272 -7.308  1.00 38.76 ? 1969 PHE A CA   1 
ATOM   978  C C    . PHE A 1 135 ? -5.880  -12.434 -7.929  1.00 47.97 ? 1969 PHE A C    1 
ATOM   979  O O    . PHE A 1 135 ? -6.674  -13.253 -7.466  1.00 52.95 ? 1969 PHE A O    1 
ATOM   980  C CB   . PHE A 1 135 ? -4.621  -11.464 -6.013  1.00 34.09 ? 1969 PHE A CB   1 
ATOM   981  C CG   . PHE A 1 135 ? -3.416  -11.560 -5.120  1.00 34.62 ? 1969 PHE A CG   1 
ATOM   982  C CD1  . PHE A 1 135 ? -3.050  -12.774 -4.561  1.00 31.65 ? 1969 PHE A CD1  1 
ATOM   983  C CD2  . PHE A 1 135 ? -2.651  -10.435 -4.831  1.00 32.10 ? 1969 PHE A CD2  1 
ATOM   984  C CE1  . PHE A 1 135 ? -1.943  -12.869 -3.734  1.00 34.28 ? 1969 PHE A CE1  1 
ATOM   985  C CE2  . PHE A 1 135 ? -1.543  -10.529 -4.008  1.00 30.62 ? 1969 PHE A CE2  1 
ATOM   986  C CZ   . PHE A 1 135 ? -1.191  -11.745 -3.462  1.00 31.27 ? 1969 PHE A CZ   1 
ATOM   987  N N    . LYS A 1 136 ? -6.178  -11.658 -8.964  1.00 54.03 ? 1970 LYS A N    1 
ATOM   988  C CA   . LYS A 1 136 ? -7.502  -11.708 -9.581  1.00 60.05 ? 1970 LYS A CA   1 
ATOM   989  C C    . LYS A 1 136 ? -7.454  -12.373 -10.960 1.00 66.02 ? 1970 LYS A C    1 
ATOM   990  O O    . LYS A 1 136 ? -7.109  -13.554 -11.081 1.00 66.73 ? 1970 LYS A O    1 
ATOM   991  C CB   . LYS A 1 136 ? -8.094  -10.299 -9.684  1.00 49.78 ? 1970 LYS A CB   1 
HETATM 992  C C1   C EDO B 2 .   ? 4.412   15.003  1.696   0.39 34.34 ? 2001 EDO A C1   1 
HETATM 993  O O1   C EDO B 2 .   ? 3.808   16.287  1.490   0.39 37.69 ? 2001 EDO A O1   1 
HETATM 994  C C2   C EDO B 2 .   ? 3.784   13.993  0.745   0.39 31.07 ? 2001 EDO A C2   1 
HETATM 995  O O2   C EDO B 2 .   ? 2.402   13.832  1.069   0.39 30.75 ? 2001 EDO A O2   1 
HETATM 996  C C1   . EDO C 2 .   ? 5.078   -9.615  -8.471  1.00 40.59 ? 2002 EDO A C1   1 
HETATM 997  O O1   . EDO C 2 .   ? 4.172   -8.731  -9.158  1.00 44.58 ? 2002 EDO A O1   1 
HETATM 998  C C2   . EDO C 2 .   ? 4.321   -10.834 -7.947  1.00 46.80 ? 2002 EDO A C2   1 
HETATM 999  O O2   . EDO C 2 .   ? 3.271   -11.187 -8.861  1.00 53.77 ? 2002 EDO A O2   1 
HETATM 1000 H H11  . EDO C 2 .   ? 5.865   -9.937  -9.155  1.00 48.71 ? 2002 EDO A H11  1 
HETATM 1001 H H12  . EDO C 2 .   ? 5.546   -9.086  -7.638  1.00 48.71 ? 2002 EDO A H12  1 
HETATM 1002 H HO1  . EDO C 2 .   ? 4.658   -7.963  -9.486  1.00 53.50 ? 2002 EDO A HO1  1 
HETATM 1003 H H21  . EDO C 2 .   ? 5.009   -11.675 -7.835  1.00 56.16 ? 2002 EDO A H21  1 
HETATM 1004 H H22  . EDO C 2 .   ? 3.895   -10.610 -6.967  1.00 56.16 ? 2002 EDO A H22  1 
HETATM 1005 H HO2  . EDO C 2 .   ? 2.796   -11.959 -8.524  1.00 64.52 ? 2002 EDO A HO2  1 
HETATM 1006 C C1   . EDO D 2 .   ? 9.756   2.868   -12.766 1.00 32.90 ? 2003 EDO A C1   1 
HETATM 1007 O O1   . EDO D 2 .   ? 11.067  2.630   -12.242 1.00 37.84 ? 2003 EDO A O1   1 
HETATM 1008 C C2   . EDO D 2 .   ? 9.102   1.596   -13.327 1.00 45.67 ? 2003 EDO A C2   1 
HETATM 1009 O O2   . EDO D 2 .   ? 9.853   0.411   -13.021 1.00 49.46 ? 2003 EDO A O2   1 
HETATM 1010 H H11  . EDO D 2 .   ? 9.123   3.275   -11.975 1.00 39.48 ? 2003 EDO A H11  1 
HETATM 1011 H H12  . EDO D 2 .   ? 9.818   3.617   -13.557 1.00 39.48 ? 2003 EDO A H12  1 
HETATM 1012 H HO1  . EDO D 2 .   ? 11.434  3.458   -11.903 1.00 45.40 ? 2003 EDO A HO1  1 
HETATM 1013 H H21  . EDO D 2 .   ? 8.096   1.499   -12.914 1.00 54.80 ? 2003 EDO A H21  1 
HETATM 1014 H H22  . EDO D 2 .   ? 9.007   1.691   -14.411 1.00 54.80 ? 2003 EDO A H22  1 
HETATM 1015 H HO2  . EDO D 2 .   ? 9.405   -0.360  -13.394 1.00 59.35 ? 2003 EDO A HO2  1 
HETATM 1016 O O01  D ES1 E 3 .   ? 1.945   14.042  1.101   0.61 34.84 ? 2004 ES1 A O01  1 
HETATM 1017 C CAD  D ES1 E 3 .   ? 3.725   12.567  0.767   0.61 29.49 ? 2004 ES1 A CAD  1 
HETATM 1018 C CAE  D ES1 E 3 .   ? 5.089   12.288  0.754   0.61 24.74 ? 2004 ES1 A CAE  1 
HETATM 1019 C CAF  D ES1 E 3 .   ? 3.283   13.816  1.105   0.61 28.95 ? 2004 ES1 A CAF  1 
HETATM 1020 C CAG  D ES1 E 3 .   ? 4.859   17.048  2.115   0.61 37.04 ? 2004 ES1 A CAG  1 
HETATM 1021 N NAH  D ES1 E 3 .   ? 5.996   13.192  1.062   0.61 29.11 ? 2004 ES1 A NAH  1 
HETATM 1022 C CAI  D ES1 E 3 .   ? 3.892   16.134  1.804   0.61 37.95 ? 2004 ES1 A CAI  1 
HETATM 1023 C CAJ  D ES1 E 3 .   ? 6.599   15.434  1.740   0.61 37.01 ? 2004 ES1 A CAJ  1 
HETATM 1024 C CAK  D ES1 E 3 .   ? 6.219   16.695  2.082   0.61 34.87 ? 2004 ES1 A CAK  1 
HETATM 1025 C CAL  D ES1 E 3 .   ? 4.254   14.823  1.446   0.61 34.02 ? 2004 ES1 A CAL  1 
HETATM 1026 C CAM  D ES1 E 3 .   ? 5.627   14.466  1.413   0.61 33.40 ? 2004 ES1 A CAM  1 
HETATM 1027 H HO01 D ES1 E 3 .   ? 1.644   14.807  1.306   0.61 41.80 ? 2004 ES1 A HO01 1 
HETATM 1028 H HAD  D ES1 E 3 .   ? 3.105   11.892  0.539   0.61 35.39 ? 2004 ES1 A HAD  1 
HETATM 1029 H HAE  D ES1 E 3 .   ? 5.374   11.421  0.519   0.61 29.68 ? 2004 ES1 A HAE  1 
HETATM 1030 H HAG  D ES1 E 3 .   ? 4.611   17.926  2.356   0.61 44.45 ? 2004 ES1 A HAG  1 
HETATM 1031 H HAI  D ES1 E 3 .   ? 2.983   16.382  1.829   0.61 45.54 ? 2004 ES1 A HAI  1 
HETATM 1032 H HAJ  D ES1 E 3 .   ? 7.516   15.206  1.721   0.61 44.41 ? 2004 ES1 A HAJ  1 
HETATM 1033 H HAK  D ES1 E 3 .   ? 6.874   17.338  2.301   0.61 41.84 ? 2004 ES1 A HAK  1 
HETATM 1034 O O    . HOH F 4 .   ? 0.795   25.099  -4.807  1.00 62.49 ? 2101 HOH A O    1 
HETATM 1035 O O    . HOH F 4 .   ? -2.620  23.415  -8.984  1.00 64.45 ? 2102 HOH A O    1 
HETATM 1036 O O    . HOH F 4 .   ? -20.918 -16.597 0.821   1.00 41.43 ? 2103 HOH A O    1 
HETATM 1037 O O    . HOH F 4 .   ? 0.764   11.986  1.828   1.00 28.65 ? 2104 HOH A O    1 
HETATM 1038 O O    . HOH F 4 .   ? 10.381  -0.274  2.594   1.00 30.42 ? 2105 HOH A O    1 
HETATM 1039 O O    . HOH F 4 .   ? 1.571   -7.363  -13.460 1.00 42.20 ? 2106 HOH A O    1 
HETATM 1040 O O    . HOH F 4 .   ? 2.692   18.121  10.729  1.00 40.61 ? 2107 HOH A O    1 
HETATM 1041 O O    . HOH F 4 .   ? -25.350 -24.023 9.361   1.00 33.31 ? 2108 HOH A O    1 
HETATM 1042 O O    . HOH F 4 .   ? 10.694  10.296  8.192   1.00 48.58 ? 2109 HOH A O    1 
HETATM 1043 O O    . HOH F 4 .   ? 7.520   -4.207  -13.018 1.00 48.19 ? 2110 HOH A O    1 
HETATM 1044 O O    . HOH F 4 .   ? -7.830  17.517  0.626   1.00 38.73 ? 2111 HOH A O    1 
HETATM 1045 O O    . HOH F 4 .   ? -6.275  0.992   9.256   1.00 56.32 ? 2112 HOH A O    1 
HETATM 1046 O O    . HOH F 4 .   ? -8.143  -18.630 1.865   1.00 50.48 ? 2113 HOH A O    1 
HETATM 1047 O O    . HOH F 4 .   ? -8.942  3.527   -1.220  1.00 36.82 ? 2114 HOH A O    1 
HETATM 1048 O O    . HOH F 4 .   ? -7.199  2.101   2.641   1.00 28.75 ? 2115 HOH A O    1 
HETATM 1049 O O    . HOH F 4 .   ? -8.568  -4.779  0.490   1.00 46.52 ? 2116 HOH A O    1 
HETATM 1050 O O    . HOH F 4 .   ? -1.200  25.503  -7.681  1.00 63.35 ? 2117 HOH A O    1 
HETATM 1051 O O    . HOH F 4 .   ? 1.279   9.197   5.008   1.00 24.44 ? 2118 HOH A O    1 
HETATM 1052 O O    . HOH F 4 .   ? 4.199   10.543  9.123   1.00 27.56 ? 2119 HOH A O    1 
HETATM 1053 O O    . HOH F 4 .   ? 5.575   4.300   11.001  1.00 42.39 ? 2120 HOH A O    1 
HETATM 1054 O O    . HOH F 4 .   ? -8.613  -5.791  -2.804  1.00 48.18 ? 2121 HOH A O    1 
HETATM 1055 O O    . HOH F 4 .   ? 2.250   20.591  -15.027 1.00 56.09 ? 2122 HOH A O    1 
HETATM 1056 O O    . HOH F 4 .   ? -1.673  -10.173 11.826  1.00 34.59 ? 2123 HOH A O    1 
HETATM 1057 O O    . HOH F 4 .   ? -3.341  -0.063  -13.333 1.00 46.22 ? 2124 HOH A O    1 
HETATM 1058 O O    . HOH F 4 .   ? -8.168  8.137   -7.105  1.00 54.54 ? 2125 HOH A O    1 
HETATM 1059 O O    . HOH F 4 .   ? 12.896  14.179  7.897   1.00 55.30 ? 2126 HOH A O    1 
HETATM 1060 O O    . HOH F 4 .   ? -6.639  -3.873  -8.442  1.00 34.04 ? 2127 HOH A O    1 
HETATM 1061 O O    . HOH F 4 .   ? -7.522  4.883   2.563   1.00 34.13 ? 2128 HOH A O    1 
HETATM 1062 O O    . HOH F 4 .   ? -3.630  -15.842 4.717   1.00 36.10 ? 2129 HOH A O    1 
HETATM 1063 O O    . HOH F 4 .   ? 9.701   -1.416  -9.905  1.00 31.53 ? 2130 HOH A O    1 
HETATM 1064 O O    . HOH F 4 .   ? -3.788  6.194   -10.791 1.00 41.93 ? 2131 HOH A O    1 
HETATM 1065 O O    . HOH F 4 .   ? 5.829   9.157   2.865   1.00 25.29 ? 2132 HOH A O    1 
HETATM 1066 O O    . HOH F 4 .   ? -5.328  0.324   6.435   1.00 41.67 ? 2133 HOH A O    1 
HETATM 1067 O O    . HOH F 4 .   ? 3.278   8.335   2.570   1.00 26.70 ? 2134 HOH A O    1 
HETATM 1068 O O    . HOH F 4 .   ? -0.941  9.505   -13.451 1.00 47.61 ? 2135 HOH A O    1 
HETATM 1069 O O    . HOH F 4 .   ? 12.621  3.865   -5.614  1.00 35.48 ? 2136 HOH A O    1 
HETATM 1070 O O    . HOH F 4 .   ? 10.235  10.713  -9.900  1.00 34.84 ? 2137 HOH A O    1 
HETATM 1071 O O    . HOH F 4 .   ? -7.847  11.303  -8.370  1.00 64.60 ? 2138 HOH A O    1 
HETATM 1072 O O    . HOH F 4 .   ? -6.726  2.344   -5.427  1.00 32.60 ? 2139 HOH A O    1 
HETATM 1073 O O    . HOH F 4 .   ? -3.057  0.672   9.255   1.00 32.85 ? 2140 HOH A O    1 
HETATM 1074 O O    . HOH F 4 .   ? -3.897  8.436   -6.631  1.00 32.64 ? 2141 HOH A O    1 
HETATM 1075 O O    . HOH F 4 .   ? 9.131   17.630  -12.756 1.00 58.92 ? 2142 HOH A O    1 
HETATM 1076 O O    . HOH F 4 .   ? 11.447  -3.814  8.093   1.00 35.75 ? 2143 HOH A O    1 
HETATM 1077 O O    . HOH F 4 .   ? -9.265  21.258  16.223  1.00 41.69 ? 2144 HOH A O    1 
HETATM 1078 O O    . HOH F 4 .   ? 10.980  -9.427  -2.792  1.00 44.62 ? 2145 HOH A O    1 
HETATM 1079 O O    . HOH F 4 .   ? 8.556   -8.609  4.229   1.00 32.23 ? 2146 HOH A O    1 
HETATM 1080 O O    . HOH F 4 .   ? 3.792   6.703   7.701   1.00 24.69 ? 2147 HOH A O    1 
HETATM 1081 O O    . HOH F 4 .   ? -6.525  9.172   3.309   1.00 34.90 ? 2148 HOH A O    1 
HETATM 1082 O O    . HOH F 4 .   ? -3.167  14.459  -5.822  1.00 31.32 ? 2149 HOH A O    1 
HETATM 1083 O O    . HOH F 4 .   ? -1.805  11.974  -5.687  1.00 28.63 ? 2150 HOH A O    1 
HETATM 1084 O O    . HOH F 4 .   ? -8.100  4.156   6.895   1.00 53.61 ? 2151 HOH A O    1 
HETATM 1085 O O    . HOH F 4 .   ? -0.564  -7.187  -18.949 1.00 63.75 ? 2152 HOH A O    1 
HETATM 1086 O O    . HOH F 4 .   ? 5.554   19.756  -7.313  1.00 45.16 ? 2153 HOH A O    1 
HETATM 1087 O O    . HOH F 4 .   ? -4.272  -13.837 2.865   1.00 30.52 ? 2154 HOH A O    1 
HETATM 1088 O O    C HOH F 4 .   ? 1.647   5.241   10.817  1.00 45.56 ? 2155 HOH A O    1 
HETATM 1089 O O    . HOH F 4 .   ? -7.819  -15.813 0.868   1.00 53.25 ? 2156 HOH A O    1 
HETATM 1090 O O    . HOH F 4 .   ? -4.729  -2.428  7.019   1.00 33.13 ? 2157 HOH A O    1 
HETATM 1091 O O    . HOH F 4 .   ? 0.437   20.126  -3.812  1.00 42.01 ? 2158 HOH A O    1 
HETATM 1092 O O    . HOH F 4 .   ? 11.000  -1.201  6.995   1.00 31.30 ? 2159 HOH A O    1 
HETATM 1093 O O    . HOH F 4 .   ? -4.754  -18.788 -4.846  1.00 54.01 ? 2160 HOH A O    1 
HETATM 1094 O O    . HOH F 4 .   ? 7.494   -4.701  13.912  1.00 35.14 ? 2161 HOH A O    1 
HETATM 1095 O O    . HOH F 4 .   ? 2.035   -2.536  -12.751 1.00 34.32 ? 2162 HOH A O    1 
HETATM 1096 O O    . HOH F 4 .   ? -2.132  9.463   -4.840  1.00 24.83 ? 2163 HOH A O    1 
HETATM 1097 O O    . HOH F 4 .   ? -1.533  -18.022 -2.396  1.00 38.00 ? 2164 HOH A O    1 
HETATM 1098 O O    . HOH F 4 .   ? -16.950 -26.820 0.184   1.00 41.32 ? 2165 HOH A O    1 
HETATM 1099 O O    . HOH F 4 .   ? -1.585  5.330   10.681  1.00 41.21 ? 2166 HOH A O    1 
HETATM 1100 O O    . HOH F 4 .   ? 10.276  9.088   1.564   1.00 28.73 ? 2167 HOH A O    1 
HETATM 1101 O O    . HOH F 4 .   ? -5.521  9.175   6.716   1.00 30.75 ? 2168 HOH A O    1 
HETATM 1102 O O    . HOH F 4 .   ? -3.766  20.182  -9.470  1.00 48.34 ? 2169 HOH A O    1 
HETATM 1103 O O    . HOH F 4 .   ? 11.820  -6.100  7.053   1.00 44.80 ? 2170 HOH A O    1 
HETATM 1104 O O    . HOH F 4 .   ? -1.277  12.387  12.148  1.00 42.16 ? 2171 HOH A O    1 
HETATM 1105 O O    . HOH F 4 .   ? 1.683   -1.303  13.655  1.00 48.47 ? 2172 HOH A O    1 
HETATM 1106 O O    . HOH F 4 .   ? -5.743  18.460  -7.148  1.00 40.08 ? 2173 HOH A O    1 
HETATM 1107 O O    . HOH F 4 .   ? 5.581   -2.281  13.859  1.00 37.42 ? 2174 HOH A O    1 
HETATM 1108 O O    . HOH F 4 .   ? -16.296 -15.612 1.772   1.00 63.07 ? 2175 HOH A O    1 
HETATM 1109 O O    . HOH F 4 .   ? 10.894  2.070   1.920   1.00 35.01 ? 2176 HOH A O    1 
HETATM 1110 O O    . HOH F 4 .   ? 13.142  9.365   -0.871  1.00 47.40 ? 2177 HOH A O    1 
HETATM 1111 O O    . HOH F 4 .   ? -4.654  14.265  13.764  1.00 51.58 ? 2178 HOH A O    1 
HETATM 1112 O O    . HOH F 4 .   ? -2.229  -6.749  13.347  1.00 54.96 ? 2179 HOH A O    1 
HETATM 1113 O O    . HOH F 4 .   ? -9.628  -1.068  -0.780  1.00 38.38 ? 2180 HOH A O    1 
HETATM 1114 O O    . HOH F 4 .   ? -4.135  -16.312 -5.742  1.00 54.94 ? 2181 HOH A O    1 
HETATM 1115 O O    . HOH F 4 .   ? 1.448   9.501   0.985   1.00 27.89 ? 2182 HOH A O    1 
HETATM 1116 O O    . HOH F 4 .   ? 13.360  -3.181  -1.922  1.00 49.62 ? 2183 HOH A O    1 
HETATM 1117 O O    . HOH F 4 .   ? -8.380  -8.576  -3.953  1.00 52.55 ? 2184 HOH A O    1 
HETATM 1118 O O    . HOH F 4 .   ? 8.884   -12.873 -1.865  1.00 59.62 ? 2185 HOH A O    1 
HETATM 1119 O O    . HOH F 4 .   ? 3.978   -17.032 1.205   1.00 34.37 ? 2186 HOH A O    1 
HETATM 1120 O O    A HOH F 4 .   ? -0.186  16.366  -13.828 1.00 56.26 ? 2187 HOH A O    1 
HETATM 1121 O O    . HOH F 4 .   ? 12.972  -5.759  -1.118  1.00 48.55 ? 2188 HOH A O    1 
HETATM 1122 O O    . HOH F 4 .   ? -0.706  -3.562  13.772  1.00 48.91 ? 2189 HOH A O    1 
HETATM 1123 O O    C HOH F 4 .   ? 7.488   12.627  1.157   0.39 36.42 ? 2190 HOH A O    1 
HETATM 1124 O O    . HOH F 4 .   ? -5.718  7.782   -9.598  1.00 48.45 ? 2191 HOH A O    1 
HETATM 1125 O O    . HOH F 4 .   ? -3.287  -4.866  10.116  1.00 47.96 ? 2192 HOH A O    1 
HETATM 1126 O O    . HOH F 4 .   ? -0.351  0.584   11.621  1.00 40.83 ? 2193 HOH A O    1 
HETATM 1127 O O    . HOH F 4 .   ? 3.938   20.692  -11.993 1.00 60.20 ? 2194 HOH A O    1 
HETATM 1128 O O    . HOH F 4 .   ? -9.431  6.593   -3.463  1.00 47.29 ? 2195 HOH A O    1 
HETATM 1129 O O    . HOH F 4 .   ? 0.602   23.211  10.962  1.00 49.53 ? 2196 HOH A O    1 
HETATM 1130 O O    . HOH F 4 .   ? 7.421   12.211  12.120  1.00 43.94 ? 2197 HOH A O    1 
HETATM 1131 O O    . HOH F 4 .   ? 5.406   17.959  -5.276  1.00 34.25 ? 2198 HOH A O    1 
HETATM 1132 O O    . HOH F 4 .   ? 8.988   14.561  5.345   1.00 38.94 ? 2199 HOH A O    1 
HETATM 1133 O O    . HOH F 4 .   ? 1.243   13.152  19.304  1.00 71.44 ? 2200 HOH A O    1 
HETATM 1134 O O    . HOH F 4 .   ? 10.674  -11.730 8.968   1.00 47.25 ? 2201 HOH A O    1 
HETATM 1135 O O    . HOH F 4 .   ? -0.392  19.508  11.576  1.00 46.18 ? 2202 HOH A O    1 
HETATM 1136 O O    . HOH F 4 .   ? -3.471  -2.833  9.341   1.00 44.02 ? 2203 HOH A O    1 
HETATM 1137 O O    . HOH F 4 .   ? -5.149  -14.505 9.924   1.00 50.91 ? 2204 HOH A O    1 
HETATM 1138 O O    . HOH F 4 .   ? 3.706   9.129   6.632   1.00 25.28 ? 2205 HOH A O    1 
HETATM 1139 O O    . HOH F 4 .   ? -4.646  11.224  13.964  1.00 58.37 ? 2206 HOH A O    1 
HETATM 1140 O O    . HOH F 4 .   ? 3.372   18.535  -3.618  1.00 42.19 ? 2207 HOH A O    1 
HETATM 1141 O O    . HOH F 4 .   ? 0.241   9.372   -15.702 1.00 40.96 ? 2208 HOH A O    1 
HETATM 1142 O O    . HOH F 4 .   ? -8.439  -13.233 7.839   1.00 46.86 ? 2209 HOH A O    1 
HETATM 1143 O O    . HOH F 4 .   ? 8.969   3.114   9.500   1.00 50.13 ? 2210 HOH A O    1 
HETATM 1144 O O    . HOH F 4 .   ? 9.339   10.765  3.453   1.00 39.50 ? 2211 HOH A O    1 
HETATM 1145 O O    . HOH F 4 .   ? -5.987  5.247   -15.638 1.00 53.04 ? 2212 HOH A O    1 
HETATM 1146 O O    . HOH F 4 .   ? 2.933   -4.922  -13.723 1.00 50.48 ? 2213 HOH A O    1 
HETATM 1147 O O    . HOH F 4 .   ? -7.106  11.535  6.992   1.00 37.94 ? 2214 HOH A O    1 
HETATM 1148 O O    . HOH F 4 .   ? 2.145   -9.861  7.912   1.00 26.95 ? 2215 HOH A O    1 
HETATM 1149 O O    . HOH F 4 .   ? -9.349  -5.271  -4.892  1.00 49.65 ? 2216 HOH A O    1 
HETATM 1150 O O    D HOH F 4 .   ? 8.744   12.810  2.591   0.61 41.10 ? 2217 HOH A O    1 
HETATM 1151 O O    . HOH F 4 .   ? 9.836   -8.571  -6.906  1.00 51.14 ? 2218 HOH A O    1 
HETATM 1152 O O    . HOH F 4 .   ? 2.509   -2.594  16.633  1.00 63.01 ? 2219 HOH A O    1 
HETATM 1153 O O    . HOH F 4 .   ? 13.888  1.568   -1.786  1.00 44.67 ? 2220 HOH A O    1 
HETATM 1154 O O    . HOH F 4 .   ? 10.419  12.046  4.876   1.00 53.12 ? 2221 HOH A O    1 
HETATM 1155 O O    . HOH F 4 .   ? -4.021  -5.741  -18.617 1.00 77.63 ? 2222 HOH A O    1 
HETATM 1156 O O    . HOH F 4 .   ? 8.798   -5.802  -11.906 1.00 55.12 ? 2223 HOH A O    1 
HETATM 1157 O O    . HOH F 4 .   ? -8.582  10.525  -0.797  1.00 48.38 ? 2224 HOH A O    1 
HETATM 1158 O O    . HOH F 4 .   ? -10.564 7.423   0.472   1.00 57.04 ? 2225 HOH A O    1 
HETATM 1159 O O    . HOH F 4 .   ? 13.086  6.384   -5.112  1.00 40.49 ? 2226 HOH A O    1 
HETATM 1160 O O    . HOH F 4 .   ? -8.802  2.595   -3.812  1.00 44.60 ? 2227 HOH A O    1 
HETATM 1161 O O    . HOH F 4 .   ? 13.484  -2.941  1.526   1.00 56.65 ? 2228 HOH A O    1 
HETATM 1162 O O    . HOH F 4 .   ? 5.276   22.391  11.480  1.00 58.18 ? 2229 HOH A O    1 
HETATM 1163 O O    . HOH F 4 .   ? -2.855  -7.804  -19.306 1.00 63.62 ? 2230 HOH A O    1 
HETATM 1164 O O    . HOH F 4 .   ? -5.813  -2.523  -12.770 1.00 55.97 ? 2231 HOH A O    1 
HETATM 1165 O O    . HOH F 4 .   ? -8.047  -2.437  -10.194 1.00 50.21 ? 2232 HOH A O    1 
HETATM 1166 O O    . HOH F 4 .   ? 15.086  3.433   -6.981  1.00 52.90 ? 2233 HOH A O    1 
HETATM 1167 O O    . HOH F 4 .   ? -1.068  -3.668  -19.930 1.00 45.93 ? 2234 HOH A O    1 
HETATM 1168 O O    . HOH F 4 .   ? 6.005   19.142  0.236   1.00 62.75 ? 2235 HOH A O    1 
HETATM 1169 O O    . HOH F 4 .   ? 10.471  -4.100  -10.691 1.00 53.15 ? 2236 HOH A O    1 
HETATM 1170 O O    . HOH F 4 .   ? -7.508  2.015   5.845   1.00 51.49 ? 2237 HOH A O    1 
HETATM 1171 O O    . HOH F 4 .   ? -0.861  14.981  -16.258 1.00 62.58 ? 2238 HOH A O    1 
HETATM 1172 O O    . HOH F 4 .   ? -9.888  4.677   -4.980  1.00 55.39 ? 2239 HOH A O    1 
HETATM 1173 O O    . HOH F 4 .   ? -10.388 -0.163  -3.756  1.00 57.69 ? 2240 HOH A O    1 
HETATM 1174 O O    . HOH F 4 .   ? -9.444  -0.821  -6.392  1.00 57.14 ? 2241 HOH A O    1 
HETATM 1175 O O    . HOH F 4 .   ? -8.829  -5.096  -7.675  1.00 48.34 ? 2242 HOH A O    1 
HETATM 1176 O O    . HOH F 4 .   ? -8.595  -9.112  -6.246  1.00 64.37 ? 2243 HOH A O    1 
HETATM 1177 O O    . HOH F 4 .   ? 13.461  2.808   2.304   1.00 55.79 ? 2244 HOH A O    1 
HETATM 1178 O O    C HOH F 4 .   ? 7.503   17.308  2.664   0.39 44.51 ? 2245 HOH A O    1 
HETATM 1179 O O    . HOH F 4 .   ? 13.286  8.822   1.410   1.00 45.84 ? 2246 HOH A O    1 
HETATM 1180 O O    . HOH F 4 .   ? 8.250   -11.067 4.204   1.00 50.83 ? 2247 HOH A O    1 
HETATM 1181 O O    . HOH F 4 .   ? 3.869   6.326   10.423  1.00 30.89 ? 2248 HOH A O    1 
HETATM 1182 O O    C HOH F 4 .   ? 7.451   14.493  2.268   0.39 39.82 ? 2249 HOH A O    1 
HETATM 1183 O O    . HOH F 4 .   ? 5.924   -0.520  11.995  1.00 50.59 ? 2250 HOH A O    1 
HETATM 1184 O O    . HOH F 4 .   ? 2.690   23.069  -2.405  1.00 54.50 ? 2251 HOH A O    1 
HETATM 1185 O O    . HOH F 4 .   ? -6.823  -14.513 2.958   1.00 39.84 ? 2252 HOH A O    1 
HETATM 1186 O O    . HOH F 4 .   ? 12.234  12.899  0.084   1.00 56.11 ? 2253 HOH A O    1 
HETATM 1187 O O    . HOH F 4 .   ? 9.978   11.171  10.701  1.00 52.18 ? 2254 HOH A O    1 
HETATM 1188 O O    . HOH F 4 .   ? 13.705  -0.384  0.947   1.00 59.06 ? 2255 HOH A O    1 
HETATM 1189 O O    . HOH F 4 .   ? -10.366 4.147   6.356   1.00 63.96 ? 2256 HOH A O    1 
HETATM 1190 O O    . HOH F 4 .   ? 12.591  11.517  6.627   1.00 58.11 ? 2257 HOH A O    1 
HETATM 1191 O O    . HOH F 4 .   ? 4.933   -1.290  15.911  1.00 53.42 ? 2258 HOH A O    1 
HETATM 1192 O O    . HOH F 4 .   ? -7.406  7.371   6.978   1.00 36.63 ? 2259 HOH A O    1 
HETATM 1193 O O    . HOH F 4 .   ? -8.943  1.357   0.552   1.00 33.62 ? 2260 HOH A O    1 
HETATM 1194 O O    . HOH F 4 .   ? 15.100  5.333   -9.040  1.00 59.62 ? 2261 HOH A O    1 
HETATM 1195 O O    . HOH F 4 .   ? -7.878  2.831   -7.986  1.00 46.33 ? 2262 HOH A O    1 
HETATM 1196 O O    C HOH F 4 .   ? 8.927   13.720  -0.051  0.39 33.68 ? 2263 HOH A O    1 
HETATM 1197 O O    D HOH F 4 .   ? 10.090  13.007  0.472   0.61 42.33 ? 2263 HOH A O    1 
HETATM 1198 O O    . HOH F 4 .   ? -19.977 -16.021 -3.167  1.00 50.27 ? 2264 HOH A O    1 
HETATM 1199 O O    . HOH F 4 .   ? -0.357  10.834  13.710  1.00 42.82 ? 2265 HOH A O    1 
HETATM 1200 O O    . HOH F 4 .   ? -8.607  0.278   -9.382  1.00 64.27 ? 2266 HOH A O    1 
HETATM 1201 O O    . HOH F 4 .   ? -9.753  9.431   0.984   1.00 59.36 ? 2267 HOH A O    1 
HETATM 1202 O O    . HOH F 4 .   ? 12.263  -0.845  4.593   1.00 37.99 ? 2268 HOH A O    1 
HETATM 1203 O O    . HOH F 4 .   ? -8.226  7.248   4.098   1.00 39.37 ? 2269 HOH A O    1 
HETATM 1204 O O    . HOH F 4 .   ? -0.310  6.709   13.011  1.00 48.72 ? 2270 HOH A O    1 
HETATM 1205 O O    . HOH F 4 .   ? 5.777   19.748  16.001  1.00 71.51 ? 2271 HOH A O    1 
HETATM 1206 O O    . HOH F 4 .   ? 8.320   17.704  -4.460  1.00 41.46 ? 2272 HOH A O    1 
HETATM 1207 O O    A HOH F 4 .   ? -1.187  12.201  -13.144 0.69 45.84 ? 2273 HOH A O    1 
HETATM 1208 O O    . HOH F 4 .   ? 10.256  16.826  5.853   1.00 61.81 ? 2274 HOH A O    1 
HETATM 1209 O O    . HOH F 4 .   ? 16.343  0.494   -6.155  1.00 58.79 ? 2275 HOH A O    1 
HETATM 1210 O O    . HOH F 4 .   ? 11.185  -9.829  -5.904  1.00 55.93 ? 2276 HOH A O    1 
HETATM 1211 O O    . HOH F 4 .   ? 6.002   9.505   12.644  1.00 50.84 ? 2277 HOH A O    1 
HETATM 1212 O O    . HOH F 4 .   ? 3.850   9.007   11.293  1.00 30.78 ? 2278 HOH A O    1 
HETATM 1213 O O    . HOH F 4 .   ? 1.177   2.625   11.802  1.00 48.77 ? 2279 HOH A O    1 
HETATM 1214 O O    . HOH F 4 .   ? 3.181   0.401   12.616  1.00 49.66 ? 2280 HOH A O    1 
HETATM 1215 O O    . HOH F 4 .   ? -2.894  2.862   10.620  1.00 52.95 ? 2281 HOH A O    1 
HETATM 1216 O O    . HOH F 4 .   ? 13.680  1.743   5.155   1.00 49.58 ? 2282 HOH A O    1 
HETATM 1217 O O    . HOH F 4 .   ? 7.488   5.851   12.263  1.00 63.15 ? 2283 HOH A O    1 
HETATM 1218 O O    . HOH F 4 .   ? -6.862  -2.763  8.428   1.00 53.14 ? 2284 HOH A O    1 
HETATM 1219 O O    . HOH F 4 .   ? 9.851   15.885  -0.418  1.00 53.67 ? 2285 HOH A O    1 
HETATM 1220 O O    . HOH F 4 .   ? -6.036  -5.727  10.832  1.00 60.66 ? 2286 HOH A O    1 
HETATM 1221 O O    . HOH F 4 .   ? 6.465   21.953  16.534  1.00 77.85 ? 2287 HOH A O    1 
HETATM 1222 O O    . HOH F 4 .   ? 13.977  -2.774  4.171   1.00 65.33 ? 2288 HOH A O    1 
HETATM 1223 O O    . HOH F 4 .   ? 14.888  4.790   2.298   1.00 60.62 ? 2289 HOH A O    1 
HETATM 1224 O O    . HOH F 4 .   ? 1.820   9.041   13.118  1.00 40.11 ? 2290 HOH A O    1 
HETATM 1225 O O    . HOH F 4 .   ? 14.823  -6.110  -6.178  1.00 72.44 ? 2291 HOH A O    1 
HETATM 1226 O O    . HOH F 4 .   ? 9.066   8.719   11.960  1.00 62.94 ? 2292 HOH A O    1 
HETATM 1227 O O    . HOH F 4 .   ? 15.410  -4.628  -4.212  1.00 73.08 ? 2293 HOH A O    1 
HETATM 1228 O O    . HOH F 4 .   ? 14.862  6.865   1.561   1.00 45.26 ? 2294 HOH A O    1 
HETATM 1229 O O    . HOH F 4 .   ? 14.925  -0.269  8.835   1.00 73.00 ? 2295 HOH A O    1 
HETATM 1230 O O    . HOH F 4 .   ? -8.392  0.254   -19.533 1.00 66.42 ? 2296 HOH A O    1 
HETATM 1231 O O    . HOH F 4 .   ? 6.680   19.718  -1.794  1.00 63.22 ? 2297 HOH A O    1 
HETATM 1232 O O    . HOH F 4 .   ? 14.166  10.766  3.051   1.00 53.72 ? 2298 HOH A O    1 
HETATM 1233 O O    . HOH F 4 .   ? 9.142   17.807  -1.907  1.00 53.07 ? 2299 HOH A O    1 
HETATM 1234 O O    . HOH F 4 .   ? 16.665  4.634   4.785   1.00 61.24 ? 2300 HOH A O    1 
HETATM 1235 O O    . HOH F 4 .   ? 17.107  7.186   3.537   1.00 59.18 ? 2301 HOH A O    1 
HETATM 1236 O O    . HOH F 4 .   ? 16.991  6.379   6.781   1.00 64.11 ? 2302 HOH A O    1 
# 
